data_2DYY
#
_entry.id   2DYY
#
_cell.length_a   92.490
_cell.length_b   43.090
_cell.length_c   170.210
_cell.angle_alpha   90.00
_cell.angle_beta   91.51
_cell.angle_gamma   90.00
#
_symmetry.space_group_name_H-M   'P 1 2 1'
#
loop_
_entity.id
_entity.type
_entity.pdbx_description
1 polymer 'UPF0076 protein PH0854'
2 water water
#
_entity_poly.entity_id   1
_entity_poly.type   'polypeptide(L)'
_entity_poly.pdbx_seq_one_letter_code
;MKEVIFTENAPKPIGPYSQAIKAGNFLFIAGQIPIDPKTGEIVKGDIKDQTRQVLENIKAILEAAGYSLNDVIKVTVYLK
DMNDFAKMNEVYAEYFGESKPARVAVEVSRLPKDVLIEIEAIAYKE
;
_entity_poly.pdbx_strand_id   A,B,C,D,E,F,G,H,I,J,K,L
#
# COMPACT_ATOMS: atom_id res chain seq x y z
N MET A 1 22.00 -1.56 -42.02
CA MET A 1 23.16 -2.30 -42.58
C MET A 1 24.47 -1.87 -41.92
N LYS A 2 25.54 -2.58 -42.24
CA LYS A 2 26.88 -2.31 -41.68
C LYS A 2 27.61 -1.31 -42.55
N GLU A 3 28.34 -0.39 -41.93
CA GLU A 3 29.09 0.62 -42.68
C GLU A 3 30.32 1.14 -41.94
N VAL A 4 31.45 1.21 -42.63
CA VAL A 4 32.69 1.70 -42.05
C VAL A 4 32.78 3.23 -42.18
N ILE A 5 33.10 3.90 -41.08
CA ILE A 5 33.22 5.35 -41.11
C ILE A 5 34.70 5.74 -41.14
N PHE A 6 35.07 6.59 -42.08
CA PHE A 6 36.44 7.07 -42.17
C PHE A 6 36.51 8.57 -42.40
N THR A 7 37.44 9.22 -41.71
CA THR A 7 37.62 10.66 -41.86
C THR A 7 39.10 11.05 -41.78
N GLU A 8 39.44 12.15 -42.44
CA GLU A 8 40.80 12.65 -42.46
C GLU A 8 41.11 13.43 -41.19
N ASN A 9 40.05 13.88 -40.52
CA ASN A 9 40.19 14.67 -39.29
C ASN A 9 40.39 13.87 -38.01
N ALA A 10 40.55 12.56 -38.14
CA ALA A 10 40.75 11.70 -36.97
C ALA A 10 41.98 10.86 -37.26
N PRO A 11 42.68 10.40 -36.20
CA PRO A 11 43.88 9.58 -36.43
C PRO A 11 43.53 8.35 -37.27
N LYS A 12 44.41 7.99 -38.21
CA LYS A 12 44.19 6.82 -39.07
C LYS A 12 44.39 5.54 -38.27
N PRO A 13 43.44 4.60 -38.38
CA PRO A 13 43.52 3.32 -37.66
C PRO A 13 44.62 2.45 -38.20
N ILE A 14 45.41 1.86 -37.31
CA ILE A 14 46.54 0.99 -37.67
C ILE A 14 46.16 -0.50 -37.59
N GLY A 15 46.16 -1.17 -38.74
CA GLY A 15 45.83 -2.59 -38.73
C GLY A 15 44.44 -2.91 -39.27
N PRO A 16 43.97 -4.15 -39.04
CA PRO A 16 42.65 -4.58 -39.50
C PRO A 16 41.49 -3.98 -38.69
N TYR A 17 41.51 -2.67 -38.48
CA TYR A 17 40.45 -2.01 -37.73
C TYR A 17 39.94 -0.73 -38.37
N SER A 18 38.88 -0.16 -37.80
CA SER A 18 38.29 1.08 -38.33
C SER A 18 38.08 2.09 -37.23
N GLN A 19 37.90 3.35 -37.62
CA GLN A 19 37.67 4.45 -36.69
C GLN A 19 36.34 4.23 -36.00
N ALA A 20 35.34 3.86 -36.81
CA ALA A 20 34.01 3.63 -36.32
C ALA A 20 33.17 2.83 -37.30
N ILE A 21 32.10 2.24 -36.78
CA ILE A 21 31.19 1.47 -37.60
C ILE A 21 29.76 1.79 -37.24
N LYS A 22 28.97 2.02 -38.28
CA LYS A 22 27.54 2.27 -38.10
C LYS A 22 26.82 0.94 -38.37
N ALA A 23 26.15 0.43 -37.36
CA ALA A 23 25.41 -0.81 -37.46
C ALA A 23 24.00 -0.43 -37.06
N GLY A 24 23.08 -0.41 -38.02
CA GLY A 24 21.72 0.00 -37.71
C GLY A 24 21.76 1.46 -37.32
N ASN A 25 21.04 1.84 -36.28
CA ASN A 25 21.03 3.23 -35.83
C ASN A 25 22.13 3.49 -34.80
N PHE A 26 22.96 2.49 -34.54
CA PHE A 26 24.04 2.64 -33.57
C PHE A 26 25.37 2.88 -34.25
N LEU A 27 26.16 3.76 -33.63
CA LEU A 27 27.48 4.12 -34.13
C LEU A 27 28.51 3.68 -33.09
N PHE A 28 29.35 2.73 -33.45
CA PHE A 28 30.37 2.25 -32.54
C PHE A 28 31.72 2.88 -32.88
N ILE A 29 32.18 3.74 -31.99
CA ILE A 29 33.45 4.43 -32.17
C ILE A 29 34.58 3.71 -31.47
N ALA A 30 35.69 3.50 -32.18
CA ALA A 30 36.83 2.82 -31.61
C ALA A 30 37.45 3.77 -30.59
N GLY A 31 38.20 3.22 -29.65
CA GLY A 31 38.85 4.04 -28.65
C GLY A 31 39.78 5.04 -29.28
N GLN A 32 39.78 6.27 -28.76
CA GLN A 32 40.63 7.33 -29.29
C GLN A 32 41.67 7.76 -28.27
N ILE A 33 42.85 8.09 -28.76
CA ILE A 33 43.94 8.54 -27.90
C ILE A 33 44.28 9.94 -28.38
N PRO A 34 44.97 10.73 -27.54
CA PRO A 34 45.32 12.11 -27.90
C PRO A 34 46.33 12.30 -29.02
N ILE A 35 46.06 11.73 -30.18
CA ILE A 35 46.94 11.90 -31.33
C ILE A 35 46.32 12.99 -32.20
N ASP A 36 47.11 14.02 -32.48
CA ASP A 36 46.67 15.12 -33.32
C ASP A 36 46.77 14.65 -34.79
N PRO A 37 45.62 14.48 -35.45
CA PRO A 37 45.60 14.02 -36.85
C PRO A 37 46.49 14.79 -37.84
N LYS A 38 46.79 16.05 -37.53
CA LYS A 38 47.61 16.86 -38.44
C LYS A 38 49.10 16.61 -38.22
N THR A 39 49.54 16.63 -36.97
CA THR A 39 50.94 16.41 -36.62
C THR A 39 51.29 14.92 -36.65
N GLY A 40 50.33 14.08 -36.31
CA GLY A 40 50.57 12.65 -36.29
C GLY A 40 51.17 12.16 -34.98
N GLU A 41 51.25 13.04 -33.98
CA GLU A 41 51.83 12.66 -32.70
C GLU A 41 50.99 13.13 -31.51
N ILE A 42 51.34 12.68 -30.31
CA ILE A 42 50.59 13.07 -29.13
C ILE A 42 50.76 14.57 -28.89
N VAL A 43 49.78 15.17 -28.24
CA VAL A 43 49.81 16.60 -27.96
C VAL A 43 50.63 16.94 -26.71
N LYS A 44 50.75 18.24 -26.43
CA LYS A 44 51.50 18.78 -25.29
C LYS A 44 52.05 17.77 -24.28
N GLY A 45 51.18 17.12 -23.53
CA GLY A 45 51.60 16.14 -22.54
C GLY A 45 50.85 16.34 -21.23
N ASP A 46 49.87 17.24 -21.25
CA ASP A 46 49.06 17.56 -20.09
C ASP A 46 47.66 16.94 -20.23
N ILE A 47 47.08 16.50 -19.12
CA ILE A 47 45.75 15.87 -19.13
C ILE A 47 44.66 16.68 -19.84
N LYS A 48 44.63 17.98 -19.57
CA LYS A 48 43.64 18.88 -20.16
C LYS A 48 43.73 18.86 -21.69
N ASP A 49 44.93 19.09 -22.22
CA ASP A 49 45.15 19.13 -23.65
C ASP A 49 44.92 17.77 -24.29
N GLN A 50 45.28 16.71 -23.58
CA GLN A 50 45.09 15.36 -24.08
C GLN A 50 43.62 14.98 -24.13
N THR A 51 42.87 15.37 -23.10
CA THR A 51 41.45 15.05 -23.05
C THR A 51 40.74 15.82 -24.16
N ARG A 52 41.23 17.01 -24.46
CA ARG A 52 40.63 17.83 -25.50
C ARG A 52 40.82 17.19 -26.88
N GLN A 53 42.06 16.80 -27.19
CA GLN A 53 42.36 16.18 -28.49
C GLN A 53 41.52 14.92 -28.72
N VAL A 54 41.42 14.07 -27.70
CA VAL A 54 40.61 12.85 -27.79
C VAL A 54 39.16 13.21 -28.11
N LEU A 55 38.59 14.14 -27.36
CA LEU A 55 37.21 14.54 -27.63
C LEU A 55 37.07 15.15 -29.03
N GLU A 56 38.08 15.91 -29.45
CA GLU A 56 38.03 16.51 -30.78
C GLU A 56 38.05 15.39 -31.83
N ASN A 57 38.84 14.35 -31.58
CA ASN A 57 38.92 13.23 -32.50
C ASN A 57 37.56 12.55 -32.56
N ILE A 58 36.99 12.28 -31.40
CA ILE A 58 35.67 11.65 -31.35
C ILE A 58 34.65 12.49 -32.11
N LYS A 59 34.68 13.81 -31.92
CA LYS A 59 33.74 14.70 -32.59
C LYS A 59 33.82 14.56 -34.13
N ALA A 60 35.04 14.49 -34.66
CA ALA A 60 35.25 14.37 -36.09
C ALA A 60 34.59 13.12 -36.64
N ILE A 61 34.85 11.98 -36.01
CA ILE A 61 34.26 10.73 -36.46
C ILE A 61 32.74 10.86 -36.42
N LEU A 62 32.18 11.34 -35.31
CA LEU A 62 30.73 11.53 -35.22
C LEU A 62 30.27 12.33 -36.41
N GLU A 63 30.92 13.48 -36.62
CA GLU A 63 30.61 14.38 -37.72
C GLU A 63 30.73 13.67 -39.08
N ALA A 64 31.74 12.81 -39.22
CA ALA A 64 31.92 12.11 -40.48
C ALA A 64 30.76 11.15 -40.75
N ALA A 65 30.18 10.61 -39.69
CA ALA A 65 29.06 9.67 -39.82
C ALA A 65 27.70 10.32 -39.81
N GLY A 66 27.67 11.65 -39.79
CA GLY A 66 26.39 12.36 -39.78
C GLY A 66 25.71 12.39 -38.42
N TYR A 67 26.50 12.26 -37.35
CA TYR A 67 25.99 12.28 -35.98
C TYR A 67 26.50 13.54 -35.29
N SER A 68 25.95 13.83 -34.13
CA SER A 68 26.37 14.99 -33.36
C SER A 68 26.72 14.55 -31.94
N LEU A 69 27.23 15.47 -31.13
CA LEU A 69 27.57 15.12 -29.76
C LEU A 69 26.37 14.70 -28.93
N ASN A 70 25.20 15.31 -29.14
CA ASN A 70 24.06 14.90 -28.34
C ASN A 70 23.50 13.55 -28.70
N ASP A 71 24.12 12.88 -29.68
CA ASP A 71 23.67 11.55 -30.07
C ASP A 71 24.45 10.48 -29.31
N VAL A 72 25.55 10.88 -28.67
CA VAL A 72 26.36 9.95 -27.89
C VAL A 72 25.55 9.49 -26.67
N ILE A 73 25.43 8.18 -26.47
CA ILE A 73 24.69 7.63 -25.33
C ILE A 73 25.57 6.94 -24.27
N LYS A 74 26.71 6.41 -24.68
CA LYS A 74 27.60 5.77 -23.74
C LYS A 74 29.05 6.09 -24.05
N VAL A 75 29.79 6.41 -23.00
CA VAL A 75 31.20 6.75 -23.11
C VAL A 75 31.97 6.00 -22.02
N THR A 76 33.10 5.42 -22.39
CA THR A 76 33.94 4.71 -21.45
C THR A 76 35.28 5.41 -21.50
N VAL A 77 35.80 5.75 -20.32
CA VAL A 77 37.04 6.48 -20.18
C VAL A 77 38.11 5.68 -19.41
N TYR A 78 39.28 5.53 -20.04
CA TYR A 78 40.40 4.81 -19.44
C TYR A 78 41.50 5.81 -19.12
N LEU A 79 41.89 5.89 -17.85
CA LEU A 79 42.95 6.82 -17.43
C LEU A 79 44.12 6.02 -16.89
N LYS A 80 45.29 6.67 -16.82
CA LYS A 80 46.48 6.01 -16.28
C LYS A 80 46.72 6.54 -14.86
N ASP A 81 45.86 6.14 -13.93
CA ASP A 81 45.95 6.57 -12.53
C ASP A 81 45.56 8.04 -12.35
N ASN A 83 46.15 10.66 -9.76
CA ASN A 83 44.69 10.81 -10.01
C ASN A 83 44.41 12.14 -10.69
N ASP A 84 44.22 12.08 -12.00
CA ASP A 84 43.93 13.27 -12.79
C ASP A 84 42.49 13.21 -13.25
N PHE A 85 41.72 12.33 -12.62
CA PHE A 85 40.31 12.14 -12.95
C PHE A 85 39.43 13.27 -12.42
N ALA A 86 39.86 14.51 -12.62
CA ALA A 86 39.11 15.69 -12.16
C ALA A 86 39.15 16.79 -13.23
N LYS A 87 40.33 17.01 -13.82
CA LYS A 87 40.47 18.01 -14.86
C LYS A 87 39.80 17.47 -16.12
N MET A 88 39.93 16.15 -16.32
CA MET A 88 39.34 15.45 -17.46
C MET A 88 37.86 15.84 -17.62
N ASN A 89 37.16 15.94 -16.50
CA ASN A 89 35.73 16.31 -16.50
C ASN A 89 35.42 17.73 -16.96
N GLU A 90 36.31 18.67 -16.67
CA GLU A 90 36.10 20.06 -17.07
C GLU A 90 36.01 20.18 -18.59
N VAL A 91 36.92 19.52 -19.28
CA VAL A 91 36.94 19.53 -20.75
C VAL A 91 35.78 18.68 -21.26
N TYR A 92 35.57 17.55 -20.60
CA TYR A 92 34.52 16.60 -20.94
C TYR A 92 33.14 17.25 -20.88
N ALA A 93 32.93 18.15 -19.92
CA ALA A 93 31.64 18.81 -19.78
C ALA A 93 31.31 19.72 -20.97
N GLU A 94 32.33 20.30 -21.57
CA GLU A 94 32.14 21.17 -22.73
C GLU A 94 31.44 20.39 -23.85
N TYR A 95 31.86 19.13 -24.04
CA TYR A 95 31.31 18.27 -25.09
C TYR A 95 30.08 17.44 -24.70
N PHE A 96 29.96 17.07 -23.43
CA PHE A 96 28.82 16.26 -23.02
C PHE A 96 28.06 16.79 -21.81
N GLY A 97 28.38 18.01 -21.40
CA GLY A 97 27.69 18.59 -20.26
C GLY A 97 26.18 18.62 -20.36
N GLU A 98 25.64 18.80 -21.56
CA GLU A 98 24.20 18.86 -21.73
C GLU A 98 23.49 17.51 -21.96
N SER A 99 23.92 16.75 -22.95
CA SER A 99 23.27 15.47 -23.23
C SER A 99 23.55 14.40 -22.17
N LYS A 100 24.60 14.60 -21.38
CA LYS A 100 25.01 13.67 -20.31
C LYS A 100 24.89 12.19 -20.67
N PRO A 101 25.87 11.66 -21.40
CA PRO A 101 25.79 10.26 -21.76
C PRO A 101 26.09 9.35 -20.56
N ALA A 102 25.65 8.10 -20.64
CA ALA A 102 25.96 7.15 -19.60
C ALA A 102 27.49 7.07 -19.66
N ARG A 103 28.15 7.04 -18.50
CA ARG A 103 29.59 7.03 -18.41
C ARG A 103 30.16 5.84 -17.61
N VAL A 104 31.40 5.50 -17.91
CA VAL A 104 32.11 4.43 -17.22
C VAL A 104 33.55 4.89 -17.13
N ALA A 105 34.03 5.09 -15.92
CA ALA A 105 35.40 5.55 -15.76
C ALA A 105 36.19 4.60 -14.90
N VAL A 106 37.36 4.22 -15.38
CA VAL A 106 38.21 3.33 -14.65
C VAL A 106 39.67 3.71 -14.95
N GLU A 107 40.56 3.45 -13.99
CA GLU A 107 41.98 3.76 -14.18
C GLU A 107 42.74 2.46 -14.42
N VAL A 108 43.66 2.46 -15.39
CA VAL A 108 44.41 1.25 -15.71
C VAL A 108 45.93 1.33 -15.66
N SER A 109 46.57 0.28 -16.20
CA SER A 109 48.03 0.19 -16.22
C SER A 109 48.65 1.01 -17.32
N ARG A 110 48.59 0.48 -18.53
CA ARG A 110 49.16 1.17 -19.66
C ARG A 110 48.12 1.35 -20.76
N LEU A 111 48.25 2.44 -21.51
CA LEU A 111 47.35 2.72 -22.62
C LEU A 111 48.21 2.82 -23.87
N PRO A 112 47.59 2.71 -25.05
CA PRO A 112 48.32 2.80 -26.32
C PRO A 112 49.27 4.00 -26.39
N LYS A 113 50.53 3.73 -26.71
CA LYS A 113 51.58 4.76 -26.82
C LYS A 113 51.86 5.47 -25.50
N ASP A 114 51.38 4.88 -24.40
CA ASP A 114 51.56 5.42 -23.06
C ASP A 114 50.83 6.73 -22.77
N VAL A 115 49.79 7.02 -23.54
CA VAL A 115 49.03 8.26 -23.34
C VAL A 115 48.42 8.28 -21.94
N LEU A 116 47.74 9.37 -21.60
CA LEU A 116 47.13 9.46 -20.27
C LEU A 116 45.64 9.13 -20.28
N ILE A 117 45.00 9.24 -21.44
CA ILE A 117 43.59 8.97 -21.54
C ILE A 117 43.19 8.42 -22.90
N GLU A 118 42.18 7.56 -22.89
CA GLU A 118 41.66 6.95 -24.10
C GLU A 118 40.16 6.84 -23.89
N ILE A 119 39.38 7.29 -24.88
CA ILE A 119 37.93 7.24 -24.74
C ILE A 119 37.24 6.54 -25.90
N GLU A 120 36.21 5.75 -25.58
CA GLU A 120 35.41 5.05 -26.60
C GLU A 120 33.96 5.51 -26.40
N ALA A 121 33.18 5.49 -27.47
CA ALA A 121 31.79 5.91 -27.36
C ALA A 121 30.84 5.18 -28.26
N ILE A 122 29.56 5.25 -27.91
CA ILE A 122 28.49 4.65 -28.69
C ILE A 122 27.46 5.76 -28.94
N ALA A 123 27.09 5.98 -30.19
CA ALA A 123 26.10 7.01 -30.49
C ALA A 123 24.83 6.37 -31.02
N TYR A 124 23.74 7.10 -30.88
CA TYR A 124 22.46 6.61 -31.33
C TYR A 124 21.69 7.72 -32.03
N LYS A 125 21.21 7.41 -33.23
CA LYS A 125 20.44 8.37 -34.02
C LYS A 125 19.23 7.62 -34.57
N GLU A 126 18.04 8.06 -34.19
CA GLU A 126 16.79 7.42 -34.63
C GLU A 126 16.37 7.78 -36.06
N MET B 1 13.82 5.94 -30.52
CA MET B 1 13.62 7.01 -29.50
C MET B 1 14.77 6.98 -28.49
N LYS B 2 14.95 8.05 -27.71
CA LYS B 2 16.03 8.12 -26.74
C LYS B 2 15.59 8.78 -25.43
N GLU B 3 15.87 8.14 -24.29
CA GLU B 3 15.49 8.71 -22.99
C GLU B 3 16.54 8.57 -21.89
N VAL B 4 16.75 9.65 -21.15
CA VAL B 4 17.68 9.64 -20.04
C VAL B 4 16.90 9.20 -18.80
N ILE B 5 17.41 8.18 -18.12
CA ILE B 5 16.76 7.60 -16.94
C ILE B 5 17.30 8.17 -15.65
N PHE B 6 16.42 8.35 -14.66
CA PHE B 6 16.83 8.83 -13.35
C PHE B 6 15.84 8.49 -12.27
N THR B 7 16.34 7.75 -11.28
CA THR B 7 15.53 7.32 -10.15
C THR B 7 16.33 7.63 -8.89
N GLU B 8 15.63 7.90 -7.79
CA GLU B 8 16.28 8.22 -6.54
C GLU B 8 16.77 6.95 -5.84
N ASN B 9 16.50 5.80 -6.44
CA ASN B 9 16.90 4.52 -5.86
C ASN B 9 18.30 4.05 -6.26
N ALA B 10 19.02 4.87 -7.03
CA ALA B 10 20.38 4.54 -7.43
C ALA B 10 21.23 5.78 -7.20
N PRO B 11 22.54 5.62 -7.04
CA PRO B 11 23.39 6.79 -6.81
C PRO B 11 23.13 7.91 -7.80
N LYS B 12 23.27 9.14 -7.33
CA LYS B 12 23.03 10.32 -8.16
C LYS B 12 24.32 10.76 -8.81
N PRO B 13 24.39 10.69 -10.14
CA PRO B 13 25.64 11.12 -10.78
C PRO B 13 25.93 12.60 -10.45
N ILE B 14 27.12 12.86 -9.94
CA ILE B 14 27.52 14.22 -9.59
C ILE B 14 28.19 14.95 -10.77
N GLY B 15 28.81 14.20 -11.67
CA GLY B 15 29.45 14.80 -12.83
C GLY B 15 28.57 14.90 -14.07
N PRO B 16 29.16 15.03 -15.26
CA PRO B 16 28.38 15.13 -16.50
C PRO B 16 27.97 13.79 -17.11
N TYR B 17 27.04 13.09 -16.46
CA TYR B 17 26.56 11.83 -16.99
C TYR B 17 25.26 11.35 -16.34
N SER B 18 24.59 10.42 -17.01
CA SER B 18 23.33 9.88 -16.55
C SER B 18 23.43 8.45 -16.04
N GLN B 19 22.44 8.01 -15.29
CA GLN B 19 22.41 6.66 -14.75
C GLN B 19 22.24 5.66 -15.87
N ALA B 20 21.35 5.97 -16.79
CA ALA B 20 21.09 5.08 -17.92
C ALA B 20 20.36 5.80 -19.05
N ILE B 21 20.65 5.36 -20.27
CA ILE B 21 20.01 5.92 -21.43
C ILE B 21 19.35 4.79 -22.16
N LYS B 22 18.08 4.96 -22.52
CA LYS B 22 17.37 3.94 -23.26
C LYS B 22 17.45 4.36 -24.71
N ALA B 23 18.10 3.53 -25.50
CA ALA B 23 18.27 3.79 -26.92
C ALA B 23 17.59 2.65 -27.65
N GLY B 24 16.42 2.93 -28.21
CA GLY B 24 15.67 1.89 -28.89
C GLY B 24 15.19 0.90 -27.85
N ASN B 25 15.58 -0.37 -28.01
CA ASN B 25 15.17 -1.42 -27.08
C ASN B 25 16.29 -1.75 -26.09
N PHE B 26 17.44 -1.09 -26.25
CA PHE B 26 18.60 -1.32 -25.38
C PHE B 26 18.71 -0.27 -24.30
N LEU B 27 19.18 -0.71 -23.13
CA LEU B 27 19.34 0.21 -22.01
C LEU B 27 20.81 0.16 -21.65
N PHE B 28 21.47 1.31 -21.71
CA PHE B 28 22.88 1.40 -21.37
C PHE B 28 22.95 2.04 -20.01
N ILE B 29 23.37 1.24 -19.03
CA ILE B 29 23.51 1.71 -17.67
C ILE B 29 24.95 2.17 -17.42
N ALA B 30 25.10 3.33 -16.79
CA ALA B 30 26.43 3.89 -16.50
C ALA B 30 27.16 2.99 -15.51
N GLY B 31 28.48 3.13 -15.44
CA GLY B 31 29.24 2.32 -14.51
C GLY B 31 28.74 2.54 -13.09
N GLN B 32 28.36 1.45 -12.41
CA GLN B 32 27.86 1.57 -11.04
C GLN B 32 28.90 1.23 -9.95
N ILE B 33 28.93 2.03 -8.90
CA ILE B 33 29.84 1.79 -7.79
C ILE B 33 29.03 1.60 -6.52
N PRO B 34 29.67 1.17 -5.42
CA PRO B 34 28.90 0.97 -4.19
C PRO B 34 28.63 2.26 -3.40
N ILE B 35 27.50 2.88 -3.69
CA ILE B 35 27.07 4.10 -3.05
C ILE B 35 25.63 3.86 -2.65
N ASP B 36 25.29 4.14 -1.41
CA ASP B 36 23.92 3.97 -0.93
C ASP B 36 23.10 5.19 -1.36
N PRO B 37 22.17 5.00 -2.33
CA PRO B 37 21.33 6.09 -2.82
C PRO B 37 20.67 6.97 -1.76
N LYS B 38 20.02 6.34 -0.79
CA LYS B 38 19.34 7.08 0.28
C LYS B 38 20.24 8.10 1.00
N THR B 39 21.49 7.72 1.28
CA THR B 39 22.41 8.60 1.99
C THR B 39 23.50 9.22 1.11
N GLY B 40 23.67 8.70 -0.09
CA GLY B 40 24.69 9.24 -0.98
C GLY B 40 26.12 8.99 -0.53
N GLU B 41 26.31 8.09 0.43
CA GLU B 41 27.67 7.81 0.90
C GLU B 41 28.17 6.41 0.52
N ILE B 42 29.44 6.33 0.16
CA ILE B 42 30.08 5.07 -0.24
C ILE B 42 30.16 4.07 0.91
N VAL B 43 29.77 2.83 0.64
CA VAL B 43 29.82 1.81 1.67
C VAL B 43 31.28 1.45 1.88
N LYS B 44 31.68 1.37 3.14
CA LYS B 44 33.04 1.02 3.51
C LYS B 44 32.95 -0.37 4.09
N GLY B 45 32.63 -1.33 3.25
CA GLY B 45 32.53 -2.70 3.72
C GLY B 45 33.46 -3.61 2.96
N ASP B 46 33.14 -4.90 2.96
CA ASP B 46 33.93 -5.90 2.25
C ASP B 46 33.38 -6.05 0.85
N ILE B 47 34.14 -6.72 -0.02
CA ILE B 47 33.73 -6.90 -1.40
C ILE B 47 32.29 -7.40 -1.59
N LYS B 48 31.79 -8.21 -0.66
CA LYS B 48 30.41 -8.74 -0.77
C LYS B 48 29.34 -7.68 -0.46
N ASP B 49 29.61 -6.81 0.50
CA ASP B 49 28.66 -5.75 0.87
C ASP B 49 28.63 -4.68 -0.22
N GLN B 50 29.79 -4.43 -0.81
CA GLN B 50 29.91 -3.45 -1.89
C GLN B 50 29.27 -3.99 -3.16
N THR B 51 29.58 -5.24 -3.49
CA THR B 51 29.03 -5.85 -4.69
C THR B 51 27.50 -5.92 -4.62
N ARG B 52 26.97 -6.18 -3.43
CA ARG B 52 25.53 -6.26 -3.26
C ARG B 52 24.89 -4.87 -3.45
N GLN B 53 25.54 -3.84 -2.93
CA GLN B 53 25.01 -2.49 -3.09
C GLN B 53 24.97 -2.15 -4.58
N VAL B 54 26.03 -2.49 -5.29
CA VAL B 54 26.11 -2.26 -6.72
C VAL B 54 24.96 -2.94 -7.48
N LEU B 55 24.80 -4.24 -7.26
CA LEU B 55 23.74 -4.98 -7.92
C LEU B 55 22.37 -4.42 -7.53
N GLU B 56 22.24 -3.93 -6.30
CA GLU B 56 20.97 -3.34 -5.87
C GLU B 56 20.69 -2.07 -6.67
N ASN B 57 21.73 -1.27 -6.89
CA ASN B 57 21.59 -0.03 -7.66
C ASN B 57 21.20 -0.34 -9.11
N ILE B 58 21.93 -1.27 -9.73
CA ILE B 58 21.63 -1.63 -11.11
C ILE B 58 20.19 -2.02 -11.27
N LYS B 59 19.69 -2.82 -10.33
CA LYS B 59 18.31 -3.28 -10.38
C LYS B 59 17.36 -2.12 -10.29
N ALA B 60 17.69 -1.14 -9.45
CA ALA B 60 16.84 0.04 -9.31
C ALA B 60 16.69 0.71 -10.68
N ILE B 61 17.82 0.92 -11.34
CA ILE B 61 17.82 1.56 -12.65
C ILE B 61 17.03 0.72 -13.66
N LEU B 62 17.26 -0.60 -13.68
CA LEU B 62 16.53 -1.45 -14.60
C LEU B 62 15.04 -1.24 -14.42
N GLU B 63 14.59 -1.25 -13.16
CA GLU B 63 13.18 -1.06 -12.82
C GLU B 63 12.64 0.33 -13.20
N ALA B 64 13.38 1.38 -12.88
CA ALA B 64 12.93 2.72 -13.23
C ALA B 64 12.84 2.84 -14.73
N ALA B 65 13.74 2.14 -15.44
CA ALA B 65 13.74 2.18 -16.89
C ALA B 65 12.66 1.26 -17.45
N GLY B 66 12.03 0.49 -16.57
CA GLY B 66 10.96 -0.38 -17.03
C GLY B 66 11.42 -1.74 -17.50
N TYR B 67 12.57 -2.20 -17.01
CA TYR B 67 13.11 -3.50 -17.37
C TYR B 67 13.12 -4.38 -16.14
N SER B 68 13.48 -5.64 -16.31
CA SER B 68 13.57 -6.57 -15.19
C SER B 68 14.96 -7.19 -15.25
N LEU B 69 15.33 -7.96 -14.24
CA LEU B 69 16.64 -8.59 -14.23
C LEU B 69 16.88 -9.55 -15.38
N ASN B 70 15.83 -10.19 -15.89
CA ASN B 70 16.05 -11.12 -17.00
C ASN B 70 16.19 -10.45 -18.37
N ASP B 71 16.25 -9.13 -18.37
CA ASP B 71 16.43 -8.37 -19.61
C ASP B 71 17.92 -8.06 -19.80
N VAL B 72 18.71 -8.26 -18.75
CA VAL B 72 20.15 -8.00 -18.78
C VAL B 72 20.87 -8.96 -19.73
N ILE B 73 21.61 -8.40 -20.68
CA ILE B 73 22.31 -9.19 -21.69
C ILE B 73 23.83 -9.20 -21.59
N LYS B 74 24.41 -8.12 -21.10
CA LYS B 74 25.88 -8.04 -20.99
C LYS B 74 26.31 -7.33 -19.71
N VAL B 75 27.28 -7.88 -19.01
CA VAL B 75 27.78 -7.25 -17.80
C VAL B 75 29.29 -7.21 -17.83
N THR B 76 29.86 -6.05 -17.54
CA THR B 76 31.30 -5.93 -17.49
C THR B 76 31.59 -5.65 -16.02
N VAL B 77 32.52 -6.41 -15.46
CA VAL B 77 32.87 -6.26 -14.06
C VAL B 77 34.32 -5.82 -13.91
N TYR B 78 34.51 -4.67 -13.28
CA TYR B 78 35.85 -4.17 -13.02
C TYR B 78 36.08 -4.30 -11.52
N LEU B 79 37.17 -4.95 -11.16
CA LEU B 79 37.51 -5.15 -9.75
C LEU B 79 38.87 -4.57 -9.49
N LYS B 80 39.07 -4.19 -8.23
CA LYS B 80 40.32 -3.66 -7.73
C LYS B 80 41.20 -4.87 -7.46
N ASP B 81 42.41 -4.89 -8.00
CA ASP B 81 43.32 -6.03 -7.81
C ASP B 81 43.41 -6.46 -6.34
N ASN B 89 30.69 -16.16 -5.10
CA ASN B 89 29.83 -15.00 -5.46
C ASN B 89 28.41 -15.41 -5.85
N GLU B 90 27.70 -16.00 -4.89
CA GLU B 90 26.31 -16.44 -5.10
C GLU B 90 25.42 -15.21 -5.15
N VAL B 91 26.00 -14.06 -4.84
CA VAL B 91 25.27 -12.80 -4.85
C VAL B 91 24.68 -12.59 -6.24
N TYR B 92 25.48 -12.85 -7.27
CA TYR B 92 25.07 -12.69 -8.65
C TYR B 92 23.92 -13.59 -9.13
N ALA B 93 23.89 -14.82 -8.64
CA ALA B 93 22.87 -15.79 -9.02
C ALA B 93 21.42 -15.35 -8.77
N GLU B 94 21.18 -14.60 -7.69
CA GLU B 94 19.82 -14.13 -7.39
C GLU B 94 19.44 -12.98 -8.30
N TYR B 95 20.45 -12.38 -8.93
CA TYR B 95 20.25 -11.26 -9.84
C TYR B 95 20.34 -11.69 -11.31
N PHE B 96 21.37 -12.46 -11.65
CA PHE B 96 21.55 -12.88 -13.03
C PHE B 96 21.28 -14.34 -13.28
N GLY B 97 20.47 -14.96 -12.42
CA GLY B 97 20.15 -16.36 -12.59
C GLY B 97 19.22 -16.63 -13.76
N GLU B 98 18.09 -15.94 -13.80
CA GLU B 98 17.09 -16.08 -14.87
C GLU B 98 17.47 -15.18 -16.04
N SER B 99 18.69 -14.68 -16.01
CA SER B 99 19.17 -13.78 -17.06
C SER B 99 20.34 -14.44 -17.81
N LYS B 100 21.37 -14.81 -17.07
CA LYS B 100 22.56 -15.47 -17.63
C LYS B 100 23.21 -14.66 -18.75
N PRO B 101 23.45 -13.36 -18.51
CA PRO B 101 24.07 -12.47 -19.50
C PRO B 101 25.50 -12.85 -19.86
N ALA B 102 26.00 -12.29 -20.95
CA ALA B 102 27.36 -12.52 -21.40
C ALA B 102 28.19 -11.69 -20.44
N ARG B 103 29.32 -12.22 -19.97
CA ARG B 103 30.10 -11.46 -19.01
C ARG B 103 31.55 -11.19 -19.37
N VAL B 104 32.02 -10.04 -18.93
CA VAL B 104 33.40 -9.63 -19.13
C VAL B 104 33.86 -9.28 -17.73
N ALA B 105 35.05 -9.71 -17.35
CA ALA B 105 35.54 -9.42 -16.01
C ALA B 105 37.04 -9.18 -16.02
N VAL B 106 37.45 -8.03 -15.50
CA VAL B 106 38.85 -7.70 -15.46
C VAL B 106 39.21 -6.92 -14.18
N GLU B 107 40.48 -6.97 -13.80
CA GLU B 107 40.93 -6.24 -12.62
C GLU B 107 41.73 -5.07 -13.12
N VAL B 108 41.61 -3.96 -12.40
CA VAL B 108 42.29 -2.73 -12.78
C VAL B 108 43.06 -2.06 -11.63
N SER B 109 43.71 -0.94 -11.93
CA SER B 109 44.47 -0.20 -10.94
C SER B 109 43.61 0.41 -9.84
N ARG B 110 42.65 1.25 -10.24
CA ARG B 110 41.77 1.92 -9.29
C ARG B 110 40.40 2.24 -9.91
N LEU B 111 39.39 2.37 -9.06
CA LEU B 111 38.06 2.71 -9.53
C LEU B 111 37.74 4.08 -8.95
N PRO B 112 36.68 4.74 -9.46
CA PRO B 112 36.30 6.06 -8.95
C PRO B 112 35.98 6.03 -7.45
N LYS B 113 36.61 6.92 -6.70
CA LYS B 113 36.41 7.01 -5.25
C LYS B 113 37.02 5.83 -4.48
N ASP B 114 38.11 5.28 -5.01
CA ASP B 114 38.82 4.15 -4.39
C ASP B 114 37.92 3.01 -3.92
N VAL B 115 36.93 2.67 -4.76
CA VAL B 115 35.99 1.61 -4.46
C VAL B 115 36.50 0.24 -4.91
N LEU B 116 35.95 -0.82 -4.35
CA LEU B 116 36.39 -2.17 -4.70
C LEU B 116 35.87 -2.76 -6.01
N ILE B 117 34.65 -2.42 -6.39
CA ILE B 117 34.06 -2.98 -7.60
C ILE B 117 33.15 -2.02 -8.37
N GLU B 118 33.26 -2.08 -9.70
CA GLU B 118 32.44 -1.24 -10.56
C GLU B 118 31.79 -2.13 -11.64
N ILE B 119 30.52 -1.90 -11.91
CA ILE B 119 29.80 -2.67 -12.91
C ILE B 119 28.95 -1.83 -13.87
N GLU B 120 29.12 -2.08 -15.17
CA GLU B 120 28.32 -1.42 -16.19
C GLU B 120 27.49 -2.52 -16.84
N ALA B 121 26.23 -2.24 -17.17
CA ALA B 121 25.38 -3.25 -17.78
C ALA B 121 24.55 -2.76 -18.95
N ILE B 122 24.08 -3.72 -19.75
CA ILE B 122 23.25 -3.45 -20.94
C ILE B 122 22.07 -4.41 -20.89
N ALA B 123 20.87 -3.91 -21.18
CA ALA B 123 19.68 -4.76 -21.18
C ALA B 123 18.89 -4.63 -22.48
N TYR B 124 18.05 -5.61 -22.76
CA TYR B 124 17.23 -5.64 -23.98
C TYR B 124 15.80 -6.00 -23.65
N LYS B 125 14.88 -5.48 -24.44
CA LYS B 125 13.47 -5.74 -24.26
C LYS B 125 12.78 -5.54 -25.60
N GLU B 126 12.13 -6.59 -26.10
CA GLU B 126 11.43 -6.50 -27.38
C GLU B 126 10.01 -5.96 -27.17
N MET C 1 14.23 -9.93 -30.62
CA MET C 1 14.23 -11.24 -29.90
C MET C 1 15.52 -11.43 -29.10
N LYS C 2 15.41 -12.10 -27.94
CA LYS C 2 16.55 -12.38 -27.06
C LYS C 2 16.81 -13.90 -26.97
N GLU C 3 18.01 -14.32 -27.32
CA GLU C 3 18.37 -15.74 -27.27
C GLU C 3 19.79 -15.98 -26.78
N VAL C 4 19.98 -16.85 -25.79
CA VAL C 4 21.33 -17.13 -25.32
C VAL C 4 21.98 -18.13 -26.31
N ILE C 5 23.24 -17.90 -26.63
CA ILE C 5 23.98 -18.75 -27.54
C ILE C 5 24.87 -19.74 -26.79
N PHE C 6 24.93 -20.97 -27.30
CA PHE C 6 25.73 -22.00 -26.67
C PHE C 6 26.40 -22.95 -27.66
N THR C 7 27.64 -23.31 -27.37
CA THR C 7 28.42 -24.23 -28.19
C THR C 7 29.45 -24.97 -27.34
N GLU C 8 29.55 -26.28 -27.55
CA GLU C 8 30.51 -27.10 -26.82
C GLU C 8 31.91 -26.74 -27.30
N ASN C 9 32.00 -26.10 -28.46
CA ASN C 9 33.26 -25.71 -29.05
C ASN C 9 33.94 -24.52 -28.36
N ALA C 10 33.23 -23.89 -27.43
CA ALA C 10 33.77 -22.77 -26.67
C ALA C 10 33.83 -23.20 -25.21
N PRO C 11 34.58 -22.47 -24.38
CA PRO C 11 34.63 -22.89 -22.97
C PRO C 11 33.24 -22.92 -22.27
N LYS C 12 32.96 -24.01 -21.58
CA LYS C 12 31.69 -24.14 -20.87
C LYS C 12 31.46 -22.93 -19.98
N PRO C 13 30.23 -22.39 -19.98
CA PRO C 13 29.91 -21.21 -19.14
C PRO C 13 29.68 -21.60 -17.67
N ILE C 14 30.54 -21.10 -16.80
CA ILE C 14 30.47 -21.37 -15.36
C ILE C 14 29.77 -20.25 -14.57
N GLY C 15 28.68 -20.59 -13.91
CA GLY C 15 27.94 -19.61 -13.14
C GLY C 15 26.69 -19.15 -13.86
N PRO C 16 26.12 -18.00 -13.46
CA PRO C 16 24.91 -17.50 -14.11
C PRO C 16 25.23 -16.64 -15.33
N TYR C 17 25.94 -17.23 -16.29
CA TYR C 17 26.33 -16.52 -17.51
C TYR C 17 26.24 -17.36 -18.81
N SER C 18 26.30 -16.67 -19.94
CA SER C 18 26.25 -17.32 -21.25
C SER C 18 27.51 -16.97 -22.03
N GLN C 19 27.80 -17.75 -23.07
CA GLN C 19 28.97 -17.48 -23.89
C GLN C 19 28.64 -16.26 -24.74
N ALA C 20 27.34 -16.08 -24.97
CA ALA C 20 26.86 -14.96 -25.76
C ALA C 20 25.34 -14.82 -25.74
N ILE C 21 24.87 -13.60 -25.93
CA ILE C 21 23.45 -13.35 -26.02
C ILE C 21 23.20 -12.66 -27.35
N LYS C 22 22.11 -13.06 -28.00
CA LYS C 22 21.72 -12.48 -29.27
C LYS C 22 20.49 -11.61 -28.96
N ALA C 23 20.59 -10.31 -29.25
CA ALA C 23 19.49 -9.37 -29.02
C ALA C 23 19.23 -8.53 -30.26
N GLY C 24 18.06 -8.71 -30.85
CA GLY C 24 17.76 -7.99 -32.07
C GLY C 24 18.75 -8.49 -33.09
N ASN C 25 19.42 -7.57 -33.78
CA ASN C 25 20.39 -7.98 -34.81
C ASN C 25 21.78 -8.08 -34.23
N PHE C 26 21.88 -7.83 -32.92
CA PHE C 26 23.17 -7.84 -32.25
C PHE C 26 23.51 -9.11 -31.49
N LEU C 27 24.79 -9.43 -31.49
CA LEU C 27 25.29 -10.59 -30.77
C LEU C 27 26.36 -10.07 -29.81
N PHE C 28 26.10 -10.24 -28.52
CA PHE C 28 27.01 -9.80 -27.47
C PHE C 28 27.75 -11.03 -26.95
N ILE C 29 29.03 -11.13 -27.27
CA ILE C 29 29.84 -12.27 -26.83
C ILE C 29 30.61 -11.95 -25.55
N ALA C 30 30.56 -12.88 -24.61
CA ALA C 30 31.24 -12.75 -23.32
C ALA C 30 32.75 -12.71 -23.50
N GLY C 31 33.46 -12.30 -22.45
CA GLY C 31 34.90 -12.26 -22.53
C GLY C 31 35.45 -13.67 -22.70
N GLN C 32 36.34 -13.83 -23.67
CA GLN C 32 36.93 -15.13 -23.94
C GLN C 32 38.39 -15.17 -23.53
N ILE C 33 38.75 -16.22 -22.81
CA ILE C 33 40.11 -16.42 -22.33
C ILE C 33 40.68 -17.66 -23.02
N PRO C 34 42.01 -17.77 -23.09
CA PRO C 34 42.68 -18.91 -23.74
C PRO C 34 42.48 -20.30 -23.12
N ILE C 35 41.22 -20.64 -22.86
CA ILE C 35 40.91 -21.97 -22.33
C ILE C 35 40.60 -22.89 -23.52
N ASP C 36 41.24 -24.06 -23.55
CA ASP C 36 41.03 -25.04 -24.62
C ASP C 36 39.71 -25.76 -24.31
N PRO C 37 38.65 -25.49 -25.10
CA PRO C 37 37.35 -26.14 -24.88
C PRO C 37 37.40 -27.65 -24.70
N LYS C 38 38.39 -28.29 -25.31
CA LYS C 38 38.55 -29.74 -25.22
C LYS C 38 39.03 -30.20 -23.84
N THR C 39 40.16 -29.68 -23.39
CA THR C 39 40.73 -30.06 -22.10
C THR C 39 40.12 -29.33 -20.90
N GLY C 40 39.79 -28.05 -21.09
CA GLY C 40 39.24 -27.26 -20.01
C GLY C 40 40.35 -26.53 -19.27
N GLU C 41 41.58 -26.77 -19.71
CA GLU C 41 42.76 -26.17 -19.10
C GLU C 41 43.29 -25.05 -20.01
N ILE C 42 44.10 -24.16 -19.43
CA ILE C 42 44.68 -23.07 -20.20
C ILE C 42 45.62 -23.70 -21.20
N VAL C 43 45.55 -23.26 -22.45
CA VAL C 43 46.42 -23.78 -23.50
C VAL C 43 47.86 -23.42 -23.17
N LYS C 44 48.79 -24.32 -23.51
CA LYS C 44 50.22 -24.09 -23.27
C LYS C 44 50.79 -23.12 -24.30
N GLY C 45 51.77 -22.33 -23.88
CA GLY C 45 52.39 -21.38 -24.79
C GLY C 45 52.39 -19.93 -24.32
N ASP C 46 52.88 -19.03 -25.17
CA ASP C 46 52.98 -17.61 -24.86
C ASP C 46 51.72 -16.85 -25.28
N ILE C 47 51.81 -15.51 -25.27
CA ILE C 47 50.70 -14.66 -25.66
C ILE C 47 50.20 -14.99 -27.07
N LYS C 48 51.04 -15.62 -27.88
CA LYS C 48 50.67 -15.97 -29.26
C LYS C 48 49.75 -17.19 -29.32
N ASP C 49 49.96 -18.15 -28.42
CA ASP C 49 49.14 -19.34 -28.38
C ASP C 49 47.85 -19.06 -27.65
N GLN C 50 47.90 -18.05 -26.78
CA GLN C 50 46.74 -17.64 -26.01
C GLN C 50 45.84 -16.79 -26.91
N THR C 51 46.43 -15.96 -27.76
CA THR C 51 45.66 -15.13 -28.68
C THR C 51 44.91 -16.04 -29.64
N ARG C 52 45.64 -16.95 -30.27
CA ARG C 52 45.06 -17.88 -31.21
C ARG C 52 43.85 -18.54 -30.56
N GLN C 53 44.06 -19.13 -29.39
CA GLN C 53 43.00 -19.79 -28.68
C GLN C 53 41.79 -18.90 -28.48
N VAL C 54 41.99 -17.69 -27.95
CA VAL C 54 40.91 -16.75 -27.72
C VAL C 54 40.09 -16.49 -28.99
N LEU C 55 40.77 -16.11 -30.05
CA LEU C 55 40.09 -15.82 -31.31
C LEU C 55 39.33 -17.04 -31.83
N GLU C 56 39.90 -18.22 -31.61
CA GLU C 56 39.27 -19.45 -32.05
C GLU C 56 37.94 -19.62 -31.33
N ASN C 57 37.95 -19.43 -30.02
CA ASN C 57 36.74 -19.54 -29.22
C ASN C 57 35.70 -18.54 -29.73
N ILE C 58 36.11 -17.31 -29.95
CA ILE C 58 35.18 -16.30 -30.45
C ILE C 58 34.52 -16.77 -31.75
N LYS C 59 35.34 -17.26 -32.68
CA LYS C 59 34.84 -17.76 -33.96
C LYS C 59 33.78 -18.87 -33.74
N ALA C 60 34.03 -19.72 -32.74
CA ALA C 60 33.12 -20.81 -32.42
C ALA C 60 31.77 -20.28 -32.00
N ILE C 61 31.77 -19.33 -31.08
CA ILE C 61 30.55 -18.73 -30.59
C ILE C 61 29.83 -18.03 -31.74
N LEU C 62 30.59 -17.39 -32.62
CA LEU C 62 30.00 -16.70 -33.77
C LEU C 62 29.22 -17.63 -34.68
N GLU C 63 29.87 -18.72 -35.11
CA GLU C 63 29.25 -19.70 -36.00
C GLU C 63 28.01 -20.37 -35.41
N ALA C 64 28.05 -20.61 -34.10
CA ALA C 64 26.93 -21.25 -33.41
C ALA C 64 25.72 -20.31 -33.31
N ALA C 65 25.93 -19.03 -33.59
CA ALA C 65 24.83 -18.08 -33.55
C ALA C 65 24.40 -17.70 -34.95
N GLY C 66 24.98 -18.36 -35.94
CA GLY C 66 24.64 -18.08 -37.33
C GLY C 66 25.30 -16.81 -37.83
N TYR C 67 26.38 -16.42 -37.18
CA TYR C 67 27.09 -15.20 -37.54
C TYR C 67 28.43 -15.51 -38.21
N SER C 68 29.06 -14.48 -38.75
CA SER C 68 30.32 -14.60 -39.45
C SER C 68 31.36 -13.63 -38.87
N LEU C 69 32.64 -13.91 -39.12
CA LEU C 69 33.72 -13.05 -38.66
C LEU C 69 33.58 -11.69 -39.31
N ASN C 70 32.87 -11.67 -40.44
CA ASN C 70 32.63 -10.43 -41.15
C ASN C 70 31.55 -9.61 -40.44
N ASP C 71 30.92 -10.21 -39.43
CA ASP C 71 29.85 -9.56 -38.66
C ASP C 71 30.35 -8.77 -37.44
N VAL C 72 31.57 -9.10 -36.98
CA VAL C 72 32.18 -8.43 -35.84
C VAL C 72 32.30 -6.94 -36.13
N ILE C 73 31.66 -6.10 -35.31
CA ILE C 73 31.69 -4.65 -35.51
C ILE C 73 32.52 -3.90 -34.46
N LYS C 74 32.81 -4.55 -33.35
CA LYS C 74 33.57 -3.91 -32.29
C LYS C 74 34.35 -4.95 -31.51
N VAL C 75 35.60 -4.64 -31.20
CA VAL C 75 36.43 -5.58 -30.46
C VAL C 75 37.11 -4.89 -29.27
N THR C 76 37.03 -5.51 -28.10
CA THR C 76 37.67 -4.94 -26.93
C THR C 76 38.68 -5.97 -26.42
N VAL C 77 39.95 -5.56 -26.41
CA VAL C 77 41.05 -6.44 -26.00
C VAL C 77 41.76 -6.03 -24.74
N TYR C 78 41.71 -6.90 -23.74
CA TYR C 78 42.39 -6.67 -22.47
C TYR C 78 43.70 -7.48 -22.42
N LEU C 79 44.80 -6.80 -22.09
CA LEU C 79 46.11 -7.44 -21.98
C LEU C 79 46.64 -7.23 -20.56
N LYS C 80 47.56 -8.09 -20.12
CA LYS C 80 48.11 -7.95 -18.78
C LYS C 80 49.25 -6.93 -18.66
N ASP C 81 50.35 -7.12 -19.39
CA ASP C 81 51.45 -6.16 -19.27
C ASP C 81 52.54 -6.24 -20.35
N ASN C 89 49.75 -8.12 -34.86
CA ASN C 89 50.10 -9.53 -35.17
C ASN C 89 49.25 -10.03 -36.33
N GLU C 90 49.82 -10.92 -37.14
CA GLU C 90 49.15 -11.49 -38.31
C GLU C 90 47.86 -12.23 -37.97
N VAL C 91 47.77 -12.74 -36.74
CA VAL C 91 46.58 -13.47 -36.29
C VAL C 91 45.33 -12.63 -36.44
N TYR C 92 45.46 -11.35 -36.12
CA TYR C 92 44.36 -10.40 -36.18
C TYR C 92 43.84 -10.10 -37.58
N ALA C 93 44.73 -10.10 -38.56
CA ALA C 93 44.30 -9.83 -39.94
C ALA C 93 43.48 -11.00 -40.45
N GLU C 94 43.85 -12.20 -40.02
CA GLU C 94 43.16 -13.41 -40.46
C GLU C 94 41.70 -13.42 -40.02
N TYR C 95 41.47 -13.05 -38.76
CA TYR C 95 40.13 -13.02 -38.16
C TYR C 95 39.36 -11.72 -38.37
N PHE C 96 40.03 -10.57 -38.50
CA PHE C 96 39.33 -9.29 -38.67
C PHE C 96 39.66 -8.43 -39.89
N GLY C 97 40.38 -8.98 -40.86
CA GLY C 97 40.70 -8.21 -42.05
C GLY C 97 39.48 -8.02 -42.94
N GLU C 98 38.44 -8.81 -42.70
CA GLU C 98 37.22 -8.72 -43.49
C GLU C 98 36.17 -7.84 -42.83
N SER C 99 36.08 -7.87 -41.50
CA SER C 99 35.11 -7.07 -40.79
C SER C 99 35.66 -5.69 -40.41
N LYS C 100 36.97 -5.61 -40.20
CA LYS C 100 37.63 -4.35 -39.82
C LYS C 100 36.81 -3.61 -38.78
N PRO C 101 36.63 -4.21 -37.60
CA PRO C 101 35.86 -3.65 -36.48
C PRO C 101 36.55 -2.48 -35.79
N ALA C 102 35.76 -1.74 -35.00
CA ALA C 102 36.27 -0.62 -34.23
C ALA C 102 37.02 -1.27 -33.08
N ARG C 103 38.18 -0.73 -32.73
CA ARG C 103 38.98 -1.33 -31.66
C ARG C 103 39.32 -0.53 -30.41
N VAL C 104 39.24 -1.21 -29.27
CA VAL C 104 39.64 -0.64 -27.99
C VAL C 104 40.63 -1.65 -27.41
N ALA C 105 41.77 -1.16 -26.95
CA ALA C 105 42.80 -2.03 -26.35
C ALA C 105 43.46 -1.35 -25.17
N VAL C 106 43.51 -2.06 -24.04
CA VAL C 106 44.13 -1.55 -22.83
C VAL C 106 44.83 -2.67 -22.06
N GLU C 107 45.68 -2.26 -21.11
CA GLU C 107 46.40 -3.22 -20.26
C GLU C 107 45.86 -3.13 -18.84
N VAL C 108 45.65 -4.28 -18.22
CA VAL C 108 45.13 -4.31 -16.85
C VAL C 108 46.01 -5.09 -15.85
N SER C 109 45.67 -4.97 -14.58
CA SER C 109 46.41 -5.65 -13.51
C SER C 109 46.43 -7.15 -13.73
N ARG C 110 45.26 -7.74 -13.96
CA ARG C 110 45.17 -9.18 -14.19
C ARG C 110 43.84 -9.65 -14.77
N LEU C 111 43.87 -10.83 -15.39
CA LEU C 111 42.70 -11.43 -16.02
C LEU C 111 42.23 -12.68 -15.26
N PRO C 112 41.08 -13.23 -15.64
CA PRO C 112 40.62 -14.42 -14.92
C PRO C 112 41.64 -15.55 -15.09
N LYS C 113 41.73 -16.45 -14.11
CA LYS C 113 42.68 -17.57 -14.16
C LYS C 113 44.05 -17.06 -14.61
N ASP C 114 44.38 -15.87 -14.12
CA ASP C 114 45.64 -15.19 -14.42
C ASP C 114 46.20 -15.36 -15.84
N VAL C 115 45.33 -15.29 -16.85
CA VAL C 115 45.78 -15.42 -18.24
C VAL C 115 46.42 -14.13 -18.76
N LEU C 116 46.93 -14.16 -19.99
CA LEU C 116 47.59 -12.98 -20.57
C LEU C 116 46.72 -12.09 -21.46
N ILE C 117 45.54 -12.57 -21.85
CA ILE C 117 44.68 -11.80 -22.73
C ILE C 117 43.20 -12.22 -22.69
N GLU C 118 42.32 -11.23 -22.74
CA GLU C 118 40.89 -11.49 -22.77
C GLU C 118 40.34 -10.61 -23.88
N ILE C 119 39.43 -11.16 -24.67
CA ILE C 119 38.83 -10.41 -25.76
C ILE C 119 37.31 -10.49 -25.77
N GLU C 120 36.66 -9.33 -25.78
CA GLU C 120 35.21 -9.31 -25.86
C GLU C 120 34.85 -8.80 -27.26
N ALA C 121 33.63 -9.06 -27.73
CA ALA C 121 33.27 -8.63 -29.07
C ALA C 121 31.78 -8.49 -29.29
N ILE C 122 31.44 -7.71 -30.32
CA ILE C 122 30.06 -7.45 -30.71
C ILE C 122 29.96 -7.64 -32.22
N ALA C 123 28.89 -8.31 -32.65
CA ALA C 123 28.67 -8.57 -34.06
C ALA C 123 27.26 -8.12 -34.44
N TYR C 124 27.10 -7.79 -35.72
CA TYR C 124 25.82 -7.32 -36.24
C TYR C 124 25.49 -8.05 -37.53
N LYS C 125 24.20 -8.33 -37.71
CA LYS C 125 23.74 -9.02 -38.91
C LYS C 125 22.30 -8.58 -39.13
N GLU C 126 22.03 -7.95 -40.28
CA GLU C 126 20.68 -7.51 -40.57
C GLU C 126 19.85 -8.64 -41.18
N MET D 1 18.80 19.72 -2.12
CA MET D 1 19.21 19.71 -3.55
C MET D 1 18.04 19.34 -4.47
N LYS D 2 18.24 19.47 -5.77
CA LYS D 2 17.19 19.16 -6.74
C LYS D 2 17.52 18.08 -7.78
N GLU D 3 16.62 17.12 -7.94
CA GLU D 3 16.75 16.04 -8.90
C GLU D 3 15.51 15.96 -9.78
N VAL D 4 15.72 15.76 -11.08
CA VAL D 4 14.61 15.63 -12.03
C VAL D 4 14.39 14.13 -12.24
N ILE D 5 13.21 13.65 -11.89
CA ILE D 5 12.87 12.24 -12.00
C ILE D 5 12.29 11.81 -13.36
N PHE D 6 12.67 10.62 -13.80
CA PHE D 6 12.13 10.07 -15.05
C PHE D 6 12.09 8.56 -15.00
N THR D 7 10.89 8.03 -15.13
CA THR D 7 10.66 6.58 -15.11
C THR D 7 9.84 6.18 -16.33
N GLU D 8 10.18 5.03 -16.92
CA GLU D 8 9.47 4.51 -18.07
C GLU D 8 8.15 3.86 -17.62
N ASN D 9 7.96 3.80 -16.30
CA ASN D 9 6.77 3.22 -15.71
C ASN D 9 5.61 4.19 -15.68
N ALA D 10 5.85 5.44 -16.06
CA ALA D 10 4.78 6.43 -16.10
C ALA D 10 4.84 7.07 -17.47
N PRO D 11 3.74 7.71 -17.90
CA PRO D 11 3.67 8.36 -19.21
C PRO D 11 4.78 9.37 -19.45
N LYS D 12 5.47 9.23 -20.57
CA LYS D 12 6.55 10.14 -20.92
C LYS D 12 5.98 11.49 -21.35
N PRO D 13 6.46 12.59 -20.74
CA PRO D 13 5.95 13.91 -21.10
C PRO D 13 6.40 14.33 -22.51
N ILE D 14 5.43 14.54 -23.40
CA ILE D 14 5.72 14.97 -24.76
C ILE D 14 6.11 16.45 -24.78
N GLY D 15 5.69 17.18 -23.75
CA GLY D 15 5.99 18.59 -23.66
C GLY D 15 7.34 18.89 -23.03
N PRO D 16 7.57 20.16 -22.66
CA PRO D 16 8.83 20.59 -22.03
C PRO D 16 8.91 20.44 -20.51
N TYR D 17 8.02 19.64 -19.91
CA TYR D 17 8.05 19.45 -18.47
C TYR D 17 8.53 18.05 -18.05
N SER D 18 8.68 17.84 -16.74
CA SER D 18 9.11 16.56 -16.19
C SER D 18 7.97 15.87 -15.45
N GLN D 19 8.10 14.55 -15.25
CA GLN D 19 7.10 13.74 -14.53
C GLN D 19 7.07 14.16 -13.07
N ALA D 20 8.24 14.49 -12.53
CA ALA D 20 8.40 14.92 -11.14
C ALA D 20 9.78 15.52 -10.82
N ILE D 21 9.80 16.47 -9.89
CA ILE D 21 11.03 17.12 -9.42
C ILE D 21 11.16 16.98 -7.90
N LYS D 22 12.32 16.54 -7.44
CA LYS D 22 12.54 16.41 -6.01
C LYS D 22 13.36 17.59 -5.55
N ALA D 23 12.82 18.33 -4.60
CA ALA D 23 13.49 19.51 -4.04
C ALA D 23 13.45 19.33 -2.52
N GLY D 24 14.63 19.17 -1.92
CA GLY D 24 14.67 18.96 -0.47
C GLY D 24 14.04 17.61 -0.18
N ASN D 25 13.22 17.55 0.86
CA ASN D 25 12.55 16.31 1.22
C ASN D 25 11.21 16.21 0.49
N PHE D 26 10.93 17.21 -0.35
CA PHE D 26 9.67 17.26 -1.08
C PHE D 26 9.72 16.74 -2.51
N LEU D 27 8.63 16.10 -2.93
CA LEU D 27 8.51 15.56 -4.28
C LEU D 27 7.29 16.20 -4.92
N PHE D 28 7.49 16.78 -6.10
CA PHE D 28 6.41 17.44 -6.84
C PHE D 28 6.14 16.67 -8.11
N ILE D 29 4.99 16.00 -8.13
CA ILE D 29 4.57 15.22 -9.27
C ILE D 29 3.71 16.03 -10.23
N ALA D 30 4.09 16.01 -11.50
CA ALA D 30 3.36 16.74 -12.54
C ALA D 30 1.97 16.13 -12.68
N GLY D 31 1.01 16.92 -13.18
CA GLY D 31 -0.33 16.41 -13.38
C GLY D 31 -0.30 15.16 -14.24
N GLN D 32 -0.93 14.08 -13.77
CA GLN D 32 -0.95 12.83 -14.50
C GLN D 32 -2.30 12.52 -15.12
N ILE D 33 -2.28 12.13 -16.40
CA ILE D 33 -3.50 11.79 -17.12
C ILE D 33 -3.57 10.28 -17.34
N PRO D 34 -4.77 9.76 -17.67
CA PRO D 34 -5.05 8.35 -17.90
C PRO D 34 -4.37 7.64 -19.05
N ILE D 35 -3.06 7.87 -19.22
CA ILE D 35 -2.32 7.20 -20.28
C ILE D 35 -1.68 5.94 -19.73
N ASP D 36 -1.79 4.84 -20.49
CA ASP D 36 -1.20 3.58 -20.08
C ASP D 36 0.20 3.53 -20.66
N PRO D 37 1.22 3.50 -19.79
CA PRO D 37 2.62 3.46 -20.26
C PRO D 37 2.99 2.26 -21.14
N LYS D 38 2.43 1.09 -20.84
CA LYS D 38 2.75 -0.10 -21.62
C LYS D 38 2.26 -0.03 -23.07
N THR D 39 1.11 0.62 -23.28
CA THR D 39 0.55 0.73 -24.62
C THR D 39 0.81 2.08 -25.32
N GLY D 40 0.89 3.15 -24.52
CA GLY D 40 1.13 4.47 -25.08
C GLY D 40 -0.13 5.24 -25.41
N GLU D 41 -1.29 4.66 -25.08
CA GLU D 41 -2.56 5.32 -25.36
C GLU D 41 -3.49 5.45 -24.16
N ILE D 42 -4.37 6.45 -24.23
CA ILE D 42 -5.34 6.72 -23.18
C ILE D 42 -6.22 5.48 -23.04
N VAL D 43 -6.47 5.04 -21.81
CA VAL D 43 -7.28 3.86 -21.58
C VAL D 43 -8.78 4.13 -21.79
N LYS D 44 -9.60 3.10 -21.60
CA LYS D 44 -11.05 3.19 -21.76
C LYS D 44 -11.66 4.46 -21.13
N GLY D 45 -12.81 4.87 -21.63
CA GLY D 45 -13.46 6.07 -21.11
C GLY D 45 -14.24 5.96 -19.82
N ASP D 46 -14.08 4.86 -19.09
CA ASP D 46 -14.78 4.68 -17.82
C ASP D 46 -14.05 5.48 -16.74
N ILE D 47 -14.80 6.20 -15.90
CA ILE D 47 -14.21 7.01 -14.84
C ILE D 47 -13.37 6.16 -13.88
N LYS D 48 -13.81 4.94 -13.63
CA LYS D 48 -13.09 4.05 -12.73
C LYS D 48 -11.79 3.57 -13.34
N ASP D 49 -11.82 3.26 -14.63
CA ASP D 49 -10.62 2.79 -15.31
C ASP D 49 -9.58 3.89 -15.42
N GLN D 50 -10.00 5.08 -15.83
CA GLN D 50 -9.09 6.21 -15.95
C GLN D 50 -8.50 6.63 -14.61
N THR D 51 -9.34 6.65 -13.57
CA THR D 51 -8.87 7.00 -12.24
C THR D 51 -7.77 6.06 -11.79
N ARG D 52 -7.97 4.77 -12.03
CA ARG D 52 -7.01 3.75 -11.63
C ARG D 52 -5.72 3.85 -12.43
N GLN D 53 -5.82 4.27 -13.69
CA GLN D 53 -4.64 4.38 -14.54
C GLN D 53 -3.79 5.55 -14.05
N VAL D 54 -4.47 6.67 -13.78
CA VAL D 54 -3.82 7.87 -13.27
C VAL D 54 -3.12 7.62 -11.94
N LEU D 55 -3.72 6.76 -11.11
CA LEU D 55 -3.18 6.42 -9.80
C LEU D 55 -2.01 5.44 -9.87
N GLU D 56 -2.02 4.57 -10.87
CA GLU D 56 -0.93 3.62 -11.04
C GLU D 56 0.31 4.38 -11.48
N ASN D 57 0.13 5.39 -12.34
CA ASN D 57 1.25 6.21 -12.81
C ASN D 57 1.87 6.97 -11.66
N ILE D 58 1.01 7.61 -10.86
CA ILE D 58 1.46 8.37 -9.71
C ILE D 58 2.25 7.43 -8.81
N LYS D 59 1.75 6.20 -8.67
CA LYS D 59 2.40 5.20 -7.84
C LYS D 59 3.79 4.90 -8.40
N ALA D 60 3.88 4.71 -9.72
CA ALA D 60 5.16 4.44 -10.37
C ALA D 60 6.16 5.58 -10.17
N ILE D 61 5.74 6.81 -10.45
CA ILE D 61 6.65 7.96 -10.28
C ILE D 61 7.12 8.02 -8.82
N LEU D 62 6.18 7.86 -7.90
CA LEU D 62 6.50 7.87 -6.48
C LEU D 62 7.60 6.85 -6.17
N GLU D 63 7.43 5.64 -6.68
CA GLU D 63 8.39 4.55 -6.49
C GLU D 63 9.75 4.87 -7.08
N ALA D 64 9.78 5.50 -8.25
CA ALA D 64 11.06 5.85 -8.86
C ALA D 64 11.74 6.94 -8.06
N ALA D 65 10.96 7.79 -7.40
CA ALA D 65 11.52 8.87 -6.59
C ALA D 65 11.96 8.45 -5.18
N GLY D 66 11.66 7.22 -4.79
CA GLY D 66 12.05 6.76 -3.46
C GLY D 66 11.00 7.06 -2.40
N TYR D 67 9.75 7.23 -2.83
CA TYR D 67 8.65 7.54 -1.92
C TYR D 67 7.61 6.43 -1.98
N SER D 68 6.66 6.44 -1.06
CA SER D 68 5.58 5.45 -1.07
C SER D 68 4.25 6.21 -1.11
N LEU D 69 3.15 5.48 -1.32
CA LEU D 69 1.86 6.13 -1.35
C LEU D 69 1.58 6.81 0.01
N ASN D 70 2.24 6.30 1.04
CA ASN D 70 2.10 6.81 2.41
C ASN D 70 2.87 8.11 2.68
N ASP D 71 3.68 8.52 1.72
CA ASP D 71 4.48 9.74 1.83
C ASP D 71 3.78 10.92 1.21
N VAL D 72 2.63 10.65 0.57
CA VAL D 72 1.85 11.70 -0.07
C VAL D 72 1.11 12.57 0.95
N ILE D 73 1.27 13.89 0.83
CA ILE D 73 0.65 14.83 1.76
C ILE D 73 -0.44 15.71 1.15
N LYS D 74 -0.38 15.93 -0.16
CA LYS D 74 -1.38 16.75 -0.81
C LYS D 74 -1.69 16.28 -2.23
N VAL D 75 -2.97 16.18 -2.55
CA VAL D 75 -3.38 15.76 -3.87
C VAL D 75 -4.43 16.70 -4.39
N THR D 76 -4.35 16.99 -5.68
CA THR D 76 -5.34 17.87 -6.30
C THR D 76 -5.90 17.04 -7.42
N VAL D 77 -7.23 16.95 -7.45
CA VAL D 77 -7.92 16.18 -8.48
C VAL D 77 -8.71 17.14 -9.35
N TYR D 78 -8.56 16.98 -10.66
CA TYR D 78 -9.28 17.80 -11.63
C TYR D 78 -10.22 16.88 -12.38
N LEU D 79 -11.51 17.12 -12.25
CA LEU D 79 -12.49 16.30 -12.93
C LEU D 79 -13.18 17.07 -14.06
N LYS D 80 -13.67 16.35 -15.06
CA LYS D 80 -14.36 17.00 -16.16
C LYS D 80 -15.86 16.99 -15.85
N ASP D 81 -16.28 16.03 -15.03
CA ASP D 81 -17.68 15.87 -14.63
C ASP D 81 -17.85 15.57 -13.13
N MET D 82 -18.57 16.45 -12.44
CA MET D 82 -18.83 16.31 -11.00
C MET D 82 -19.64 15.07 -10.65
N ASN D 83 -20.46 14.60 -11.58
CA ASN D 83 -21.27 13.41 -11.35
C ASN D 83 -20.39 12.16 -11.53
N ASP D 84 -19.13 12.27 -11.12
CA ASP D 84 -18.18 11.18 -11.23
C ASP D 84 -17.23 11.13 -10.03
N PHE D 85 -17.43 12.05 -9.09
CA PHE D 85 -16.59 12.13 -7.90
C PHE D 85 -16.83 10.98 -6.92
N ALA D 86 -17.64 10.00 -7.34
CA ALA D 86 -17.97 8.86 -6.50
C ALA D 86 -17.22 7.58 -6.85
N LYS D 87 -17.35 7.15 -8.11
CA LYS D 87 -16.66 5.95 -8.57
C LYS D 87 -15.16 6.20 -8.49
N MET D 88 -14.79 7.48 -8.60
CA MET D 88 -13.39 7.91 -8.53
C MET D 88 -12.89 7.74 -7.08
N ASN D 89 -13.72 8.17 -6.13
CA ASN D 89 -13.39 8.07 -4.72
C ASN D 89 -13.37 6.62 -4.26
N GLU D 90 -13.87 5.72 -5.10
CA GLU D 90 -13.90 4.30 -4.79
C GLU D 90 -12.52 3.64 -4.96
N VAL D 91 -11.87 3.97 -6.08
CA VAL D 91 -10.54 3.42 -6.38
C VAL D 91 -9.49 4.16 -5.60
N TYR D 92 -9.72 5.46 -5.45
CA TYR D 92 -8.83 6.34 -4.72
C TYR D 92 -8.56 5.81 -3.31
N ALA D 93 -9.60 5.36 -2.62
CA ALA D 93 -9.49 4.82 -1.27
C ALA D 93 -8.50 3.67 -1.20
N GLU D 94 -8.37 2.94 -2.30
CA GLU D 94 -7.45 1.82 -2.39
C GLU D 94 -5.99 2.24 -2.35
N TYR D 95 -5.71 3.44 -2.84
CA TYR D 95 -4.33 3.94 -2.86
C TYR D 95 -4.02 4.87 -1.71
N PHE D 96 -4.99 5.70 -1.34
CA PHE D 96 -4.77 6.67 -0.28
C PHE D 96 -5.60 6.50 0.97
N GLY D 97 -6.20 5.32 1.13
CA GLY D 97 -7.02 5.09 2.31
C GLY D 97 -6.23 4.97 3.59
N GLU D 98 -4.92 4.76 3.49
CA GLU D 98 -4.13 4.63 4.69
C GLU D 98 -3.32 5.88 5.02
N SER D 99 -2.88 6.61 4.00
CA SER D 99 -2.11 7.83 4.21
C SER D 99 -3.01 9.07 4.35
N LYS D 100 -4.15 9.04 3.67
CA LYS D 100 -5.13 10.12 3.69
C LYS D 100 -4.54 11.52 3.59
N PRO D 101 -4.00 11.88 2.42
CA PRO D 101 -3.39 13.19 2.19
C PRO D 101 -4.43 14.31 2.23
N ALA D 102 -3.97 15.55 2.22
CA ALA D 102 -4.89 16.68 2.17
C ALA D 102 -5.34 16.73 0.72
N ARG D 103 -6.62 17.00 0.47
CA ARG D 103 -7.10 17.04 -0.90
C ARG D 103 -7.97 18.21 -1.32
N VAL D 104 -7.88 18.51 -2.60
CA VAL D 104 -8.64 19.55 -3.26
C VAL D 104 -9.26 18.83 -4.46
N ALA D 105 -10.56 18.91 -4.61
CA ALA D 105 -11.25 18.26 -5.72
C ALA D 105 -12.09 19.33 -6.38
N VAL D 106 -11.89 19.52 -7.68
CA VAL D 106 -12.62 20.53 -8.41
C VAL D 106 -13.00 20.11 -9.82
N GLU D 107 -14.06 20.70 -10.36
CA GLU D 107 -14.48 20.39 -11.72
C GLU D 107 -14.01 21.52 -12.62
N VAL D 108 -13.31 21.15 -13.69
CA VAL D 108 -12.77 22.10 -14.65
C VAL D 108 -13.46 21.99 -16.00
N SER D 109 -13.23 22.98 -16.86
CA SER D 109 -13.83 23.01 -18.18
C SER D 109 -13.33 21.86 -19.05
N ARG D 110 -12.01 21.81 -19.24
CA ARG D 110 -11.42 20.73 -20.03
C ARG D 110 -10.03 20.36 -19.51
N LEU D 111 -9.65 19.11 -19.73
CA LEU D 111 -8.37 18.57 -19.31
C LEU D 111 -7.58 18.13 -20.54
N PRO D 112 -6.23 18.07 -20.43
CA PRO D 112 -5.39 17.66 -21.56
C PRO D 112 -5.90 16.41 -22.29
N LYS D 113 -5.84 16.42 -23.62
CA LYS D 113 -6.28 15.31 -24.46
C LYS D 113 -7.76 14.90 -24.23
N ASP D 114 -8.50 15.78 -23.56
CA ASP D 114 -9.93 15.58 -23.26
C ASP D 114 -10.22 14.44 -22.26
N VAL D 115 -9.23 14.05 -21.48
CA VAL D 115 -9.45 12.98 -20.51
C VAL D 115 -10.52 13.40 -19.49
N LEU D 116 -10.92 12.46 -18.65
CA LEU D 116 -11.95 12.74 -17.64
C LEU D 116 -11.38 13.17 -16.30
N ILE D 117 -10.10 12.85 -16.08
CA ILE D 117 -9.50 13.17 -14.80
C ILE D 117 -7.99 13.38 -14.87
N GLU D 118 -7.51 14.33 -14.08
CA GLU D 118 -6.09 14.64 -13.99
C GLU D 118 -5.77 14.82 -12.51
N ILE D 119 -4.68 14.22 -12.06
CA ILE D 119 -4.32 14.30 -10.66
C ILE D 119 -2.87 14.70 -10.44
N GLU D 120 -2.65 15.71 -9.61
CA GLU D 120 -1.28 16.14 -9.27
C GLU D 120 -1.11 15.82 -7.77
N ALA D 121 0.12 15.54 -7.35
CA ALA D 121 0.37 15.22 -5.95
C ALA D 121 1.73 15.69 -5.41
N ILE D 122 1.76 15.92 -4.11
CA ILE D 122 2.98 16.33 -3.46
C ILE D 122 3.27 15.33 -2.36
N ALA D 123 4.54 14.92 -2.26
CA ALA D 123 4.92 13.96 -1.24
C ALA D 123 6.08 14.51 -0.41
N TYR D 124 6.24 13.98 0.80
CA TYR D 124 7.27 14.42 1.72
C TYR D 124 7.90 13.20 2.35
N LYS D 125 9.21 13.22 2.47
CA LYS D 125 9.93 12.12 3.08
C LYS D 125 10.75 12.78 4.19
N GLU D 126 10.61 12.30 5.41
CA GLU D 126 11.35 12.88 6.53
C GLU D 126 12.85 12.60 6.39
N MET E 1 8.22 14.45 11.60
CA MET E 1 7.98 15.75 10.91
C MET E 1 6.81 15.66 9.94
N LYS E 2 6.06 14.55 10.00
CA LYS E 2 4.89 14.32 9.14
C LYS E 2 3.65 13.95 9.97
N GLU E 3 2.78 14.92 10.25
CA GLU E 3 1.59 14.64 11.05
C GLU E 3 0.27 15.13 10.49
N VAL E 4 -0.74 14.27 10.62
CA VAL E 4 -2.08 14.60 10.17
C VAL E 4 -2.74 15.46 11.26
N ILE E 5 -3.47 16.47 10.81
CA ILE E 5 -4.16 17.39 11.70
C ILE E 5 -5.65 17.10 11.68
N PHE E 6 -6.28 17.17 12.85
CA PHE E 6 -7.71 16.96 12.94
C PHE E 6 -8.29 17.77 14.07
N THR E 7 -9.33 18.54 13.77
CA THR E 7 -10.01 19.35 14.76
C THR E 7 -11.53 19.30 14.53
N GLU E 8 -12.27 19.16 15.62
CA GLU E 8 -13.73 19.13 15.53
C GLU E 8 -14.24 20.51 15.09
N ASN E 9 -13.37 21.52 15.18
CA ASN E 9 -13.72 22.89 14.81
C ASN E 9 -13.80 23.15 13.30
N ALA E 10 -13.49 22.16 12.47
CA ALA E 10 -13.56 22.37 11.02
C ALA E 10 -14.35 21.23 10.41
N PRO E 11 -14.86 21.42 9.18
CA PRO E 11 -15.64 20.36 8.52
C PRO E 11 -14.91 19.02 8.55
N LYS E 12 -15.61 17.96 8.95
CA LYS E 12 -15.00 16.64 9.03
C LYS E 12 -14.70 16.05 7.65
N PRO E 13 -13.49 15.50 7.48
CA PRO E 13 -13.16 14.91 6.18
C PRO E 13 -13.84 13.55 5.98
N ILE E 14 -14.73 13.50 4.99
CA ILE E 14 -15.45 12.28 4.64
C ILE E 14 -14.77 11.63 3.46
N GLY E 15 -14.00 10.59 3.73
CA GLY E 15 -13.30 9.91 2.67
C GLY E 15 -11.86 9.66 3.01
N PRO E 16 -11.08 9.17 2.04
CA PRO E 16 -9.67 8.87 2.25
C PRO E 16 -8.76 10.10 2.23
N TYR E 17 -9.08 11.10 3.04
CA TYR E 17 -8.25 12.30 3.11
C TYR E 17 -8.26 13.00 4.47
N SER E 18 -7.32 13.91 4.69
CA SER E 18 -7.24 14.62 5.96
C SER E 18 -7.56 16.11 5.84
N GLN E 19 -7.85 16.75 6.96
CA GLN E 19 -8.12 18.19 6.94
C GLN E 19 -6.83 18.91 6.57
N ALA E 20 -5.72 18.43 7.10
CA ALA E 20 -4.43 19.01 6.81
C ALA E 20 -3.30 18.06 7.18
N ILE E 21 -2.17 18.23 6.51
CA ILE E 21 -0.98 17.42 6.74
C ILE E 21 0.13 18.40 7.10
N LYS E 22 0.88 18.09 8.14
CA LYS E 22 1.99 18.93 8.54
C LYS E 22 3.25 18.18 8.08
N ALA E 23 4.05 18.82 7.21
CA ALA E 23 5.28 18.19 6.71
C ALA E 23 6.46 19.12 6.95
N GLY E 24 7.40 18.69 7.78
CA GLY E 24 8.51 19.55 8.10
C GLY E 24 7.90 20.79 8.72
N ASN E 25 8.25 21.96 8.20
CA ASN E 25 7.72 23.21 8.71
C ASN E 25 6.50 23.71 7.93
N PHE E 26 6.09 22.94 6.93
CA PHE E 26 4.93 23.33 6.13
C PHE E 26 3.65 22.66 6.59
N LEU E 27 2.54 23.36 6.37
CA LEU E 27 1.22 22.83 6.71
C LEU E 27 0.40 22.87 5.44
N PHE E 28 -0.03 21.72 4.96
CA PHE E 28 -0.84 21.69 3.75
C PHE E 28 -2.31 21.50 4.10
N ILE E 29 -3.13 22.49 3.76
CA ILE E 29 -4.55 22.44 4.09
C ILE E 29 -5.47 22.04 2.95
N ALA E 30 -6.25 21.01 3.21
CA ALA E 30 -7.18 20.50 2.22
C ALA E 30 -8.16 21.61 1.80
N GLY E 31 -8.72 21.46 0.60
CA GLY E 31 -9.67 22.44 0.13
C GLY E 31 -10.85 22.53 1.11
N GLN E 32 -11.18 23.75 1.53
CA GLN E 32 -12.28 23.96 2.46
C GLN E 32 -13.49 24.60 1.78
N ILE E 33 -14.67 24.07 2.07
CA ILE E 33 -15.90 24.62 1.54
C ILE E 33 -16.68 25.20 2.73
N PRO E 34 -17.66 26.07 2.45
CA PRO E 34 -18.50 26.74 3.46
C PRO E 34 -19.50 25.88 4.25
N ILE E 35 -18.98 24.98 5.06
CA ILE E 35 -19.81 24.12 5.90
C ILE E 35 -19.70 24.60 7.33
N ASP E 36 -20.82 24.65 8.02
CA ASP E 36 -20.85 25.05 9.41
C ASP E 36 -20.55 23.75 10.15
N PRO E 37 -19.34 23.61 10.69
CA PRO E 37 -19.00 22.38 11.42
C PRO E 37 -19.91 22.00 12.61
N LYS E 38 -20.43 22.99 13.32
CA LYS E 38 -21.31 22.71 14.45
C LYS E 38 -22.59 22.02 13.98
N THR E 39 -23.03 22.40 12.79
CA THR E 39 -24.27 21.86 12.23
C THR E 39 -24.04 20.89 11.08
N GLY E 40 -22.88 20.97 10.43
CA GLY E 40 -22.56 20.11 9.32
C GLY E 40 -23.26 20.46 8.02
N GLU E 41 -23.79 21.67 7.93
CA GLU E 41 -24.50 22.12 6.74
C GLU E 41 -23.85 23.36 6.14
N ILE E 42 -24.15 23.63 4.87
CA ILE E 42 -23.59 24.79 4.19
C ILE E 42 -24.28 26.04 4.74
N VAL E 43 -23.54 27.14 4.87
CA VAL E 43 -24.15 28.35 5.39
C VAL E 43 -25.09 29.00 4.38
N GLY E 45 -26.23 32.49 2.91
CA GLY E 45 -26.04 31.68 1.67
C GLY E 45 -25.34 32.44 0.55
N ASP E 46 -25.15 33.74 0.74
CA ASP E 46 -24.48 34.57 -0.25
C ASP E 46 -22.95 34.48 -0.12
N ILE E 47 -22.25 34.75 -1.22
CA ILE E 47 -20.79 34.69 -1.26
C ILE E 47 -20.08 35.29 -0.05
N LYS E 48 -20.50 36.47 0.39
CA LYS E 48 -19.88 37.11 1.54
C LYS E 48 -19.87 36.22 2.79
N ASP E 49 -20.95 35.47 2.97
CA ASP E 49 -21.09 34.57 4.10
C ASP E 49 -20.37 33.24 3.89
N GLN E 50 -20.46 32.68 2.68
CA GLN E 50 -19.77 31.43 2.38
C GLN E 50 -18.26 31.66 2.40
N THR E 51 -17.85 32.84 1.96
CA THR E 51 -16.43 33.17 1.96
C THR E 51 -15.93 33.33 3.39
N ARG E 52 -16.77 33.78 4.31
CA ARG E 52 -16.32 33.94 5.69
C ARG E 52 -16.24 32.61 6.46
N GLN E 53 -17.19 31.70 6.20
CA GLN E 53 -17.17 30.42 6.89
C GLN E 53 -15.97 29.59 6.43
N VAL E 54 -15.63 29.70 5.15
CA VAL E 54 -14.47 28.95 4.65
C VAL E 54 -13.22 29.44 5.36
N LEU E 55 -13.08 30.75 5.49
CA LEU E 55 -11.92 31.34 6.14
C LEU E 55 -11.89 30.97 7.62
N GLU E 56 -13.08 30.80 8.20
CA GLU E 56 -13.17 30.45 9.61
C GLU E 56 -12.68 29.02 9.77
N ASN E 57 -12.99 28.16 8.81
CA ASN E 57 -12.57 26.76 8.87
C ASN E 57 -11.07 26.65 8.70
N ILE E 58 -10.53 27.45 7.79
CA ILE E 58 -9.09 27.42 7.56
C ILE E 58 -8.35 27.86 8.81
N LYS E 59 -8.91 28.85 9.50
CA LYS E 59 -8.31 29.36 10.71
C LYS E 59 -8.38 28.34 11.86
N ALA E 60 -9.44 27.52 11.86
CA ALA E 60 -9.58 26.50 12.89
C ALA E 60 -8.47 25.50 12.68
N ILE E 61 -8.38 24.98 11.46
CA ILE E 61 -7.34 24.02 11.12
C ILE E 61 -5.97 24.63 11.46
N LEU E 62 -5.70 25.86 11.00
CA LEU E 62 -4.43 26.53 11.28
C LEU E 62 -4.09 26.54 12.76
N GLU E 63 -5.09 26.87 13.58
CA GLU E 63 -4.90 26.94 15.02
C GLU E 63 -4.69 25.57 15.67
N ALA E 64 -5.33 24.54 15.12
CA ALA E 64 -5.20 23.20 15.69
C ALA E 64 -3.80 22.63 15.48
N ALA E 65 -3.05 23.19 14.53
CA ALA E 65 -1.70 22.73 14.25
C ALA E 65 -0.63 23.61 14.89
N GLY E 66 -1.04 24.70 15.51
CA GLY E 66 -0.08 25.58 16.15
C GLY E 66 0.39 26.71 15.25
N TYR E 67 -0.33 26.93 14.15
CA TYR E 67 0.00 27.98 13.19
C TYR E 67 -1.00 29.12 13.35
N SER E 68 -0.72 30.24 12.69
CA SER E 68 -1.57 31.44 12.73
C SER E 68 -1.83 31.94 11.32
N LEU E 69 -2.71 32.93 11.18
CA LEU E 69 -2.99 33.46 9.86
C LEU E 69 -1.78 34.16 9.26
N ASN E 70 -0.81 34.53 10.10
CA ASN E 70 0.41 35.17 9.63
C ASN E 70 1.38 34.16 9.01
N ASP E 71 1.11 32.88 9.24
CA ASP E 71 1.97 31.83 8.73
C ASP E 71 1.61 31.43 7.29
N VAL E 72 0.40 31.81 6.87
CA VAL E 72 -0.07 31.47 5.53
C VAL E 72 0.81 32.13 4.47
N ILE E 73 1.29 31.34 3.51
CA ILE E 73 2.15 31.87 2.47
C ILE E 73 1.53 31.79 1.07
N LYS E 74 0.58 30.87 0.89
CA LYS E 74 -0.06 30.73 -0.40
C LYS E 74 -1.50 30.24 -0.27
N VAL E 75 -2.39 30.97 -0.91
CA VAL E 75 -3.81 30.67 -0.89
C VAL E 75 -4.31 30.46 -2.31
N THR E 76 -5.12 29.42 -2.51
CA THR E 76 -5.67 29.20 -3.83
C THR E 76 -7.17 29.33 -3.68
N VAL E 77 -7.78 30.17 -4.51
CA VAL E 77 -9.23 30.37 -4.42
C VAL E 77 -9.98 29.89 -5.63
N TYR E 78 -11.05 29.14 -5.39
CA TYR E 78 -11.87 28.65 -6.48
C TYR E 78 -13.25 29.30 -6.40
N LEU E 79 -13.61 30.05 -7.43
CA LEU E 79 -14.90 30.72 -7.48
C LEU E 79 -15.82 30.05 -8.48
N LYS E 80 -17.12 30.24 -8.29
CA LYS E 80 -18.14 29.68 -9.15
C LYS E 80 -18.80 30.80 -9.96
N ASP E 81 -18.03 31.45 -10.83
CA ASP E 81 -18.53 32.53 -11.67
C ASP E 81 -19.29 33.61 -10.89
N ALA E 86 -14.83 40.08 -5.90
CA ALA E 86 -15.05 41.55 -5.64
C ALA E 86 -15.46 41.76 -4.19
N LYS E 87 -16.65 41.28 -3.84
CA LYS E 87 -17.14 41.41 -2.47
C LYS E 87 -16.42 40.35 -1.63
N MET E 88 -15.95 39.30 -2.31
CA MET E 88 -15.25 38.20 -1.65
C MET E 88 -13.84 38.63 -1.22
N ASN E 89 -13.42 39.80 -1.66
CA ASN E 89 -12.12 40.32 -1.29
C ASN E 89 -12.25 41.16 -0.02
N GLU E 90 -13.46 41.62 0.27
CA GLU E 90 -13.69 42.42 1.47
C GLU E 90 -13.42 41.55 2.69
N VAL E 91 -14.03 40.37 2.72
CA VAL E 91 -13.85 39.46 3.83
C VAL E 91 -12.43 38.93 3.79
N TYR E 92 -11.94 38.68 2.59
CA TYR E 92 -10.59 38.17 2.42
C TYR E 92 -9.53 39.05 3.10
N ALA E 93 -9.69 40.37 2.98
CA ALA E 93 -8.75 41.31 3.57
C ALA E 93 -8.83 41.39 5.08
N GLU E 94 -9.96 40.97 5.65
CA GLU E 94 -10.10 41.01 7.10
C GLU E 94 -9.19 39.98 7.73
N TYR E 95 -9.06 38.85 7.06
CA TYR E 95 -8.24 37.74 7.51
C TYR E 95 -6.78 37.80 7.08
N PHE E 96 -6.54 38.14 5.82
CA PHE E 96 -5.19 38.19 5.31
C PHE E 96 -4.59 39.59 5.16
N GLY E 97 -5.22 40.57 5.80
CA GLY E 97 -4.76 41.94 5.74
C GLY E 97 -3.34 42.16 6.26
N GLU E 98 -2.93 41.35 7.23
CA GLU E 98 -1.59 41.49 7.77
C GLU E 98 -0.66 40.47 7.11
N SER E 99 -1.09 39.21 7.07
CA SER E 99 -0.32 38.11 6.46
C SER E 99 0.01 38.36 4.98
N LYS E 100 -0.97 38.88 4.23
CA LYS E 100 -0.78 39.18 2.82
C LYS E 100 -0.01 38.08 2.07
N PRO E 101 -0.56 36.87 2.01
CA PRO E 101 0.10 35.76 1.32
C PRO E 101 0.00 35.86 -0.20
N ALA E 102 0.62 34.90 -0.88
CA ALA E 102 0.59 34.84 -2.33
C ALA E 102 -0.73 34.17 -2.68
N ARG E 103 -1.46 34.73 -3.63
CA ARG E 103 -2.75 34.17 -3.96
C ARG E 103 -2.91 33.82 -5.42
N VAL E 104 -3.76 32.85 -5.68
CA VAL E 104 -4.08 32.40 -7.02
C VAL E 104 -5.58 32.28 -6.98
N ALA E 105 -6.25 32.81 -8.00
CA ALA E 105 -7.70 32.76 -8.05
C ALA E 105 -8.20 32.44 -9.44
N VAL E 106 -9.10 31.47 -9.51
CA VAL E 106 -9.66 31.10 -10.79
C VAL E 106 -11.15 30.85 -10.63
N GLU E 107 -11.84 30.78 -11.76
CA GLU E 107 -13.26 30.54 -11.78
C GLU E 107 -13.45 29.20 -12.46
N VAL E 108 -14.37 28.41 -11.93
CA VAL E 108 -14.64 27.09 -12.50
C VAL E 108 -16.13 26.86 -12.70
N SER E 109 -16.44 25.71 -13.28
CA SER E 109 -17.82 25.33 -13.57
C SER E 109 -18.62 25.06 -12.29
N ARG E 110 -18.16 24.10 -11.51
CA ARG E 110 -18.83 23.74 -10.27
C ARG E 110 -17.83 23.34 -9.18
N LEU E 111 -18.27 23.46 -7.93
CA LEU E 111 -17.46 23.09 -6.77
C LEU E 111 -18.21 22.00 -6.01
N PRO E 112 -17.52 21.29 -5.10
CA PRO E 112 -18.19 20.21 -4.34
C PRO E 112 -19.50 20.69 -3.72
N LYS E 113 -20.49 19.81 -3.67
CA LYS E 113 -21.80 20.13 -3.12
C LYS E 113 -22.40 21.39 -3.73
N ASP E 114 -21.96 21.72 -4.95
CA ASP E 114 -22.44 22.90 -5.68
C ASP E 114 -22.36 24.15 -4.82
N VAL E 115 -21.20 24.33 -4.18
CA VAL E 115 -20.95 25.46 -3.32
C VAL E 115 -20.48 26.63 -4.18
N LEU E 116 -20.44 27.83 -3.60
CA LEU E 116 -19.99 29.01 -4.32
C LEU E 116 -18.47 29.21 -4.35
N ILE E 117 -17.79 28.88 -3.26
CA ILE E 117 -16.34 29.06 -3.17
C ILE E 117 -15.65 27.96 -2.39
N GLU E 118 -14.41 27.69 -2.78
CA GLU E 118 -13.56 26.69 -2.13
C GLU E 118 -12.17 27.31 -2.04
N ILE E 119 -11.46 27.04 -0.95
CA ILE E 119 -10.13 27.60 -0.77
C ILE E 119 -9.14 26.63 -0.16
N GLU E 120 -7.94 26.57 -0.74
CA GLU E 120 -6.88 25.74 -0.21
C GLU E 120 -5.75 26.69 0.21
N ALA E 121 -4.90 26.26 1.13
CA ALA E 121 -3.82 27.12 1.59
C ALA E 121 -2.62 26.37 2.15
N ILE E 122 -1.46 26.99 2.04
CA ILE E 122 -0.24 26.41 2.58
C ILE E 122 0.29 27.41 3.59
N ALA E 123 0.79 26.92 4.71
CA ALA E 123 1.31 27.78 5.74
C ALA E 123 2.75 27.33 6.03
N TYR E 124 3.52 28.27 6.59
CA TYR E 124 4.90 28.01 6.94
C TYR E 124 5.24 28.59 8.31
N LYS E 125 5.83 27.77 9.16
CA LYS E 125 6.25 28.18 10.48
C LYS E 125 7.69 27.69 10.65
N LYS F 2 9.46 33.64 7.05
CA LYS F 2 8.56 34.10 5.96
C LYS F 2 9.00 35.48 5.48
N GLU F 3 9.32 35.58 4.20
CA GLU F 3 9.76 36.85 3.65
C GLU F 3 8.95 37.21 2.40
N VAL F 4 8.47 38.45 2.34
CA VAL F 4 7.69 38.90 1.20
C VAL F 4 8.61 39.54 0.15
N ILE F 5 8.41 39.18 -1.11
CA ILE F 5 9.21 39.74 -2.19
C ILE F 5 8.34 40.74 -2.92
N PHE F 6 8.97 41.81 -3.39
CA PHE F 6 8.28 42.82 -4.16
C PHE F 6 9.26 43.40 -5.16
N THR F 7 8.76 43.82 -6.31
CA THR F 7 9.58 44.41 -7.34
C THR F 7 8.68 45.21 -8.29
N GLU F 8 9.13 46.37 -8.74
CA GLU F 8 8.31 47.15 -9.66
C GLU F 8 8.36 46.49 -11.02
N ASN F 9 9.31 45.58 -11.19
CA ASN F 9 9.49 44.84 -12.42
C ASN F 9 8.29 43.95 -12.74
N ALA F 10 7.35 43.85 -11.81
CA ALA F 10 6.16 43.01 -12.05
C ALA F 10 4.89 43.57 -11.41
N PRO F 11 3.72 43.18 -11.93
CA PRO F 11 2.45 43.65 -11.40
C PRO F 11 2.36 43.34 -9.91
N LYS F 12 1.34 43.90 -9.27
CA LYS F 12 1.11 43.67 -7.85
C LYS F 12 -0.29 44.12 -7.50
N PRO F 13 -1.24 43.18 -7.45
CA PRO F 13 -2.62 43.52 -7.12
C PRO F 13 -2.74 44.24 -5.78
N ILE F 14 -3.19 45.49 -5.83
CA ILE F 14 -3.36 46.33 -4.65
C ILE F 14 -4.15 45.67 -3.53
N GLY F 15 -3.68 45.85 -2.30
CA GLY F 15 -4.36 45.27 -1.16
C GLY F 15 -3.51 44.29 -0.36
N PRO F 16 -4.11 43.23 0.22
CA PRO F 16 -3.38 42.23 1.01
C PRO F 16 -2.85 41.02 0.22
N TYR F 17 -2.09 41.29 -0.83
CA TYR F 17 -1.50 40.25 -1.66
C TYR F 17 -0.02 40.53 -1.89
N SER F 18 0.78 39.49 -2.00
CA SER F 18 2.21 39.65 -2.25
C SER F 18 2.45 39.02 -3.61
N GLN F 19 3.50 39.49 -4.29
CA GLN F 19 3.85 38.96 -5.58
C GLN F 19 4.40 37.57 -5.41
N ALA F 20 5.02 37.37 -4.25
CA ALA F 20 5.62 36.10 -3.90
C ALA F 20 6.05 36.08 -2.44
N ILE F 21 6.16 34.89 -1.87
CA ILE F 21 6.61 34.75 -0.50
C ILE F 21 7.76 33.76 -0.48
N LYS F 22 8.75 34.03 0.35
CA LYS F 22 9.91 33.17 0.47
C LYS F 22 9.74 32.43 1.80
N ALA F 23 9.66 31.10 1.72
CA ALA F 23 9.51 30.29 2.92
C ALA F 23 10.59 29.23 2.89
N GLY F 24 11.69 29.48 3.58
CA GLY F 24 12.79 28.54 3.60
C GLY F 24 13.53 28.67 2.28
N ASN F 25 13.77 27.55 1.60
CA ASN F 25 14.46 27.58 0.33
C ASN F 25 13.46 27.66 -0.82
N PHE F 26 12.18 27.58 -0.47
CA PHE F 26 11.12 27.61 -1.46
C PHE F 26 10.55 29.01 -1.72
N LEU F 27 10.25 29.29 -2.97
CA LEU F 27 9.68 30.57 -3.32
C LEU F 27 8.33 30.29 -3.96
N PHE F 28 7.28 30.78 -3.32
CA PHE F 28 5.93 30.62 -3.83
C PHE F 28 5.53 31.91 -4.54
N ILE F 29 5.32 31.82 -5.83
CA ILE F 29 4.93 32.99 -6.62
C ILE F 29 3.43 33.04 -6.85
N ALA F 30 2.85 34.20 -6.55
CA ALA F 30 1.42 34.41 -6.72
C ALA F 30 1.05 34.14 -8.18
N GLY F 31 -0.24 34.01 -8.46
CA GLY F 31 -0.66 33.78 -9.83
C GLY F 31 -0.41 35.02 -10.67
N GLN F 32 0.25 34.86 -11.79
CA GLN F 32 0.55 36.00 -12.65
C GLN F 32 -0.36 36.10 -13.88
N ILE F 33 -0.86 37.31 -14.12
CA ILE F 33 -1.72 37.57 -15.27
C ILE F 33 -0.97 38.46 -16.26
N PRO F 34 -1.40 38.48 -17.52
CA PRO F 34 -0.77 39.28 -18.58
C PRO F 34 -0.91 40.79 -18.48
N ILE F 35 -0.42 41.36 -17.38
CA ILE F 35 -0.44 42.80 -17.16
C ILE F 35 0.99 43.36 -17.28
N ASP F 36 1.13 44.49 -17.97
CA ASP F 36 2.41 45.16 -18.18
C ASP F 36 2.73 46.08 -16.98
N PRO F 37 3.76 45.74 -16.19
CA PRO F 37 4.17 46.51 -15.02
C PRO F 37 4.34 48.01 -15.20
N LYS F 38 4.63 48.44 -16.42
CA LYS F 38 4.80 49.86 -16.69
C LYS F 38 3.47 50.60 -16.76
N THR F 39 2.65 50.25 -17.76
CA THR F 39 1.36 50.90 -17.97
C THR F 39 0.28 50.47 -16.97
N GLY F 40 0.35 49.22 -16.51
CA GLY F 40 -0.65 48.72 -15.60
C GLY F 40 -1.81 48.14 -16.39
N GLU F 41 -1.71 48.24 -17.71
CA GLU F 41 -2.74 47.73 -18.62
C GLU F 41 -2.47 46.29 -19.04
N ILE F 42 -3.53 45.55 -19.39
CA ILE F 42 -3.38 44.16 -19.81
C ILE F 42 -2.92 44.04 -21.26
N VAL F 43 -1.68 43.61 -21.45
CA VAL F 43 -1.13 43.47 -22.79
C VAL F 43 -2.18 42.81 -23.69
N LYS F 44 -2.83 43.61 -24.51
CA LYS F 44 -3.85 43.09 -25.42
C LYS F 44 -3.20 42.26 -26.51
N GLY F 45 -3.78 41.11 -26.79
CA GLY F 45 -3.25 40.25 -27.83
C GLY F 45 -3.89 38.87 -27.81
N ASP F 46 -3.22 37.93 -28.45
CA ASP F 46 -3.70 36.57 -28.50
C ASP F 46 -3.09 35.81 -27.33
N ILE F 47 -3.27 34.49 -27.32
CA ILE F 47 -2.75 33.67 -26.26
C ILE F 47 -1.22 33.74 -26.18
N LYS F 48 -0.58 33.85 -27.34
CA LYS F 48 0.88 33.90 -27.40
C LYS F 48 1.51 35.10 -26.70
N ASP F 49 0.84 36.25 -26.78
CA ASP F 49 1.34 37.47 -26.17
C ASP F 49 1.05 37.60 -24.69
N GLN F 50 -0.03 36.99 -24.22
CA GLN F 50 -0.34 37.05 -22.81
C GLN F 50 0.55 36.06 -22.08
N THR F 51 0.89 34.95 -22.75
CA THR F 51 1.76 33.94 -22.16
C THR F 51 3.13 34.55 -21.88
N ARG F 52 3.62 35.28 -22.87
CA ARG F 52 4.93 35.93 -22.80
C ARG F 52 5.00 36.96 -21.69
N GLN F 53 3.93 37.72 -21.50
CA GLN F 53 3.93 38.75 -20.46
C GLN F 53 3.93 38.10 -19.08
N VAL F 54 3.12 37.06 -18.91
CA VAL F 54 3.04 36.35 -17.64
C VAL F 54 4.42 35.77 -17.33
N LEU F 55 5.01 35.10 -18.31
CA LEU F 55 6.35 34.53 -18.14
C LEU F 55 7.40 35.55 -17.77
N GLU F 56 7.27 36.77 -18.30
CA GLU F 56 8.22 37.84 -18.01
C GLU F 56 8.06 38.30 -16.57
N ASN F 57 6.80 38.45 -16.15
CA ASN F 57 6.52 38.88 -14.80
C ASN F 57 7.03 37.84 -13.81
N ILE F 58 6.93 36.55 -14.18
CA ILE F 58 7.42 35.46 -13.34
C ILE F 58 8.94 35.57 -13.21
N LYS F 59 9.61 35.80 -14.34
CA LYS F 59 11.06 35.96 -14.37
C LYS F 59 11.49 37.16 -13.52
N ALA F 60 10.75 38.27 -13.61
CA ALA F 60 11.08 39.44 -12.83
C ALA F 60 10.99 39.18 -11.33
N ILE F 61 10.00 38.39 -10.92
CA ILE F 61 9.83 38.09 -9.51
C ILE F 61 10.92 37.16 -9.00
N LEU F 62 11.24 36.13 -9.78
CA LEU F 62 12.29 35.19 -9.41
C LEU F 62 13.57 35.98 -9.18
N GLU F 63 13.88 36.87 -10.13
CA GLU F 63 15.06 37.72 -10.05
C GLU F 63 15.05 38.56 -8.77
N ALA F 64 13.92 39.21 -8.51
CA ALA F 64 13.80 40.04 -7.32
C ALA F 64 14.12 39.23 -6.06
N ALA F 65 13.79 37.94 -6.10
CA ALA F 65 14.02 37.04 -4.97
C ALA F 65 15.39 36.37 -4.95
N GLY F 66 16.17 36.58 -6.00
CA GLY F 66 17.49 35.98 -6.08
C GLY F 66 17.50 34.61 -6.74
N TYR F 67 16.39 34.27 -7.40
CA TYR F 67 16.27 32.98 -8.06
C TYR F 67 16.38 33.17 -9.57
N SER F 68 16.37 32.06 -10.29
CA SER F 68 16.44 32.12 -11.74
C SER F 68 15.41 31.18 -12.34
N LEU F 69 15.25 31.23 -13.65
CA LEU F 69 14.29 30.38 -14.32
C LEU F 69 14.45 28.87 -14.09
N ASN F 70 15.68 28.38 -13.95
CA ASN F 70 15.84 26.95 -13.72
C ASN F 70 15.76 26.51 -12.25
N ASP F 71 15.38 27.45 -11.38
CA ASP F 71 15.20 27.15 -9.96
C ASP F 71 13.72 26.75 -9.79
N VAL F 72 12.93 26.97 -10.84
CA VAL F 72 11.51 26.64 -10.86
C VAL F 72 11.35 25.13 -10.89
N ILE F 73 10.57 24.61 -9.94
CA ILE F 73 10.35 23.16 -9.84
C ILE F 73 8.92 22.75 -10.16
N LYS F 74 7.96 23.65 -10.01
CA LYS F 74 6.58 23.31 -10.30
C LYS F 74 5.83 24.50 -10.89
N VAL F 75 5.03 24.25 -11.92
CA VAL F 75 4.26 25.31 -12.56
C VAL F 75 2.83 24.83 -12.79
N THR F 76 1.86 25.73 -12.59
CA THR F 76 0.48 25.39 -12.86
C THR F 76 -0.04 26.44 -13.82
N VAL F 77 -0.50 26.00 -14.98
CA VAL F 77 -1.01 26.89 -16.00
C VAL F 77 -2.53 26.84 -16.06
N TYR F 78 -3.16 28.01 -15.97
CA TYR F 78 -4.61 28.13 -16.06
C TYR F 78 -4.98 28.84 -17.36
N LEU F 79 -5.70 28.15 -18.23
CA LEU F 79 -6.12 28.75 -19.50
C LEU F 79 -7.62 29.01 -19.54
N LYS F 80 -8.02 29.90 -20.44
CA LYS F 80 -9.43 30.28 -20.60
C LYS F 80 -9.98 29.74 -21.93
N MET F 88 -0.36 27.25 -22.67
CA MET F 88 0.90 27.99 -22.93
C MET F 88 1.67 27.39 -24.12
N ASN F 89 2.54 26.42 -23.82
CA ASN F 89 3.35 25.73 -24.82
C ASN F 89 4.15 26.72 -25.67
N GLU F 90 4.95 26.18 -26.58
CA GLU F 90 5.75 26.98 -27.50
C GLU F 90 6.50 28.10 -26.77
N VAL F 91 5.79 29.18 -26.45
CA VAL F 91 6.37 30.32 -25.72
C VAL F 91 6.93 29.75 -24.42
N TYR F 92 6.13 28.89 -23.81
CA TYR F 92 6.48 28.21 -22.57
C TYR F 92 7.83 27.51 -22.74
N ALA F 93 8.00 26.78 -23.84
CA ALA F 93 9.25 26.07 -24.09
C ALA F 93 10.46 26.99 -24.12
N GLU F 94 10.23 28.26 -24.45
CA GLU F 94 11.31 29.24 -24.52
C GLU F 94 11.93 29.56 -23.18
N TYR F 95 11.12 29.79 -22.16
CA TYR F 95 11.64 30.13 -20.84
C TYR F 95 12.08 28.90 -20.04
N PHE F 96 11.39 27.80 -20.25
CA PHE F 96 11.71 26.57 -19.54
C PHE F 96 12.37 25.56 -20.46
N GLY F 97 13.64 25.82 -20.80
CA GLY F 97 14.38 24.92 -21.65
C GLY F 97 15.37 24.14 -20.82
N GLU F 98 16.28 24.85 -20.18
CA GLU F 98 17.30 24.23 -19.33
C GLU F 98 16.61 23.68 -18.09
N SER F 99 15.40 24.19 -17.85
CA SER F 99 14.59 23.77 -16.72
C SER F 99 13.34 23.09 -17.26
N LYS F 100 13.00 21.94 -16.68
CA LYS F 100 11.81 21.21 -17.09
C LYS F 100 11.04 20.99 -15.80
N PRO F 101 10.22 21.98 -15.41
CA PRO F 101 9.44 21.84 -14.16
C PRO F 101 8.27 20.88 -14.28
N ALA F 102 7.80 20.41 -13.14
CA ALA F 102 6.63 19.55 -13.10
C ALA F 102 5.53 20.48 -13.61
N ARG F 103 4.62 19.97 -14.42
CA ARG F 103 3.57 20.79 -15.00
C ARG F 103 2.15 20.30 -14.78
N VAL F 104 1.26 21.26 -14.62
CA VAL F 104 -0.15 20.98 -14.47
C VAL F 104 -0.81 22.02 -15.34
N ALA F 105 -1.66 21.56 -16.25
CA ALA F 105 -2.39 22.44 -17.16
C ALA F 105 -3.85 22.04 -17.21
N VAL F 106 -4.72 22.99 -16.88
CA VAL F 106 -6.16 22.75 -16.90
C VAL F 106 -6.85 23.97 -17.50
N GLU F 107 -8.02 23.75 -18.08
CA GLU F 107 -8.81 24.84 -18.66
C GLU F 107 -9.87 25.21 -17.65
N VAL F 108 -10.00 26.50 -17.37
CA VAL F 108 -10.99 26.97 -16.42
C VAL F 108 -12.01 27.85 -17.15
N SER F 109 -13.06 28.28 -16.45
CA SER F 109 -14.12 29.07 -17.05
C SER F 109 -13.80 30.54 -17.32
N ARG F 110 -13.06 31.16 -16.41
CA ARG F 110 -12.73 32.57 -16.55
C ARG F 110 -11.63 32.91 -15.56
N LEU F 111 -10.81 33.89 -15.90
CA LEU F 111 -9.73 34.30 -15.02
C LEU F 111 -9.95 35.76 -14.64
N PRO F 112 -9.27 36.22 -13.57
CA PRO F 112 -9.43 37.61 -13.15
C PRO F 112 -9.28 38.57 -14.32
N LYS F 113 -10.10 39.63 -14.31
CA LYS F 113 -10.06 40.64 -15.36
C LYS F 113 -10.29 40.04 -16.74
N ASP F 114 -10.98 38.90 -16.77
CA ASP F 114 -11.27 38.17 -18.01
C ASP F 114 -10.01 38.13 -18.88
N VAL F 115 -9.08 37.29 -18.46
CA VAL F 115 -7.80 37.12 -19.13
C VAL F 115 -7.71 35.70 -19.70
N LEU F 116 -6.88 35.51 -20.72
CA LEU F 116 -6.74 34.21 -21.36
C LEU F 116 -5.81 33.21 -20.65
N ILE F 117 -5.05 33.68 -19.67
CA ILE F 117 -4.12 32.80 -18.98
C ILE F 117 -3.54 33.35 -17.68
N GLU F 118 -3.36 32.46 -16.72
CA GLU F 118 -2.78 32.80 -15.43
C GLU F 118 -1.81 31.65 -15.08
N ILE F 119 -0.66 32.00 -14.51
CA ILE F 119 0.30 30.98 -14.15
C ILE F 119 0.90 31.21 -12.77
N GLU F 120 0.99 30.12 -12.01
CA GLU F 120 1.57 30.15 -10.67
C GLU F 120 2.80 29.24 -10.72
N ALA F 121 3.80 29.53 -9.91
CA ALA F 121 5.01 28.73 -9.90
C ALA F 121 5.59 28.56 -8.50
N ILE F 122 6.50 27.60 -8.39
CA ILE F 122 7.17 27.29 -7.15
C ILE F 122 8.62 27.09 -7.52
N ALA F 123 9.52 27.56 -6.68
CA ALA F 123 10.95 27.42 -6.94
C ALA F 123 11.71 27.02 -5.69
N TYR F 124 12.84 26.36 -5.92
CA TYR F 124 13.70 25.88 -4.86
C TYR F 124 15.09 26.41 -5.13
N LYS F 125 15.80 26.77 -4.08
CA LYS F 125 17.17 27.29 -4.19
C LYS F 125 17.91 26.74 -3.00
N GLU F 126 19.01 26.02 -3.26
CA GLU F 126 19.83 25.43 -2.21
C GLU F 126 20.22 26.43 -1.12
N LYS G 2 -34.79 5.94 43.01
CA LYS G 2 -35.79 6.25 41.94
C LYS G 2 -36.71 7.42 42.30
N GLU G 3 -36.58 8.52 41.56
CA GLU G 3 -37.40 9.69 41.78
C GLU G 3 -38.11 10.08 40.48
N VAL G 4 -39.41 10.33 40.57
CA VAL G 4 -40.19 10.71 39.41
C VAL G 4 -40.35 12.23 39.45
N ILE G 5 -39.76 12.91 38.47
CA ILE G 5 -39.77 14.35 38.37
C ILE G 5 -41.03 14.91 37.72
N PHE G 6 -41.44 16.09 38.17
CA PHE G 6 -42.58 16.77 37.59
C PHE G 6 -42.41 18.27 37.74
N THR G 7 -42.68 18.99 36.65
CA THR G 7 -42.56 20.44 36.64
C THR G 7 -43.57 21.05 35.68
N GLU G 8 -44.10 22.20 36.07
CA GLU G 8 -45.08 22.90 35.25
C GLU G 8 -44.44 23.57 34.05
N ASN G 9 -43.11 23.54 33.99
CA ASN G 9 -42.36 24.15 32.90
C ASN G 9 -42.32 23.28 31.64
N ALA G 10 -42.69 22.00 31.77
CA ALA G 10 -42.74 21.07 30.65
C ALA G 10 -44.17 20.58 30.54
N PRO G 11 -44.59 20.14 29.34
CA PRO G 11 -45.96 19.65 29.15
C PRO G 11 -46.45 18.62 30.16
N LYS G 12 -47.71 18.78 30.56
CA LYS G 12 -48.34 17.89 31.51
C LYS G 12 -48.65 16.56 30.82
N PRO G 13 -48.06 15.46 31.32
CA PRO G 13 -48.31 14.17 30.69
C PRO G 13 -49.74 13.64 30.89
N ILE G 14 -50.32 13.20 29.78
CA ILE G 14 -51.66 12.64 29.77
C ILE G 14 -51.52 11.11 29.73
N GLY G 15 -52.03 10.45 30.75
CA GLY G 15 -51.94 9.00 30.81
C GLY G 15 -51.08 8.51 31.97
N PRO G 16 -50.84 7.18 32.06
CA PRO G 16 -50.03 6.62 33.14
C PRO G 16 -48.51 6.78 33.01
N TYR G 17 -48.04 7.99 32.68
CA TYR G 17 -46.59 8.18 32.56
C TYR G 17 -46.06 9.50 33.11
N SER G 18 -44.77 9.51 33.43
CA SER G 18 -44.11 10.68 33.98
C SER G 18 -43.27 11.42 32.95
N GLN G 19 -42.94 12.67 33.26
CA GLN G 19 -42.12 13.49 32.38
C GLN G 19 -40.73 12.92 32.36
N ALA G 20 -40.29 12.42 33.51
CA ALA G 20 -38.97 11.82 33.61
C ALA G 20 -38.79 11.02 34.90
N ILE G 21 -37.83 10.09 34.86
CA ILE G 21 -37.53 9.27 36.01
C ILE G 21 -36.03 9.29 36.29
N LYS G 22 -35.69 9.67 37.51
CA LYS G 22 -34.32 9.71 37.95
C LYS G 22 -34.07 8.40 38.69
N ALA G 23 -33.22 7.54 38.14
CA ALA G 23 -32.91 6.26 38.76
C ALA G 23 -31.39 6.16 38.76
N GLY G 24 -30.79 6.20 39.95
CA GLY G 24 -29.35 6.14 40.04
C GLY G 24 -28.88 7.49 39.55
N ASN G 25 -27.76 7.53 38.83
CA ASN G 25 -27.26 8.81 38.34
C ASN G 25 -27.79 9.14 36.95
N PHE G 26 -28.62 8.26 36.41
CA PHE G 26 -29.20 8.48 35.08
C PHE G 26 -30.56 9.16 35.14
N LEU G 27 -30.86 9.95 34.12
CA LEU G 27 -32.16 10.62 34.04
C LEU G 27 -32.85 10.18 32.73
N PHE G 28 -34.04 9.59 32.83
CA PHE G 28 -34.77 9.12 31.67
C PHE G 28 -35.96 10.01 31.37
N ILE G 29 -35.86 10.82 30.33
CA ILE G 29 -36.94 11.73 29.94
C ILE G 29 -37.85 11.06 28.90
N ALA G 30 -39.15 11.22 29.06
CA ALA G 30 -40.11 10.64 28.14
C ALA G 30 -40.09 11.43 26.84
N GLY G 31 -40.74 10.90 25.82
CA GLY G 31 -40.78 11.56 24.54
C GLY G 31 -41.47 12.90 24.67
N GLN G 32 -40.76 13.98 24.31
CA GLN G 32 -41.34 15.30 24.39
C GLN G 32 -41.78 15.71 22.99
N ILE G 33 -42.94 16.35 22.89
CA ILE G 33 -43.47 16.83 21.62
C ILE G 33 -43.60 18.36 21.68
N PRO G 34 -43.91 19.01 20.54
CA PRO G 34 -44.04 20.46 20.47
C PRO G 34 -45.24 21.20 21.10
N ILE G 35 -45.53 20.91 22.36
CA ILE G 35 -46.63 21.58 23.03
C ILE G 35 -46.06 22.73 23.87
N ASP G 36 -46.75 23.86 23.91
CA ASP G 36 -46.30 24.97 24.72
C ASP G 36 -46.89 24.74 26.10
N PRO G 37 -46.04 24.51 27.11
CA PRO G 37 -46.55 24.27 28.46
C PRO G 37 -47.53 25.31 28.99
N LYS G 38 -47.43 26.55 28.50
CA LYS G 38 -48.34 27.61 28.93
C LYS G 38 -49.73 27.44 28.33
N THR G 39 -49.80 27.52 27.01
CA THR G 39 -51.07 27.39 26.31
C THR G 39 -51.59 25.96 26.31
N GLY G 40 -50.67 25.00 26.16
CA GLY G 40 -51.08 23.61 26.15
C GLY G 40 -51.38 23.12 24.74
N GLU G 41 -50.91 23.86 23.74
CA GLU G 41 -51.15 23.47 22.36
C GLU G 41 -49.83 23.38 21.61
N ILE G 42 -49.90 22.94 20.35
CA ILE G 42 -48.71 22.85 19.55
C ILE G 42 -48.40 24.28 19.10
N VAL G 43 -47.12 24.57 18.95
CA VAL G 43 -46.67 25.90 18.56
C VAL G 43 -46.85 26.24 17.09
N LYS G 44 -46.39 27.44 16.72
CA LYS G 44 -46.45 28.00 15.36
C LYS G 44 -46.78 27.06 14.20
N GLY G 45 -45.87 26.15 13.86
CA GLY G 45 -46.15 25.23 12.78
C GLY G 45 -44.98 24.74 11.95
N ASP G 46 -43.89 25.48 11.96
CA ASP G 46 -42.68 25.10 11.21
C ASP G 46 -41.84 24.14 12.04
N ILE G 47 -41.00 23.36 11.36
CA ILE G 47 -40.11 22.41 12.03
C ILE G 47 -39.17 23.12 13.01
N LYS G 48 -38.74 24.32 12.65
CA LYS G 48 -37.84 25.04 13.53
C LYS G 48 -38.49 25.45 14.84
N ASP G 49 -39.70 26.01 14.76
CA ASP G 49 -40.41 26.42 15.98
C ASP G 49 -40.79 25.20 16.82
N GLN G 50 -41.13 24.10 16.16
CA GLN G 50 -41.48 22.88 16.88
C GLN G 50 -40.25 22.21 17.49
N THR G 51 -39.12 22.23 16.80
CA THR G 51 -37.91 21.61 17.34
C THR G 51 -37.46 22.41 18.55
N ARG G 52 -37.70 23.71 18.50
CA ARG G 52 -37.31 24.59 19.58
C ARG G 52 -38.20 24.38 20.81
N GLN G 53 -39.50 24.19 20.60
CA GLN G 53 -40.39 23.98 21.73
C GLN G 53 -40.02 22.71 22.45
N VAL G 54 -39.81 21.66 21.67
CA VAL G 54 -39.42 20.36 22.19
C VAL G 54 -38.15 20.49 23.01
N LEU G 55 -37.09 20.99 22.39
CA LEU G 55 -35.82 21.16 23.08
C LEU G 55 -35.96 21.99 24.35
N GLU G 56 -36.91 22.92 24.37
CA GLU G 56 -37.15 23.76 25.54
C GLU G 56 -37.79 22.90 26.62
N ASN G 57 -38.70 22.04 26.20
CA ASN G 57 -39.38 21.16 27.15
C ASN G 57 -38.37 20.21 27.78
N ILE G 58 -37.36 19.82 27.01
CA ILE G 58 -36.34 18.92 27.54
C ILE G 58 -35.46 19.66 28.52
N LYS G 59 -35.12 20.90 28.18
CA LYS G 59 -34.28 21.73 29.04
C LYS G 59 -34.95 21.96 30.40
N ALA G 60 -36.25 22.29 30.37
CA ALA G 60 -37.03 22.54 31.58
C ALA G 60 -37.01 21.32 32.49
N ILE G 61 -37.17 20.15 31.88
CA ILE G 61 -37.18 18.92 32.66
C ILE G 61 -35.85 18.60 33.31
N LEU G 62 -34.76 18.80 32.56
CA LEU G 62 -33.41 18.54 33.06
C LEU G 62 -33.18 19.36 34.31
N GLU G 63 -33.37 20.68 34.18
CA GLU G 63 -33.19 21.62 35.27
C GLU G 63 -33.97 21.23 36.49
N ALA G 64 -35.24 20.85 36.28
CA ALA G 64 -36.07 20.48 37.40
C ALA G 64 -35.46 19.25 38.04
N ALA G 65 -34.75 18.46 37.23
CA ALA G 65 -34.14 17.23 37.70
C ALA G 65 -32.73 17.40 38.26
N GLY G 66 -32.21 18.62 38.22
CA GLY G 66 -30.89 18.88 38.74
C GLY G 66 -29.76 18.72 37.73
N TYR G 67 -30.10 18.48 36.47
CA TYR G 67 -29.11 18.29 35.41
C TYR G 67 -29.07 19.49 34.49
N SER G 68 -28.22 19.40 33.47
CA SER G 68 -28.05 20.45 32.46
C SER G 68 -28.02 19.78 31.09
N LEU G 69 -28.05 20.58 30.03
CA LEU G 69 -28.02 20.04 28.69
C LEU G 69 -26.75 19.23 28.43
N ASN G 70 -25.67 19.61 29.12
CA ASN G 70 -24.38 18.97 28.99
C ASN G 70 -24.32 17.59 29.62
N ASP G 71 -25.33 17.26 30.41
CA ASP G 71 -25.40 15.96 31.06
C ASP G 71 -26.05 14.93 30.14
N VAL G 72 -26.75 15.42 29.12
CA VAL G 72 -27.42 14.54 28.18
C VAL G 72 -26.40 13.64 27.48
N ILE G 73 -26.61 12.32 27.52
CA ILE G 73 -25.68 11.39 26.87
C ILE G 73 -26.19 10.69 25.61
N LYS G 74 -27.50 10.46 25.53
CA LYS G 74 -28.08 9.82 24.35
C LYS G 74 -29.42 10.48 24.02
N VAL G 75 -29.61 10.78 22.75
CA VAL G 75 -30.84 11.42 22.30
C VAL G 75 -31.38 10.68 21.08
N THR G 76 -32.70 10.45 21.03
CA THR G 76 -33.31 9.80 19.87
C THR G 76 -34.28 10.82 19.30
N VAL G 77 -34.22 11.02 18.00
CA VAL G 77 -35.09 11.97 17.31
C VAL G 77 -36.00 11.27 16.31
N TYR G 78 -37.31 11.45 16.47
CA TYR G 78 -38.28 10.85 15.57
C TYR G 78 -38.92 11.95 14.71
N LEU G 79 -38.73 11.87 13.40
CA LEU G 79 -39.30 12.88 12.51
C LEU G 79 -40.40 12.30 11.63
N LYS G 80 -41.37 13.14 11.31
CA LYS G 80 -42.50 12.77 10.47
C LYS G 80 -42.01 12.60 9.04
N ASP G 81 -41.20 13.53 8.56
CA ASP G 81 -40.68 13.41 7.20
C ASP G 81 -39.30 14.04 6.97
N MET G 82 -38.61 13.52 5.96
CA MET G 82 -37.28 14.01 5.58
C MET G 82 -37.42 15.45 5.08
N ASN G 83 -36.31 16.03 4.63
CA ASN G 83 -36.33 17.40 4.13
C ASN G 83 -36.63 18.34 5.30
N ASP G 84 -36.72 17.76 6.49
CA ASP G 84 -36.99 18.53 7.70
C ASP G 84 -35.80 18.38 8.64
N PHE G 85 -34.99 17.37 8.37
CA PHE G 85 -33.81 17.08 9.18
C PHE G 85 -32.80 18.23 9.25
N ALA G 86 -32.58 18.92 8.14
CA ALA G 86 -31.63 20.03 8.10
C ALA G 86 -32.04 21.15 9.04
N LYS G 87 -33.22 21.71 8.81
CA LYS G 87 -33.73 22.79 9.66
C LYS G 87 -33.76 22.34 11.14
N MET G 88 -34.21 21.11 11.38
CA MET G 88 -34.29 20.56 12.72
C MET G 88 -32.90 20.58 13.35
N ASN G 89 -31.92 20.17 12.55
CA ASN G 89 -30.55 20.09 13.00
C ASN G 89 -29.89 21.44 13.30
N GLU G 90 -30.39 22.49 12.67
CA GLU G 90 -29.85 23.84 12.91
C GLU G 90 -30.20 24.25 14.33
N VAL G 91 -31.45 24.01 14.69
CA VAL G 91 -31.93 24.36 16.02
C VAL G 91 -31.35 23.41 17.05
N TYR G 92 -31.22 22.16 16.66
CA TYR G 92 -30.70 21.14 17.55
C TYR G 92 -29.28 21.50 18.04
N ALA G 93 -28.47 22.03 17.13
CA ALA G 93 -27.10 22.40 17.44
C ALA G 93 -27.05 23.57 18.43
N GLU G 94 -28.13 24.33 18.50
CA GLU G 94 -28.20 25.46 19.42
C GLU G 94 -28.22 24.90 20.85
N TYR G 95 -28.80 23.71 21.01
CA TYR G 95 -28.93 23.07 22.33
C TYR G 95 -27.91 22.00 22.70
N PHE G 96 -27.44 21.25 21.71
CA PHE G 96 -26.48 20.17 21.97
C PHE G 96 -25.22 20.26 21.11
N GLY G 97 -25.01 21.40 20.45
CA GLY G 97 -23.84 21.56 19.60
C GLY G 97 -22.48 21.54 20.28
N GLU G 98 -22.44 21.61 21.61
CA GLU G 98 -21.16 21.59 22.33
C GLU G 98 -20.90 20.26 23.06
N SER G 99 -21.91 19.73 23.73
CA SER G 99 -21.72 18.48 24.44
C SER G 99 -21.82 17.27 23.50
N LYS G 100 -22.50 17.48 22.37
CA LYS G 100 -22.69 16.43 21.35
C LYS G 100 -22.90 15.01 21.86
N PRO G 101 -24.10 14.71 22.39
CA PRO G 101 -24.34 13.36 22.88
C PRO G 101 -24.57 12.33 21.75
N ALA G 102 -24.60 11.04 22.08
CA ALA G 102 -24.84 10.01 21.08
C ALA G 102 -26.25 10.21 20.54
N ARG G 103 -26.45 9.93 19.26
CA ARG G 103 -27.76 10.17 18.66
C ARG G 103 -28.24 9.16 17.63
N VAL G 104 -29.55 9.02 17.59
CA VAL G 104 -30.23 8.16 16.65
C VAL G 104 -31.32 9.08 16.13
N ALA G 105 -31.36 9.27 14.81
CA ALA G 105 -32.39 10.10 14.20
C ALA G 105 -33.06 9.22 13.18
N VAL G 106 -34.38 9.12 13.23
CA VAL G 106 -35.08 8.28 12.30
C VAL G 106 -36.39 8.92 11.89
N GLU G 107 -36.88 8.51 10.73
CA GLU G 107 -38.12 9.03 10.21
C GLU G 107 -39.19 7.96 10.36
N VAL G 108 -40.26 8.31 11.06
CA VAL G 108 -41.35 7.36 11.29
C VAL G 108 -42.55 7.78 10.44
N SER G 109 -43.67 7.09 10.62
CA SER G 109 -44.88 7.40 9.86
C SER G 109 -45.72 8.50 10.50
N ARG G 110 -46.09 8.29 11.75
CA ARG G 110 -46.89 9.26 12.47
C ARG G 110 -46.39 9.42 13.91
N LEU G 111 -46.45 10.65 14.41
CA LEU G 111 -46.05 10.93 15.77
C LEU G 111 -47.32 11.31 16.54
N PRO G 112 -47.28 11.27 17.87
CA PRO G 112 -48.47 11.63 18.67
C PRO G 112 -49.00 13.01 18.29
N LYS G 113 -50.30 13.08 17.99
CA LYS G 113 -50.95 14.33 17.60
C LYS G 113 -50.46 14.83 16.24
N ASP G 114 -49.89 13.90 15.45
CA ASP G 114 -49.34 14.17 14.13
C ASP G 114 -48.38 15.36 14.06
N VAL G 115 -47.58 15.52 15.10
CA VAL G 115 -46.61 16.60 15.18
C VAL G 115 -45.44 16.29 14.24
N LEU G 116 -44.58 17.27 13.99
CA LEU G 116 -43.44 17.04 13.10
C LEU G 116 -42.25 16.38 13.80
N ILE G 117 -42.25 16.37 15.13
CA ILE G 117 -41.11 15.80 15.81
C ILE G 117 -41.28 15.45 17.29
N GLU G 118 -40.61 14.37 17.70
CA GLU G 118 -40.61 13.90 19.08
C GLU G 118 -39.16 13.61 19.45
N ILE G 119 -38.79 13.88 20.69
CA ILE G 119 -37.43 13.64 21.14
C ILE G 119 -37.38 13.07 22.55
N GLU G 120 -36.62 11.99 22.71
CA GLU G 120 -36.43 11.38 24.03
C GLU G 120 -34.95 11.57 24.34
N ALA G 121 -34.58 11.46 25.61
CA ALA G 121 -33.19 11.65 25.97
C ALA G 121 -32.83 11.05 27.31
N ILE G 122 -31.56 10.70 27.44
CA ILE G 122 -31.04 10.12 28.66
C ILE G 122 -29.88 11.02 29.06
N ALA G 123 -29.82 11.39 30.34
CA ALA G 123 -28.75 12.26 30.84
C ALA G 123 -28.02 11.58 31.98
N TYR G 124 -26.84 12.10 32.30
CA TYR G 124 -26.00 11.50 33.33
C TYR G 124 -25.09 12.47 34.10
N LYS G 125 -25.19 12.44 35.42
CA LYS G 125 -24.34 13.28 36.27
C LYS G 125 -23.64 12.32 37.23
N GLU G 126 -22.32 12.26 37.15
CA GLU G 126 -21.56 11.36 38.00
C GLU G 126 -21.59 11.78 39.47
N MET H 1 -18.43 9.17 35.19
CA MET H 1 -17.70 10.21 34.42
C MET H 1 -18.07 10.14 32.93
N LYS H 2 -18.57 11.25 32.40
CA LYS H 2 -18.96 11.33 30.99
C LYS H 2 -17.72 11.35 30.10
N GLU H 3 -17.73 10.54 29.04
CA GLU H 3 -16.59 10.49 28.12
C GLU H 3 -17.02 10.34 26.66
N VAL H 4 -16.60 11.28 25.82
CA VAL H 4 -16.94 11.26 24.41
C VAL H 4 -15.95 10.35 23.66
N ILE H 5 -16.48 9.47 22.81
CA ILE H 5 -15.66 8.52 22.06
C ILE H 5 -15.53 8.86 20.57
N PHE H 6 -14.32 8.76 20.04
CA PHE H 6 -14.10 9.03 18.63
C PHE H 6 -12.99 8.17 18.05
N THR H 7 -13.27 7.56 16.90
CA THR H 7 -12.29 6.71 16.25
C THR H 7 -12.36 6.89 14.74
N GLU H 8 -11.19 6.90 14.11
CA GLU H 8 -11.10 7.05 12.67
C GLU H 8 -11.63 5.79 11.99
N ASN H 9 -11.73 4.70 12.76
CA ASN H 9 -12.21 3.42 12.25
C ASN H 9 -13.72 3.33 12.12
N ALA H 10 -14.41 4.42 12.38
CA ALA H 10 -15.86 4.43 12.29
C ALA H 10 -16.31 5.64 11.51
N PRO H 11 -17.53 5.62 10.97
CA PRO H 11 -18.06 6.74 10.20
C PRO H 11 -18.01 8.02 11.02
N LYS H 12 -17.43 9.06 10.44
CA LYS H 12 -17.29 10.33 11.11
C LYS H 12 -18.66 10.97 11.28
N PRO H 13 -18.93 11.50 12.49
CA PRO H 13 -20.23 12.13 12.70
C PRO H 13 -20.32 13.56 12.16
N ILE H 14 -21.24 13.77 11.23
CA ILE H 14 -21.48 15.07 10.62
C ILE H 14 -22.65 15.69 11.40
N GLY H 15 -22.38 16.72 12.19
CA GLY H 15 -23.45 17.32 12.96
C GLY H 15 -23.18 17.32 14.46
N PRO H 16 -24.11 17.85 15.26
CA PRO H 16 -23.92 17.91 16.71
C PRO H 16 -24.10 16.59 17.48
N TYR H 17 -23.28 15.60 17.19
CA TYR H 17 -23.36 14.34 17.94
C TYR H 17 -22.04 13.61 17.93
N SER H 18 -21.88 12.67 18.84
CA SER H 18 -20.64 11.89 18.93
C SER H 18 -20.94 10.44 18.59
N GLN H 19 -19.91 9.70 18.18
CA GLN H 19 -20.07 8.29 17.82
C GLN H 19 -20.58 7.48 19.01
N ALA H 20 -20.18 7.91 20.21
CA ALA H 20 -20.61 7.26 21.44
C ALA H 20 -20.20 8.06 22.68
N ILE H 21 -20.93 7.82 23.76
CA ILE H 21 -20.67 8.46 25.05
C ILE H 21 -20.57 7.36 26.10
N LYS H 22 -19.51 7.43 26.90
CA LYS H 22 -19.26 6.47 27.97
C LYS H 22 -19.63 7.14 29.28
N ALA H 23 -20.70 6.66 29.91
CA ALA H 23 -21.19 7.20 31.17
C ALA H 23 -21.23 6.09 32.20
N GLY H 24 -20.35 6.16 33.19
CA GLY H 24 -20.31 5.12 34.18
C GLY H 24 -19.73 3.88 33.49
N ASN H 25 -20.33 2.72 33.73
CA ASN H 25 -19.85 1.49 33.13
C ASN H 25 -20.65 1.23 31.86
N PHE H 26 -21.44 2.22 31.46
CA PHE H 26 -22.28 2.13 30.28
C PHE H 26 -21.74 2.89 29.07
N LEU H 27 -21.90 2.28 27.90
CA LEU H 27 -21.47 2.92 26.65
C LEU H 27 -22.72 3.06 25.78
N PHE H 28 -22.97 4.27 25.29
CA PHE H 28 -24.11 4.54 24.44
C PHE H 28 -23.60 4.91 23.04
N ILE H 29 -23.86 4.04 22.08
CA ILE H 29 -23.41 4.23 20.70
C ILE H 29 -24.45 4.83 19.79
N ALA H 30 -24.05 5.86 19.07
CA ALA H 30 -24.95 6.54 18.14
C ALA H 30 -25.38 5.58 17.03
N GLY H 31 -26.59 5.82 16.51
CA GLY H 31 -27.10 4.99 15.44
C GLY H 31 -26.08 4.94 14.31
N GLN H 32 -25.74 3.74 13.88
CA GLN H 32 -24.78 3.56 12.81
C GLN H 32 -25.46 3.10 11.52
N ILE H 33 -24.92 3.57 10.40
CA ILE H 33 -25.45 3.19 9.10
C ILE H 33 -24.31 2.51 8.33
N PRO H 34 -24.64 1.69 7.32
CA PRO H 34 -23.71 0.92 6.46
C PRO H 34 -22.70 1.69 5.59
N ILE H 35 -22.00 2.64 6.19
CA ILE H 35 -21.01 3.42 5.49
C ILE H 35 -19.65 2.78 5.75
N ASP H 36 -18.79 2.78 4.75
CA ASP H 36 -17.45 2.26 4.92
C ASP H 36 -16.56 3.46 5.17
N PRO H 37 -16.17 3.69 6.43
CA PRO H 37 -15.32 4.83 6.78
C PRO H 37 -14.13 5.10 5.85
N LYS H 38 -13.55 4.04 5.30
CA LYS H 38 -12.41 4.17 4.40
C LYS H 38 -12.78 4.95 3.12
N THR H 39 -13.98 4.71 2.60
CA THR H 39 -14.44 5.36 1.39
C THR H 39 -15.43 6.50 1.60
N GLY H 40 -16.12 6.49 2.73
CA GLY H 40 -17.10 7.53 3.02
C GLY H 40 -18.43 7.40 2.28
N GLU H 41 -18.61 6.28 1.58
CA GLU H 41 -19.84 6.04 0.83
C GLU H 41 -20.55 4.83 1.44
N ILE H 42 -21.84 4.68 1.14
CA ILE H 42 -22.58 3.52 1.63
C ILE H 42 -21.90 2.33 0.96
N VAL H 43 -21.83 1.21 1.66
CA VAL H 43 -21.19 0.02 1.11
C VAL H 43 -22.03 -0.71 0.07
N GLY H 45 -26.43 -1.14 -1.46
CA GLY H 45 -25.87 -2.52 -1.63
C GLY H 45 -26.83 -3.61 -1.20
N ASP H 46 -26.27 -4.72 -0.72
CA ASP H 46 -27.07 -5.85 -0.26
C ASP H 46 -27.19 -5.93 1.26
N ILE H 47 -28.43 -6.04 1.74
CA ILE H 47 -28.74 -6.11 3.16
C ILE H 47 -27.74 -6.92 3.98
N LYS H 48 -27.40 -8.12 3.52
CA LYS H 48 -26.45 -8.96 4.23
C LYS H 48 -25.12 -8.25 4.41
N ASP H 49 -24.71 -7.50 3.40
CA ASP H 49 -23.44 -6.78 3.46
C ASP H 49 -23.55 -5.44 4.19
N GLN H 50 -24.70 -4.77 4.03
CA GLN H 50 -24.93 -3.51 4.71
C GLN H 50 -25.03 -3.78 6.20
N THR H 51 -25.60 -4.92 6.56
CA THR H 51 -25.72 -5.28 7.97
C THR H 51 -24.36 -5.67 8.54
N ARG H 52 -23.47 -6.13 7.67
CA ARG H 52 -22.14 -6.51 8.12
C ARG H 52 -21.30 -5.26 8.35
N GLN H 53 -21.50 -4.26 7.51
CA GLN H 53 -20.76 -3.02 7.64
C GLN H 53 -21.19 -2.28 8.89
N VAL H 54 -22.50 -2.23 9.14
CA VAL H 54 -23.04 -1.56 10.30
C VAL H 54 -22.46 -2.20 11.56
N LEU H 55 -22.38 -3.52 11.56
CA LEU H 55 -21.83 -4.26 12.68
C LEU H 55 -20.34 -3.98 12.82
N GLU H 56 -19.66 -3.81 11.70
CA GLU H 56 -18.23 -3.51 11.73
C GLU H 56 -18.01 -2.15 12.38
N ASN H 57 -18.84 -1.19 11.99
CA ASN H 57 -18.76 0.15 12.53
C ASN H 57 -18.94 0.10 14.04
N ILE H 58 -20.00 -0.57 14.48
CA ILE H 58 -20.27 -0.67 15.88
C ILE H 58 -19.08 -1.22 16.62
N LYS H 59 -18.49 -2.28 16.10
CA LYS H 59 -17.33 -2.90 16.73
C LYS H 59 -16.15 -1.94 16.82
N ALA H 60 -15.88 -1.22 15.73
CA ALA H 60 -14.76 -0.28 15.76
C ALA H 60 -14.92 0.68 16.93
N ILE H 61 -16.14 1.17 17.12
CA ILE H 61 -16.43 2.09 18.21
C ILE H 61 -16.25 1.44 19.60
N LEU H 62 -16.79 0.24 19.78
CA LEU H 62 -16.66 -0.46 21.05
C LEU H 62 -15.20 -0.55 21.47
N GLU H 63 -14.35 -1.04 20.57
CA GLU H 63 -12.94 -1.19 20.86
C GLU H 63 -12.20 0.12 21.11
N ALA H 64 -12.65 1.19 20.45
CA ALA H 64 -11.99 2.48 20.66
C ALA H 64 -12.28 2.98 22.08
N ALA H 65 -13.27 2.35 22.73
CA ALA H 65 -13.68 2.73 24.08
C ALA H 65 -13.18 1.77 25.14
N GLY H 66 -12.85 0.55 24.73
CA GLY H 66 -12.37 -0.44 25.68
C GLY H 66 -13.44 -1.48 25.95
N TYR H 67 -14.30 -1.70 24.98
CA TYR H 67 -15.36 -2.69 25.13
C TYR H 67 -15.22 -3.77 24.08
N SER H 68 -16.10 -4.77 24.16
CA SER H 68 -16.07 -5.87 23.22
C SER H 68 -17.49 -6.29 22.87
N LEU H 69 -17.63 -7.02 21.76
CA LEU H 69 -18.94 -7.49 21.30
C LEU H 69 -19.69 -8.24 22.40
N ASN H 70 -18.94 -8.77 23.37
CA ASN H 70 -19.53 -9.51 24.47
C ASN H 70 -20.25 -8.57 25.44
N ASP H 71 -19.88 -7.30 25.42
CA ASP H 71 -20.46 -6.30 26.31
C ASP H 71 -21.80 -5.72 25.86
N VAL H 72 -22.08 -5.78 24.57
CA VAL H 72 -23.33 -5.26 24.04
C VAL H 72 -24.51 -5.91 24.79
N ILE H 73 -25.36 -5.10 25.40
CA ILE H 73 -26.50 -5.62 26.17
C ILE H 73 -27.85 -5.37 25.52
N LYS H 74 -27.94 -4.30 24.73
CA LYS H 74 -29.19 -3.96 24.07
C LYS H 74 -28.91 -3.38 22.67
N VAL H 75 -29.67 -3.86 21.69
CA VAL H 75 -29.54 -3.41 20.31
C VAL H 75 -30.88 -3.01 19.73
N THR H 76 -30.90 -1.93 18.97
CA THR H 76 -32.14 -1.47 18.34
C THR H 76 -31.85 -1.41 16.83
N VAL H 77 -32.55 -2.26 16.09
CA VAL H 77 -32.39 -2.38 14.65
C VAL H 77 -33.52 -1.73 13.87
N TYR H 78 -33.18 -0.73 13.06
CA TYR H 78 -34.18 -0.07 12.25
C TYR H 78 -34.02 -0.57 10.81
N LEU H 79 -35.11 -1.11 10.25
CA LEU H 79 -35.09 -1.61 8.89
C LEU H 79 -36.04 -0.78 8.04
N LYS H 80 -35.84 -0.84 6.72
CA LYS H 80 -36.68 -0.10 5.79
C LYS H 80 -37.57 -1.04 4.97
N ASP H 81 -38.20 -2.00 5.63
CA ASP H 81 -39.09 -2.96 4.97
C ASP H 81 -38.44 -3.95 4.00
N PHE H 85 -34.76 -7.56 4.16
CA PHE H 85 -35.86 -8.33 4.79
C PHE H 85 -35.66 -8.41 6.30
N ALA H 86 -36.60 -9.06 6.98
CA ALA H 86 -36.54 -9.22 8.43
C ALA H 86 -35.60 -10.34 8.84
N LYS H 87 -34.83 -10.85 7.87
CA LYS H 87 -33.87 -11.92 8.13
C LYS H 87 -32.44 -11.38 8.15
N MET H 88 -32.23 -10.27 8.86
CA MET H 88 -30.90 -9.66 8.97
C MET H 88 -30.05 -10.45 9.95
N ASN H 89 -30.54 -11.64 10.30
CA ASN H 89 -29.84 -12.53 11.22
C ASN H 89 -28.83 -13.38 10.46
N GLU H 90 -28.33 -14.44 11.09
CA GLU H 90 -27.34 -15.32 10.49
C GLU H 90 -26.00 -14.59 10.52
N VAL H 91 -25.96 -13.43 9.89
CA VAL H 91 -24.75 -12.62 9.87
C VAL H 91 -24.61 -12.07 11.28
N TYR H 92 -25.73 -11.60 11.80
CA TYR H 92 -25.78 -11.04 13.13
C TYR H 92 -25.26 -12.08 14.13
N ALA H 93 -25.62 -13.34 13.88
CA ALA H 93 -25.21 -14.45 14.73
C ALA H 93 -23.70 -14.58 14.88
N GLU H 94 -22.98 -14.58 13.76
CA GLU H 94 -21.53 -14.71 13.82
C GLU H 94 -20.87 -13.52 14.50
N TYR H 95 -21.66 -12.46 14.74
CA TYR H 95 -21.15 -11.25 15.37
C TYR H 95 -21.47 -11.19 16.86
N PHE H 96 -22.66 -11.64 17.24
CA PHE H 96 -23.04 -11.63 18.64
C PHE H 96 -23.08 -13.01 19.28
N GLY H 97 -21.92 -13.65 19.29
CA GLY H 97 -21.79 -14.96 19.89
C GLY H 97 -21.13 -14.79 21.24
N GLU H 98 -21.68 -15.44 22.27
CA GLU H 98 -21.18 -15.37 23.64
C GLU H 98 -21.77 -14.16 24.36
N SER H 99 -22.76 -13.53 23.72
CA SER H 99 -23.45 -12.37 24.28
C SER H 99 -24.95 -12.49 24.13
N LYS H 100 -25.42 -12.40 22.89
CA LYS H 100 -26.84 -12.49 22.59
C LYS H 100 -27.61 -11.45 23.41
N PRO H 101 -27.42 -10.16 23.10
CA PRO H 101 -28.09 -9.07 23.81
C PRO H 101 -29.58 -8.97 23.53
N ALA H 102 -30.26 -8.11 24.28
CA ALA H 102 -31.69 -7.90 24.14
C ALA H 102 -31.88 -7.13 22.84
N ARG H 103 -32.95 -7.39 22.12
CA ARG H 103 -33.15 -6.70 20.85
C ARG H 103 -34.52 -6.12 20.59
N VAL H 104 -34.54 -5.04 19.83
CA VAL H 104 -35.76 -4.37 19.42
C VAL H 104 -35.60 -4.16 17.93
N ALA H 105 -36.63 -4.49 17.16
CA ALA H 105 -36.56 -4.29 15.72
C ALA H 105 -37.82 -3.65 15.21
N VAL H 106 -37.67 -2.79 14.21
CA VAL H 106 -38.81 -2.11 13.61
C VAL H 106 -38.49 -1.80 12.16
N GLU H 107 -39.52 -1.57 11.38
CA GLU H 107 -39.37 -1.25 9.97
C GLU H 107 -39.93 0.15 9.75
N VAL H 108 -39.04 1.07 9.41
CA VAL H 108 -39.43 2.46 9.22
C VAL H 108 -39.64 2.92 7.78
N SER H 109 -40.10 4.17 7.66
CA SER H 109 -40.38 4.79 6.38
C SER H 109 -39.12 4.91 5.52
N ARG H 110 -38.32 5.94 5.82
CA ARG H 110 -37.08 6.17 5.08
C ARG H 110 -35.92 6.26 6.07
N LEU H 111 -34.74 5.85 5.61
CA LEU H 111 -33.55 5.90 6.45
C LEU H 111 -32.56 6.93 5.92
N PRO H 112 -31.65 7.41 6.79
CA PRO H 112 -30.64 8.40 6.41
C PRO H 112 -29.83 7.97 5.20
N LYS H 113 -29.75 8.85 4.19
CA LYS H 113 -29.00 8.55 2.99
C LYS H 113 -29.54 7.26 2.37
N ASP H 114 -30.85 7.07 2.51
CA ASP H 114 -31.54 5.88 2.02
C ASP H 114 -31.20 4.73 2.96
N VAL H 115 -30.17 3.95 2.65
CA VAL H 115 -29.75 2.86 3.53
C VAL H 115 -30.87 1.84 3.81
N LEU H 116 -30.48 0.59 4.06
CA LEU H 116 -31.46 -0.46 4.34
C LEU H 116 -31.50 -0.89 5.81
N ILE H 117 -30.60 -0.34 6.61
CA ILE H 117 -30.56 -0.69 8.02
C ILE H 117 -29.75 0.29 8.85
N GLU H 118 -30.24 0.56 10.04
CA GLU H 118 -29.59 1.45 10.99
C GLU H 118 -29.66 0.77 12.34
N ILE H 119 -28.52 0.66 13.01
CA ILE H 119 -28.50 0.01 14.31
C ILE H 119 -27.90 0.86 15.41
N GLU H 120 -28.59 0.92 16.55
CA GLU H 120 -28.12 1.66 17.73
C GLU H 120 -27.89 0.58 18.78
N ALA H 121 -26.91 0.77 19.66
CA ALA H 121 -26.62 -0.23 20.69
C ALA H 121 -26.08 0.35 22.02
N ILE H 122 -26.28 -0.41 23.09
CA ILE H 122 -25.81 -0.05 24.43
C ILE H 122 -24.95 -1.22 24.92
N ALA H 123 -23.82 -0.92 25.55
CA ALA H 123 -22.93 -1.94 26.07
C ALA H 123 -22.57 -1.63 27.54
N TYR H 124 -22.20 -2.68 28.27
CA TYR H 124 -21.85 -2.58 29.68
C TYR H 124 -20.57 -3.32 30.02
N LYS H 125 -19.79 -2.77 30.94
CA LYS H 125 -18.55 -3.40 31.36
C LYS H 125 -18.21 -2.98 32.79
N GLU H 126 -18.12 -3.96 33.70
CA GLU H 126 -17.80 -3.70 35.12
C GLU H 126 -16.30 -3.40 35.35
N LYS I 2 -22.86 -8.52 34.37
CA LYS I 2 -23.88 -8.75 33.33
C LYS I 2 -24.51 -10.13 33.47
N GLU I 3 -25.79 -10.24 33.14
CA GLU I 3 -26.48 -11.51 33.22
C GLU I 3 -27.71 -11.61 32.32
N VAL I 4 -27.89 -12.77 31.72
CA VAL I 4 -29.04 -13.02 30.85
C VAL I 4 -30.16 -13.67 31.64
N ILE I 5 -31.39 -13.28 31.34
CA ILE I 5 -32.57 -13.82 32.02
C ILE I 5 -33.40 -14.60 31.01
N PHE I 6 -34.02 -15.68 31.47
CA PHE I 6 -34.85 -16.52 30.60
C PHE I 6 -36.07 -17.02 31.36
N THR I 7 -37.11 -17.38 30.63
CA THR I 7 -38.34 -17.89 31.22
C THR I 7 -39.21 -18.49 30.14
N GLU I 8 -40.09 -19.41 30.55
CA GLU I 8 -40.99 -20.07 29.62
C GLU I 8 -42.30 -19.28 29.54
N ASN I 9 -42.44 -18.32 30.45
CA ASN I 9 -43.65 -17.49 30.49
C ASN I 9 -43.70 -16.39 29.43
N ALA I 10 -42.66 -16.30 28.62
CA ALA I 10 -42.60 -15.30 27.55
C ALA I 10 -41.94 -15.92 26.33
N PRO I 11 -42.36 -15.48 25.13
CA PRO I 11 -41.82 -16.00 23.86
C PRO I 11 -40.32 -16.28 23.92
N LYS I 12 -39.92 -17.40 23.31
CA LYS I 12 -38.51 -17.82 23.28
C LYS I 12 -37.76 -16.99 22.24
N PRO I 13 -36.64 -16.38 22.65
CA PRO I 13 -35.84 -15.57 21.73
C PRO I 13 -35.23 -16.35 20.56
N ILE I 14 -35.97 -16.43 19.45
CA ILE I 14 -35.47 -17.15 18.28
C ILE I 14 -34.34 -16.32 17.65
N GLY I 15 -33.11 -16.76 17.90
CA GLY I 15 -31.97 -16.06 17.35
C GLY I 15 -30.95 -15.78 18.44
N PRO I 16 -29.77 -15.24 18.09
CA PRO I 16 -28.74 -14.94 19.08
C PRO I 16 -29.13 -13.68 19.84
N TYR I 17 -30.27 -13.79 20.53
CA TYR I 17 -30.81 -12.68 21.31
C TYR I 17 -31.41 -13.22 22.60
N SER I 18 -31.60 -12.34 23.57
CA SER I 18 -32.16 -12.71 24.85
C SER I 18 -33.46 -11.99 25.14
N GLN I 19 -34.19 -12.46 26.15
CA GLN I 19 -35.46 -11.87 26.53
C GLN I 19 -35.17 -10.60 27.33
N ALA I 20 -34.04 -10.59 28.03
CA ALA I 20 -33.64 -9.45 28.83
C ALA I 20 -32.22 -9.61 29.35
N ILE I 21 -31.56 -8.48 29.61
CA ILE I 21 -30.20 -8.48 30.13
C ILE I 21 -30.24 -7.64 31.40
N LYS I 22 -29.39 -8.02 32.36
CA LYS I 22 -29.31 -7.32 33.63
C LYS I 22 -27.88 -6.86 33.78
N ALA I 23 -27.71 -5.54 33.84
CA ALA I 23 -26.40 -4.92 33.99
C ALA I 23 -26.58 -3.84 35.04
N GLY I 24 -25.66 -3.78 36.00
CA GLY I 24 -25.80 -2.80 37.07
C GLY I 24 -27.11 -3.11 37.76
N ASN I 25 -27.89 -2.07 38.10
CA ASN I 25 -29.18 -2.27 38.75
C ASN I 25 -30.30 -2.15 37.71
N PHE I 26 -29.92 -2.13 36.43
CA PHE I 26 -30.89 -1.99 35.35
C PHE I 26 -31.26 -3.28 34.65
N LEU I 27 -32.51 -3.35 34.23
CA LEU I 27 -33.01 -4.50 33.52
C LEU I 27 -33.46 -4.00 32.17
N PHE I 28 -32.79 -4.45 31.12
CA PHE I 28 -33.12 -4.06 29.78
C PHE I 28 -33.92 -5.19 29.17
N ILE I 29 -35.18 -4.92 28.83
CA ILE I 29 -36.05 -5.93 28.25
C ILE I 29 -36.24 -5.76 26.74
N ALA I 30 -35.99 -6.83 25.99
CA ALA I 30 -36.15 -6.80 24.55
C ALA I 30 -37.60 -6.52 24.15
N GLY I 31 -37.79 -5.89 23.00
CA GLY I 31 -39.12 -5.58 22.52
C GLY I 31 -39.96 -6.83 22.37
N GLN I 32 -41.09 -6.87 23.06
CA GLN I 32 -41.97 -8.03 23.01
C GLN I 32 -43.11 -7.80 22.04
N ILE I 33 -43.73 -8.89 21.59
CA ILE I 33 -44.86 -8.82 20.69
C ILE I 33 -45.92 -9.79 21.18
N PRO I 34 -47.19 -9.54 20.83
CA PRO I 34 -48.30 -10.40 21.26
C PRO I 34 -48.17 -11.84 20.79
N ILE I 35 -47.38 -12.63 21.51
CA ILE I 35 -47.18 -14.03 21.20
C ILE I 35 -47.37 -14.84 22.47
N ASP I 36 -48.26 -15.83 22.42
CA ASP I 36 -48.54 -16.67 23.57
C ASP I 36 -47.36 -17.57 23.92
N PRO I 37 -46.83 -17.44 25.14
CA PRO I 37 -45.69 -18.23 25.61
C PRO I 37 -45.95 -19.74 25.57
N LYS I 38 -47.22 -20.12 25.59
CA LYS I 38 -47.60 -21.53 25.56
C LYS I 38 -47.54 -22.08 24.14
N THR I 39 -48.36 -21.52 23.24
CA THR I 39 -48.40 -21.97 21.86
C THR I 39 -47.21 -21.45 21.07
N GLY I 40 -47.20 -20.14 20.83
CA GLY I 40 -46.14 -19.51 20.08
C GLY I 40 -46.75 -18.83 18.87
N GLU I 41 -48.03 -18.50 18.99
CA GLU I 41 -48.79 -17.85 17.92
C GLU I 41 -49.31 -16.49 18.38
N ILE I 42 -49.76 -15.68 17.42
CA ILE I 42 -50.30 -14.35 17.71
C ILE I 42 -51.64 -14.49 18.42
N VAL I 43 -51.73 -13.94 19.61
CA VAL I 43 -52.96 -14.01 20.41
C VAL I 43 -54.16 -13.44 19.66
N LYS I 44 -54.00 -13.24 18.35
CA LYS I 44 -55.07 -12.71 17.52
C LYS I 44 -55.65 -11.45 18.15
N GLY I 45 -56.94 -11.48 18.45
CA GLY I 45 -57.59 -10.33 19.05
C GLY I 45 -57.44 -9.07 18.21
N ASP I 46 -58.02 -7.98 18.68
CA ASP I 46 -57.97 -6.71 17.98
C ASP I 46 -56.63 -5.99 18.16
N ILE I 47 -56.53 -5.20 19.22
CA ILE I 47 -55.32 -4.45 19.53
C ILE I 47 -55.18 -4.44 21.06
N LYS I 48 -56.32 -4.42 21.74
CA LYS I 48 -56.34 -4.43 23.19
C LYS I 48 -55.86 -5.79 23.69
N ASP I 49 -56.07 -6.81 22.86
CA ASP I 49 -55.67 -8.18 23.19
C ASP I 49 -54.17 -8.33 23.02
N GLN I 50 -53.62 -7.62 22.04
CA GLN I 50 -52.20 -7.67 21.80
C GLN I 50 -51.48 -6.82 22.83
N THR I 51 -52.05 -5.67 23.17
CA THR I 51 -51.45 -4.82 24.18
C THR I 51 -51.44 -5.64 25.47
N ARG I 52 -52.62 -6.13 25.82
CA ARG I 52 -52.80 -6.96 27.01
C ARG I 52 -51.73 -8.04 27.05
N GLN I 53 -51.58 -8.75 25.93
CA GLN I 53 -50.61 -9.84 25.84
C GLN I 53 -49.17 -9.36 25.99
N VAL I 54 -48.82 -8.32 25.26
CA VAL I 54 -47.47 -7.75 25.31
C VAL I 54 -47.10 -7.43 26.76
N LEU I 55 -47.96 -6.66 27.41
CA LEU I 55 -47.72 -6.27 28.79
C LEU I 55 -47.46 -7.49 29.67
N GLU I 56 -48.28 -8.53 29.51
CA GLU I 56 -48.09 -9.74 30.30
C GLU I 56 -46.75 -10.40 29.97
N ASN I 57 -46.39 -10.45 28.68
CA ASN I 57 -45.12 -11.04 28.28
C ASN I 57 -43.97 -10.33 28.99
N ILE I 58 -44.15 -9.03 29.18
CA ILE I 58 -43.13 -8.23 29.84
C ILE I 58 -43.10 -8.54 31.33
N LYS I 59 -44.28 -8.64 31.95
CA LYS I 59 -44.37 -8.91 33.38
C LYS I 59 -43.65 -10.21 33.74
N ALA I 60 -43.89 -11.26 32.96
CA ALA I 60 -43.25 -12.55 33.18
C ALA I 60 -41.73 -12.43 33.22
N ILE I 61 -41.16 -11.73 32.24
CA ILE I 61 -39.72 -11.53 32.17
C ILE I 61 -39.22 -10.71 33.36
N LEU I 62 -40.01 -9.74 33.78
CA LEU I 62 -39.67 -8.89 34.91
C LEU I 62 -39.46 -9.74 36.15
N GLU I 63 -40.50 -10.53 36.46
CA GLU I 63 -40.49 -11.42 37.62
C GLU I 63 -39.28 -12.34 37.60
N ALA I 64 -39.05 -13.02 36.48
CA ALA I 64 -37.92 -13.92 36.33
C ALA I 64 -36.60 -13.32 36.87
N ALA I 65 -36.47 -12.00 36.83
CA ALA I 65 -35.26 -11.33 37.30
C ALA I 65 -35.43 -10.68 38.67
N GLY I 66 -36.55 -10.97 39.32
CA GLY I 66 -36.81 -10.41 40.64
C GLY I 66 -37.20 -8.95 40.54
N TYR I 67 -37.96 -8.61 39.51
CA TYR I 67 -38.40 -7.24 39.29
C TYR I 67 -39.92 -7.15 39.28
N SER I 68 -40.45 -6.08 39.86
CA SER I 68 -41.89 -5.88 39.88
C SER I 68 -42.25 -4.98 38.72
N LEU I 69 -43.52 -4.59 38.63
CA LEU I 69 -43.92 -3.69 37.55
C LEU I 69 -43.63 -2.25 37.92
N ASN I 70 -43.52 -1.97 39.21
CA ASN I 70 -43.24 -0.61 39.67
C ASN I 70 -41.75 -0.30 39.64
N ASP I 71 -40.99 -1.17 39.00
CA ASP I 71 -39.54 -0.99 38.85
C ASP I 71 -39.24 -0.44 37.45
N VAL I 72 -40.26 -0.41 36.61
CA VAL I 72 -40.13 0.08 35.25
C VAL I 72 -39.97 1.60 35.19
N ILE I 73 -38.81 2.05 34.71
CA ILE I 73 -38.52 3.47 34.59
C ILE I 73 -38.76 4.08 33.20
N LYS I 74 -38.60 3.28 32.15
CA LYS I 74 -38.81 3.76 30.79
C LYS I 74 -39.46 2.70 29.89
N VAL I 75 -40.39 3.14 29.05
CA VAL I 75 -41.10 2.24 28.16
C VAL I 75 -41.20 2.88 26.79
N THR I 76 -41.06 2.05 25.75
CA THR I 76 -41.18 2.55 24.39
C THR I 76 -42.17 1.65 23.64
N VAL I 77 -43.22 2.28 23.15
CA VAL I 77 -44.28 1.59 22.42
C VAL I 77 -44.27 1.94 20.93
N TYR I 78 -44.05 0.91 20.10
CA TYR I 78 -44.04 1.10 18.66
C TYR I 78 -45.35 0.54 18.10
N LEU I 79 -46.18 1.43 17.56
CA LEU I 79 -47.47 1.03 17.00
C LEU I 79 -47.38 1.00 15.48
N LYS I 80 -48.27 0.22 14.87
CA LYS I 80 -48.30 0.09 13.42
C LYS I 80 -49.28 1.10 12.82
N ASP I 81 -50.50 1.12 13.33
CA ASP I 81 -51.51 2.05 12.80
C ASP I 81 -52.83 2.01 13.58
N VAL I 91 -56.08 -0.21 29.58
CA VAL I 91 -55.19 -1.40 29.43
C VAL I 91 -53.81 -1.12 29.99
N TYR I 92 -53.16 -0.10 29.45
CA TYR I 92 -51.82 0.29 29.87
C TYR I 92 -51.79 0.62 31.36
N ALA I 93 -52.72 1.46 31.79
CA ALA I 93 -52.80 1.86 33.19
C ALA I 93 -52.79 0.69 34.15
N GLU I 94 -53.34 -0.44 33.71
CA GLU I 94 -53.38 -1.64 34.54
C GLU I 94 -52.02 -2.11 35.01
N TYR I 95 -51.04 -2.06 34.12
CA TYR I 95 -49.70 -2.53 34.46
C TYR I 95 -48.76 -1.46 34.99
N PHE I 96 -49.00 -0.22 34.61
CA PHE I 96 -48.12 0.86 35.06
C PHE I 96 -48.80 1.84 35.99
N GLY I 97 -49.96 1.46 36.50
CA GLY I 97 -50.68 2.33 37.41
C GLY I 97 -49.81 3.01 38.45
N GLU I 98 -49.16 2.21 39.28
CA GLU I 98 -48.30 2.74 40.35
C GLU I 98 -46.86 2.96 39.90
N SER I 99 -46.60 2.71 38.62
CA SER I 99 -45.25 2.86 38.09
C SER I 99 -45.05 4.20 37.36
N LYS I 100 -46.00 4.53 36.49
CA LYS I 100 -45.93 5.77 35.73
C LYS I 100 -44.50 5.98 35.23
N PRO I 101 -44.05 5.12 34.30
CA PRO I 101 -42.69 5.22 33.74
C PRO I 101 -42.61 6.27 32.66
N ALA I 102 -41.39 6.60 32.26
CA ALA I 102 -41.17 7.56 31.19
C ALA I 102 -41.60 6.81 29.94
N ARG I 103 -42.42 7.45 29.11
CA ARG I 103 -42.92 6.80 27.92
C ARG I 103 -42.57 7.50 26.59
N VAL I 104 -42.41 6.69 25.55
CA VAL I 104 -42.15 7.19 24.20
C VAL I 104 -43.07 6.40 23.29
N ALA I 105 -43.75 7.06 22.36
CA ALA I 105 -44.66 6.36 21.46
C ALA I 105 -44.58 6.87 20.03
N VAL I 106 -44.45 5.96 19.08
CA VAL I 106 -44.36 6.32 17.67
C VAL I 106 -45.05 5.29 16.78
N GLU I 107 -45.33 5.68 15.54
CA GLU I 107 -45.94 4.76 14.59
C GLU I 107 -44.87 4.35 13.62
N VAL I 108 -44.76 3.04 13.39
CA VAL I 108 -43.78 2.55 12.45
C VAL I 108 -44.52 1.93 11.28
N SER I 109 -43.78 1.48 10.27
CA SER I 109 -44.40 0.89 9.09
C SER I 109 -44.73 -0.58 9.33
N ARG I 110 -43.89 -1.27 10.08
CA ARG I 110 -44.10 -2.68 10.35
C ARG I 110 -43.29 -3.16 11.53
N LEU I 111 -43.82 -4.17 12.20
CA LEU I 111 -43.17 -4.79 13.35
C LEU I 111 -42.97 -6.26 13.00
N PRO I 112 -42.16 -6.99 13.77
CA PRO I 112 -41.97 -8.41 13.46
C PRO I 112 -43.30 -9.18 13.32
N LYS I 113 -43.30 -10.24 12.51
CA LYS I 113 -44.48 -11.06 12.27
C LYS I 113 -45.76 -10.23 12.04
N ASP I 114 -45.59 -9.04 11.49
CA ASP I 114 -46.68 -8.11 11.20
C ASP I 114 -47.69 -7.93 12.35
N VAL I 115 -47.18 -7.70 13.55
CA VAL I 115 -48.03 -7.49 14.71
C VAL I 115 -48.43 -6.00 14.81
N LEU I 116 -49.35 -5.68 15.71
CA LEU I 116 -49.82 -4.30 15.86
C LEU I 116 -49.08 -3.45 16.88
N ILE I 117 -48.35 -4.10 17.78
CA ILE I 117 -47.63 -3.34 18.79
C ILE I 117 -46.40 -4.08 19.32
N GLU I 118 -45.38 -3.32 19.66
CA GLU I 118 -44.15 -3.89 20.19
C GLU I 118 -43.70 -2.98 21.32
N ILE I 119 -43.45 -3.55 22.49
CA ILE I 119 -43.04 -2.75 23.62
C ILE I 119 -41.70 -3.19 24.18
N GLU I 120 -40.84 -2.21 24.45
CA GLU I 120 -39.54 -2.46 25.04
C GLU I 120 -39.52 -1.67 26.33
N ALA I 121 -38.95 -2.25 27.37
CA ALA I 121 -38.91 -1.57 28.65
C ALA I 121 -37.56 -1.67 29.31
N ILE I 122 -37.35 -0.76 30.26
CA ILE I 122 -36.12 -0.72 31.05
C ILE I 122 -36.62 -0.59 32.47
N ALA I 123 -35.84 -1.09 33.42
CA ALA I 123 -36.26 -1.01 34.81
C ALA I 123 -35.05 -0.93 35.72
N TYR I 124 -35.25 -0.30 36.86
CA TYR I 124 -34.20 -0.12 37.86
C TYR I 124 -34.64 -0.84 39.12
N LYS I 125 -33.67 -1.25 39.93
CA LYS I 125 -33.92 -1.95 41.18
C LYS I 125 -32.85 -1.49 42.15
N GLU I 126 -33.26 -0.76 43.18
CA GLU I 126 -32.34 -0.21 44.17
C GLU I 126 -31.61 -1.32 44.94
N MET J 1 -1.45 -31.11 -13.14
CA MET J 1 -0.83 -32.48 -13.07
C MET J 1 0.10 -32.59 -11.86
N LYS J 2 0.38 -33.83 -11.46
CA LYS J 2 1.24 -34.09 -10.29
C LYS J 2 2.58 -34.75 -10.66
N GLU J 3 3.62 -33.93 -10.85
CA GLU J 3 4.96 -34.44 -11.18
C GLU J 3 5.94 -34.43 -10.01
N VAL J 4 6.68 -35.53 -9.88
CA VAL J 4 7.68 -35.66 -8.84
C VAL J 4 9.05 -35.35 -9.46
N ILE J 5 9.68 -34.27 -8.99
CA ILE J 5 10.97 -33.83 -9.51
C ILE J 5 12.14 -34.54 -8.84
N PHE J 6 13.18 -34.85 -9.63
CA PHE J 6 14.38 -35.48 -9.09
C PHE J 6 15.63 -35.09 -9.85
N THR J 7 16.53 -34.40 -9.16
CA THR J 7 17.80 -33.95 -9.75
C THR J 7 18.96 -34.43 -8.91
N GLU J 8 20.06 -34.73 -9.58
CA GLU J 8 21.26 -35.19 -8.90
C GLU J 8 21.93 -34.04 -8.17
N ASN J 9 21.61 -32.81 -8.58
CA ASN J 9 22.19 -31.60 -7.99
C ASN J 9 21.70 -31.24 -6.59
N ALA J 10 21.00 -32.14 -5.92
CA ALA J 10 20.51 -31.90 -4.57
C ALA J 10 20.43 -33.26 -3.91
N PRO J 11 20.55 -33.30 -2.57
CA PRO J 11 20.50 -34.56 -1.80
C PRO J 11 19.47 -35.59 -2.26
N LYS J 12 19.94 -36.83 -2.33
CA LYS J 12 19.08 -37.95 -2.72
C LYS J 12 18.23 -38.25 -1.50
N PRO J 13 16.90 -38.30 -1.66
CA PRO J 13 16.04 -38.59 -0.52
C PRO J 13 16.17 -40.04 -0.06
N ILE J 14 16.06 -40.25 1.24
CA ILE J 14 16.12 -41.59 1.81
C ILE J 14 14.70 -41.99 2.20
N GLY J 15 14.18 -43.02 1.56
CA GLY J 15 12.84 -43.48 1.89
C GLY J 15 11.79 -43.17 0.83
N PRO J 16 10.50 -43.18 1.18
CA PRO J 16 9.39 -42.90 0.26
C PRO J 16 9.05 -41.43 0.16
N TYR J 17 10.04 -40.60 -0.14
CA TYR J 17 9.81 -39.18 -0.25
C TYR J 17 10.51 -38.61 -1.46
N SER J 18 10.03 -37.46 -1.91
CA SER J 18 10.62 -36.83 -3.08
C SER J 18 11.23 -35.48 -2.70
N GLN J 19 12.08 -34.98 -3.59
CA GLN J 19 12.75 -33.70 -3.38
C GLN J 19 11.72 -32.58 -3.58
N ALA J 20 10.83 -32.79 -4.54
CA ALA J 20 9.79 -31.82 -4.84
C ALA J 20 8.70 -32.43 -5.70
N ILE J 21 7.51 -31.84 -5.61
CA ILE J 21 6.36 -32.28 -6.36
C ILE J 21 5.70 -31.04 -6.95
N LYS J 22 5.51 -31.04 -8.26
CA LYS J 22 4.87 -29.92 -8.91
C LYS J 22 3.41 -30.29 -9.09
N ALA J 23 2.55 -29.56 -8.38
CA ALA J 23 1.11 -29.78 -8.45
C ALA J 23 0.52 -28.51 -9.06
N GLY J 24 0.09 -28.59 -10.31
CA GLY J 24 -0.44 -27.42 -10.96
C GLY J 24 0.68 -26.42 -11.15
N ASN J 25 0.44 -25.17 -10.76
CA ASN J 25 1.45 -24.13 -10.89
C ASN J 25 2.30 -24.01 -9.65
N PHE J 26 2.00 -24.82 -8.65
CA PHE J 26 2.71 -24.78 -7.38
C PHE J 26 3.82 -25.82 -7.29
N LEU J 27 4.92 -25.46 -6.66
CA LEU J 27 6.03 -26.38 -6.49
C LEU J 27 6.29 -26.54 -4.99
N PHE J 28 6.14 -27.76 -4.51
CA PHE J 28 6.36 -28.06 -3.11
C PHE J 28 7.71 -28.72 -2.89
N ILE J 29 8.68 -27.96 -2.40
CA ILE J 29 9.99 -28.51 -2.14
C ILE J 29 10.04 -29.12 -0.76
N ALA J 30 10.56 -30.33 -0.65
CA ALA J 30 10.66 -30.98 0.64
C ALA J 30 11.68 -30.26 1.51
N GLY J 31 11.66 -30.52 2.81
CA GLY J 31 12.60 -29.89 3.71
C GLY J 31 14.04 -30.25 3.33
N GLN J 32 14.87 -29.23 3.09
CA GLN J 32 16.26 -29.49 2.73
C GLN J 32 17.19 -29.31 3.93
N ILE J 33 18.14 -30.23 4.09
CA ILE J 33 19.10 -30.13 5.18
C ILE J 33 20.50 -29.88 4.61
N PRO J 34 21.40 -29.34 5.45
CA PRO J 34 22.78 -29.04 5.05
C PRO J 34 23.58 -30.24 4.58
N ILE J 35 23.28 -30.72 3.38
CA ILE J 35 23.98 -31.84 2.80
C ILE J 35 24.48 -31.43 1.43
N ASP J 36 25.74 -31.72 1.15
CA ASP J 36 26.32 -31.41 -0.16
C ASP J 36 26.06 -32.64 -1.02
N PRO J 37 25.38 -32.48 -2.17
CA PRO J 37 25.10 -33.64 -3.02
C PRO J 37 26.34 -34.42 -3.44
N LYS J 38 27.50 -33.79 -3.33
CA LYS J 38 28.76 -34.43 -3.70
C LYS J 38 29.57 -34.80 -2.45
N THR J 39 28.96 -35.56 -1.55
CA THR J 39 29.64 -35.99 -0.32
C THR J 39 28.68 -36.78 0.56
N GLY J 40 27.41 -36.41 0.51
CA GLY J 40 26.42 -37.07 1.33
C GLY J 40 26.76 -36.91 2.79
N GLU J 41 27.21 -35.71 3.16
CA GLU J 41 27.61 -35.41 4.54
C GLU J 41 27.19 -34.00 4.94
N ILE J 42 26.90 -33.79 6.22
CA ILE J 42 26.51 -32.48 6.70
C ILE J 42 27.73 -31.55 6.64
N VAL J 43 27.48 -30.26 6.45
CA VAL J 43 28.56 -29.29 6.34
C VAL J 43 28.96 -28.58 7.64
N LYS J 44 29.77 -29.25 8.45
CA LYS J 44 30.25 -28.69 9.71
C LYS J 44 29.12 -28.24 10.61
N GLY J 45 29.49 -27.57 11.70
CA GLY J 45 28.50 -27.08 12.65
C GLY J 45 28.37 -25.58 12.57
N ASP J 46 28.64 -25.02 11.39
CA ASP J 46 28.55 -23.58 11.18
C ASP J 46 27.21 -23.21 10.55
N ILE J 47 26.50 -22.25 11.16
CA ILE J 47 25.20 -21.84 10.67
C ILE J 47 25.26 -21.13 9.31
N LYS J 48 26.42 -20.57 8.98
CA LYS J 48 26.58 -19.90 7.69
C LYS J 48 26.86 -20.96 6.63
N ASP J 49 27.59 -22.00 7.02
CA ASP J 49 27.96 -23.10 6.13
C ASP J 49 26.78 -24.03 5.85
N GLN J 50 25.89 -24.14 6.83
CA GLN J 50 24.74 -24.99 6.67
C GLN J 50 23.68 -24.27 5.84
N THR J 51 23.38 -23.03 6.23
CA THR J 51 22.40 -22.20 5.54
C THR J 51 22.66 -22.11 4.05
N ARG J 52 23.94 -21.97 3.71
CA ARG J 52 24.35 -21.85 2.31
C ARG J 52 24.12 -23.16 1.56
N GLN J 53 24.47 -24.27 2.20
CA GLN J 53 24.29 -25.58 1.59
C GLN J 53 22.80 -25.82 1.37
N VAL J 54 22.01 -25.61 2.42
CA VAL J 54 20.57 -25.79 2.37
C VAL J 54 19.91 -24.98 1.24
N LEU J 55 20.30 -23.72 1.09
CA LEU J 55 19.71 -22.88 0.05
C LEU J 55 20.23 -23.31 -1.31
N GLU J 56 21.46 -23.83 -1.33
CA GLU J 56 22.05 -24.29 -2.57
C GLU J 56 21.22 -25.46 -3.11
N ASN J 57 20.88 -26.38 -2.22
CA ASN J 57 20.08 -27.54 -2.58
C ASN J 57 18.72 -27.10 -3.10
N ILE J 58 18.16 -26.06 -2.49
CA ILE J 58 16.86 -25.54 -2.92
C ILE J 58 16.93 -24.92 -4.31
N LYS J 59 18.02 -24.19 -4.59
CA LYS J 59 18.21 -23.56 -5.90
C LYS J 59 18.20 -24.63 -6.98
N ALA J 60 19.01 -25.68 -6.78
CA ALA J 60 19.10 -26.79 -7.74
C ALA J 60 17.76 -27.44 -8.02
N ILE J 61 17.02 -27.76 -6.96
CA ILE J 61 15.71 -28.37 -7.12
C ILE J 61 14.77 -27.48 -7.93
N LEU J 62 14.81 -26.18 -7.64
CA LEU J 62 13.96 -25.22 -8.34
C LEU J 62 14.26 -25.24 -9.84
N GLU J 63 15.56 -25.16 -10.17
CA GLU J 63 16.00 -25.19 -11.56
C GLU J 63 15.53 -26.46 -12.27
N ALA J 64 15.74 -27.61 -11.62
CA ALA J 64 15.34 -28.89 -12.18
C ALA J 64 13.85 -28.89 -12.43
N ALA J 65 13.11 -28.13 -11.61
CA ALA J 65 11.67 -28.05 -11.73
C ALA J 65 11.18 -27.00 -12.72
N GLY J 66 12.09 -26.16 -13.20
CA GLY J 66 11.73 -25.14 -14.17
C GLY J 66 11.38 -23.80 -13.56
N TYR J 67 11.66 -23.64 -12.27
CA TYR J 67 11.37 -22.39 -11.58
C TYR J 67 12.67 -21.62 -11.30
N SER J 68 12.52 -20.36 -10.93
CA SER J 68 13.65 -19.51 -10.60
C SER J 68 13.58 -19.17 -9.11
N LEU J 69 14.67 -18.60 -8.60
CA LEU J 69 14.71 -18.22 -7.20
C LEU J 69 13.63 -17.16 -6.90
N ASN J 70 13.28 -16.35 -7.92
CA ASN J 70 12.26 -15.33 -7.70
C ASN J 70 10.82 -15.80 -7.96
N ASP J 71 10.61 -17.11 -7.83
CA ASP J 71 9.28 -17.72 -8.01
C ASP J 71 8.81 -18.26 -6.65
N VAL J 72 9.72 -18.25 -5.68
CA VAL J 72 9.43 -18.71 -4.32
C VAL J 72 8.45 -17.76 -3.62
N ILE J 73 7.35 -18.32 -3.11
CA ILE J 73 6.31 -17.54 -2.45
C ILE J 73 6.27 -17.71 -0.92
N LYS J 74 6.70 -18.87 -0.43
CA LYS J 74 6.71 -19.14 1.00
C LYS J 74 7.90 -19.98 1.46
N VAL J 75 8.59 -19.50 2.49
CA VAL J 75 9.73 -20.23 3.03
C VAL J 75 9.54 -20.41 4.53
N THR J 76 9.89 -21.60 5.02
CA THR J 76 9.78 -21.86 6.45
C THR J 76 11.16 -22.30 6.94
N VAL J 77 11.70 -21.53 7.88
CA VAL J 77 13.01 -21.86 8.41
C VAL J 77 12.90 -22.53 9.76
N TYR J 78 13.54 -23.70 9.88
CA TYR J 78 13.57 -24.45 11.13
C TYR J 78 14.98 -24.34 11.69
N LEU J 79 15.12 -23.67 12.83
CA LEU J 79 16.42 -23.48 13.46
C LEU J 79 16.59 -24.26 14.76
N LYS J 80 17.75 -24.89 14.90
CA LYS J 80 18.06 -25.63 16.12
C LYS J 80 18.21 -24.63 17.27
N ASN J 83 18.58 -19.89 17.64
CA ASN J 83 18.34 -18.46 18.01
C ASN J 83 19.30 -17.57 17.25
N ASP J 84 20.32 -18.20 16.64
CA ASP J 84 21.33 -17.47 15.87
C ASP J 84 20.76 -17.01 14.52
N PHE J 85 19.55 -16.45 14.55
CA PHE J 85 18.89 -15.96 13.35
C PHE J 85 19.55 -14.68 12.83
N ALA J 86 20.85 -14.57 13.06
CA ALA J 86 21.61 -13.41 12.62
C ALA J 86 22.54 -13.78 11.46
N LYS J 87 23.45 -14.73 11.72
CA LYS J 87 24.39 -15.18 10.70
C LYS J 87 23.69 -16.07 9.68
N MET J 88 22.46 -16.47 10.01
CA MET J 88 21.65 -17.31 9.15
C MET J 88 20.93 -16.42 8.15
N ASN J 89 20.54 -15.24 8.61
CA ASN J 89 19.83 -14.27 7.78
C ASN J 89 20.76 -13.60 6.76
N GLU J 90 22.06 -13.57 7.07
CA GLU J 90 23.04 -12.96 6.18
C GLU J 90 23.15 -13.72 4.85
N VAL J 91 23.23 -15.04 4.95
CA VAL J 91 23.32 -15.88 3.76
C VAL J 91 21.94 -15.94 3.12
N TYR J 92 20.92 -15.73 3.94
CA TYR J 92 19.53 -15.78 3.48
C TYR J 92 19.21 -14.65 2.49
N ALA J 93 19.95 -13.56 2.58
CA ALA J 93 19.74 -12.42 1.69
C ALA J 93 20.32 -12.72 0.32
N GLU J 94 21.44 -13.42 0.31
CA GLU J 94 22.14 -13.79 -0.92
C GLU J 94 21.29 -14.68 -1.85
N TYR J 95 20.12 -15.11 -1.39
CA TYR J 95 19.27 -15.97 -2.22
C TYR J 95 17.85 -15.43 -2.36
N PHE J 96 17.31 -14.96 -1.24
CA PHE J 96 15.94 -14.45 -1.25
C PHE J 96 15.86 -12.93 -1.09
N GLY J 97 17.02 -12.28 -1.02
CA GLY J 97 17.03 -10.83 -0.89
C GLY J 97 16.77 -10.16 -2.24
N GLU J 98 15.63 -10.46 -2.83
CA GLU J 98 15.27 -9.89 -4.13
C GLU J 98 13.83 -10.28 -4.48
N SER J 99 13.42 -11.48 -4.09
CA SER J 99 12.05 -11.95 -4.34
C SER J 99 11.18 -11.73 -3.11
N LYS J 100 11.83 -11.70 -1.95
CA LYS J 100 11.18 -11.51 -0.65
C LYS J 100 9.84 -12.24 -0.50
N PRO J 101 9.90 -13.55 -0.21
CA PRO J 101 8.69 -14.37 -0.02
C PRO J 101 8.16 -14.35 1.42
N ALA J 102 6.95 -14.87 1.62
CA ALA J 102 6.39 -14.93 2.97
C ALA J 102 7.28 -15.89 3.77
N ARG J 103 7.68 -15.47 4.96
CA ARG J 103 8.58 -16.29 5.77
C ARG J 103 8.02 -16.66 7.15
N VAL J 104 8.39 -17.85 7.59
CA VAL J 104 8.00 -18.36 8.90
C VAL J 104 9.28 -18.98 9.45
N ALA J 105 9.74 -18.49 10.60
CA ALA J 105 10.96 -19.01 11.21
C ALA J 105 10.76 -19.29 12.69
N VAL J 106 11.15 -20.48 13.13
CA VAL J 106 11.00 -20.86 14.53
C VAL J 106 12.12 -21.81 14.95
N GLU J 107 12.34 -21.92 16.27
CA GLU J 107 13.39 -22.80 16.79
C GLU J 107 12.79 -24.10 17.28
N VAL J 108 13.52 -25.21 17.08
CA VAL J 108 13.05 -26.53 17.50
C VAL J 108 14.13 -27.28 18.31
N SER J 109 13.70 -28.38 18.94
CA SER J 109 14.59 -29.20 19.77
C SER J 109 15.73 -29.85 19.01
N ARG J 110 15.42 -30.41 17.85
CA ARG J 110 16.43 -31.11 17.05
C ARG J 110 15.92 -31.30 15.62
N LEU J 111 16.85 -31.49 14.69
CA LEU J 111 16.50 -31.67 13.28
C LEU J 111 17.08 -32.98 12.75
N PRO J 112 16.66 -33.40 11.55
CA PRO J 112 17.19 -34.66 10.98
C PRO J 112 18.72 -34.63 10.91
N LYS J 113 19.35 -35.78 11.11
CA LYS J 113 20.81 -35.88 11.07
C LYS J 113 21.46 -34.80 11.93
N ASP J 114 20.81 -34.49 13.06
CA ASP J 114 21.30 -33.47 13.99
C ASP J 114 22.01 -32.28 13.33
N VAL J 115 21.31 -31.62 12.42
CA VAL J 115 21.84 -30.46 11.72
C VAL J 115 21.36 -29.18 12.40
N LEU J 116 21.88 -28.04 11.97
CA LEU J 116 21.50 -26.78 12.59
C LEU J 116 20.32 -26.07 11.97
N ILE J 117 20.01 -26.41 10.71
CA ILE J 117 18.92 -25.73 10.03
C ILE J 117 18.28 -26.58 8.91
N GLU J 118 16.96 -26.47 8.81
CA GLU J 118 16.19 -27.18 7.79
C GLU J 118 15.27 -26.15 7.14
N ILE J 119 15.11 -26.22 5.83
CA ILE J 119 14.26 -25.25 5.15
C ILE J 119 13.33 -25.89 4.13
N GLU J 120 12.05 -25.54 4.20
CA GLU J 120 11.06 -26.03 3.25
C GLU J 120 10.59 -24.81 2.47
N ALA J 121 10.24 -24.99 1.21
CA ALA J 121 9.78 -23.87 0.42
C ALA J 121 8.66 -24.27 -0.53
N ILE J 122 7.90 -23.27 -0.96
CA ILE J 122 6.82 -23.47 -1.90
C ILE J 122 7.01 -22.43 -2.99
N ALA J 123 6.87 -22.83 -4.23
CA ALA J 123 7.02 -21.91 -5.35
C ALA J 123 5.79 -21.92 -6.24
N TYR J 124 5.64 -20.86 -7.03
CA TYR J 124 4.50 -20.71 -7.91
C TYR J 124 4.90 -19.96 -9.18
N LYS J 125 4.40 -20.43 -10.32
CA LYS J 125 4.71 -19.79 -11.60
C LYS J 125 3.42 -19.65 -12.42
N GLU J 126 3.12 -18.44 -12.87
CA GLU J 126 1.90 -18.24 -13.65
C GLU J 126 2.02 -19.01 -14.95
N LYS K 2 1.61 -13.72 -9.57
CA LYS K 2 2.03 -13.38 -8.19
C LYS K 2 1.55 -11.98 -7.82
N GLU K 3 1.53 -11.67 -6.52
CA GLU K 3 1.12 -10.35 -6.04
C GLU K 3 1.49 -10.19 -4.57
N VAL K 4 2.56 -9.45 -4.31
CA VAL K 4 3.01 -9.23 -2.93
C VAL K 4 2.15 -8.16 -2.21
N ILE K 5 1.61 -8.55 -1.04
CA ILE K 5 0.75 -7.70 -0.23
C ILE K 5 1.47 -6.86 0.83
N PHE K 6 0.97 -5.65 1.05
CA PHE K 6 1.52 -4.74 2.07
C PHE K 6 0.47 -3.80 2.66
N THR K 7 0.55 -3.60 3.98
CA THR K 7 -0.37 -2.74 4.70
C THR K 7 0.30 -2.18 5.95
N GLU K 8 0.01 -0.92 6.25
CA GLU K 8 0.55 -0.26 7.43
C GLU K 8 -0.12 -0.89 8.64
N ASN K 9 -1.34 -1.38 8.41
CA ASN K 9 -2.15 -2.00 9.44
C ASN K 9 -1.47 -3.20 10.10
N ALA K 10 -0.41 -3.69 9.47
CA ALA K 10 0.33 -4.84 9.99
C ALA K 10 1.82 -4.56 10.16
N PRO K 11 2.49 -5.32 11.03
CA PRO K 11 3.92 -5.15 11.29
C PRO K 11 4.78 -5.04 10.04
N LYS K 12 5.60 -4.00 9.98
CA LYS K 12 6.50 -3.80 8.84
C LYS K 12 7.58 -4.86 8.86
N PRO K 13 7.67 -5.66 7.79
CA PRO K 13 8.70 -6.71 7.73
C PRO K 13 10.12 -6.16 7.78
N ILE K 14 10.97 -6.77 8.60
CA ILE K 14 12.37 -6.33 8.73
C ILE K 14 13.30 -7.36 8.10
N GLY K 15 13.61 -7.15 6.82
CA GLY K 15 14.49 -8.07 6.12
C GLY K 15 14.01 -8.41 4.73
N PRO K 16 14.52 -9.51 4.14
CA PRO K 16 14.14 -9.95 2.79
C PRO K 16 12.86 -10.77 2.70
N TYR K 17 11.79 -10.33 3.36
CA TYR K 17 10.54 -11.06 3.27
C TYR K 17 9.34 -10.12 3.24
N SER K 18 8.18 -10.63 2.82
CA SER K 18 6.95 -9.84 2.74
C SER K 18 5.88 -10.34 3.70
N GLN K 19 4.95 -9.46 4.09
CA GLN K 19 3.88 -9.81 5.01
C GLN K 19 2.97 -10.90 4.44
N ALA K 20 2.81 -10.92 3.13
CA ALA K 20 1.97 -11.92 2.48
C ALA K 20 2.11 -11.84 0.97
N ILE K 21 1.99 -13.00 0.32
CA ILE K 21 2.05 -13.05 -1.12
C ILE K 21 0.79 -13.76 -1.60
N LYS K 22 0.19 -13.20 -2.64
CA LYS K 22 -1.01 -13.78 -3.23
C LYS K 22 -0.56 -14.44 -4.53
N ALA K 23 -0.92 -15.70 -4.70
CA ALA K 23 -0.54 -16.47 -5.89
C ALA K 23 -1.76 -17.27 -6.32
N GLY K 24 -2.41 -16.80 -7.39
CA GLY K 24 -3.60 -17.47 -7.85
C GLY K 24 -4.66 -17.13 -6.81
N ASN K 25 -5.64 -17.99 -6.61
CA ASN K 25 -6.67 -17.73 -5.62
C ASN K 25 -6.13 -17.97 -4.21
N PHE K 26 -4.81 -18.12 -4.09
CA PHE K 26 -4.18 -18.39 -2.79
C PHE K 26 -3.39 -17.26 -2.18
N LEU K 27 -3.53 -17.11 -0.88
CA LEU K 27 -2.83 -16.08 -0.13
C LEU K 27 -2.00 -16.72 0.99
N PHE K 28 -0.69 -16.52 0.94
CA PHE K 28 0.21 -17.06 1.96
C PHE K 28 0.71 -15.93 2.86
N ILE K 29 0.31 -15.99 4.12
CA ILE K 29 0.71 -14.97 5.07
C ILE K 29 1.92 -15.45 5.86
N ALA K 30 2.88 -14.56 6.05
CA ALA K 30 4.08 -14.87 6.80
C ALA K 30 3.77 -15.12 8.27
N GLY K 31 4.71 -15.69 9.00
CA GLY K 31 4.49 -15.92 10.41
C GLY K 31 4.30 -14.57 11.07
N GLN K 32 3.18 -14.39 11.76
CA GLN K 32 2.90 -13.14 12.44
C GLN K 32 3.12 -13.26 13.95
N ILE K 33 3.81 -12.28 14.53
CA ILE K 33 4.08 -12.24 15.96
C ILE K 33 3.39 -11.00 16.57
N PRO K 34 3.07 -11.05 17.88
CA PRO K 34 2.39 -9.94 18.56
C PRO K 34 3.09 -8.57 18.56
N ILE K 35 2.99 -7.86 17.43
CA ILE K 35 3.58 -6.53 17.31
C ILE K 35 2.53 -5.52 16.89
N ASP K 36 2.45 -4.43 17.67
CA ASP K 36 1.51 -3.35 17.41
C ASP K 36 2.08 -2.48 16.31
N PRO K 37 1.50 -2.53 15.11
CA PRO K 37 1.98 -1.74 13.97
C PRO K 37 1.93 -0.24 14.25
N LYS K 38 1.25 0.15 15.31
CA LYS K 38 1.16 1.55 15.67
C LYS K 38 2.47 1.99 16.33
N THR K 39 2.99 1.13 17.20
CA THR K 39 4.23 1.44 17.91
C THR K 39 5.49 0.80 17.34
N GLY K 40 5.32 -0.30 16.61
CA GLY K 40 6.47 -0.97 16.03
C GLY K 40 7.21 -1.79 17.07
N GLU K 41 6.65 -1.83 18.27
CA GLU K 41 7.23 -2.58 19.38
C GLU K 41 6.29 -3.71 19.79
N ILE K 42 6.85 -4.78 20.33
CA ILE K 42 6.06 -5.92 20.76
C ILE K 42 5.10 -5.50 21.88
N VAL K 43 3.98 -6.21 21.99
CA VAL K 43 3.01 -5.92 23.04
C VAL K 43 3.16 -6.96 24.15
N LYS K 44 4.38 -7.06 24.69
CA LYS K 44 4.72 -8.00 25.75
C LYS K 44 3.63 -8.14 26.80
N GLY K 45 3.39 -9.36 27.25
CA GLY K 45 2.37 -9.59 28.26
C GLY K 45 1.94 -11.04 28.41
N ASP K 46 0.64 -11.25 28.49
CA ASP K 46 0.08 -12.59 28.65
C ASP K 46 -0.20 -13.23 27.28
N ILE K 47 -0.48 -14.53 27.29
CA ILE K 47 -0.75 -15.24 26.05
C ILE K 47 -1.98 -14.68 25.34
N LYS K 48 -3.06 -14.45 26.08
CA LYS K 48 -4.29 -13.93 25.51
C LYS K 48 -4.16 -12.58 24.82
N ASP K 49 -3.27 -11.73 25.34
CA ASP K 49 -3.08 -10.40 24.76
C ASP K 49 -2.26 -10.49 23.47
N GLN K 50 -1.22 -11.31 23.49
CA GLN K 50 -0.36 -11.46 22.32
C GLN K 50 -1.11 -12.13 21.17
N THR K 51 -1.80 -13.22 21.47
CA THR K 51 -2.57 -13.96 20.48
C THR K 51 -3.61 -13.02 19.87
N ARG K 52 -4.07 -12.06 20.66
CA ARG K 52 -5.05 -11.10 20.20
C ARG K 52 -4.46 -10.13 19.20
N GLN K 53 -3.17 -9.84 19.33
CA GLN K 53 -2.49 -8.92 18.42
C GLN K 53 -2.11 -9.59 17.09
N VAL K 54 -1.65 -10.83 17.18
CA VAL K 54 -1.27 -11.61 16.02
C VAL K 54 -2.49 -11.78 15.11
N LEU K 55 -3.63 -12.09 15.72
CA LEU K 55 -4.88 -12.28 14.99
C LEU K 55 -5.42 -11.01 14.34
N GLU K 56 -5.29 -9.87 15.01
CA GLU K 56 -5.76 -8.60 14.44
C GLU K 56 -4.86 -8.28 13.26
N ASN K 57 -3.57 -8.55 13.44
CA ASN K 57 -2.57 -8.32 12.40
C ASN K 57 -2.88 -9.17 11.17
N ILE K 58 -3.13 -10.46 11.39
CA ILE K 58 -3.46 -11.32 10.27
C ILE K 58 -4.78 -10.85 9.67
N LYS K 59 -5.66 -10.35 10.52
CA LYS K 59 -6.96 -9.86 10.07
C LYS K 59 -6.73 -8.72 9.10
N ALA K 60 -5.82 -7.82 9.46
CA ALA K 60 -5.49 -6.68 8.62
C ALA K 60 -5.01 -7.16 7.26
N ILE K 61 -3.91 -7.90 7.26
CA ILE K 61 -3.31 -8.45 6.04
C ILE K 61 -4.38 -9.10 5.15
N LEU K 62 -5.30 -9.85 5.75
CA LEU K 62 -6.35 -10.49 4.96
C LEU K 62 -7.21 -9.42 4.28
N GLU K 63 -7.61 -8.43 5.06
CA GLU K 63 -8.43 -7.34 4.55
C GLU K 63 -7.74 -6.62 3.38
N ALA K 64 -6.50 -6.20 3.60
CA ALA K 64 -5.73 -5.50 2.59
C ALA K 64 -5.46 -6.35 1.36
N ALA K 65 -6.31 -7.32 1.08
CA ALA K 65 -6.11 -8.16 -0.09
C ALA K 65 -7.43 -8.64 -0.67
N GLY K 66 -8.53 -8.17 -0.10
CA GLY K 66 -9.84 -8.57 -0.58
C GLY K 66 -10.27 -9.90 -0.02
N TYR K 67 -9.58 -10.34 1.03
CA TYR K 67 -9.86 -11.61 1.69
C TYR K 67 -10.47 -11.38 3.06
N SER K 68 -11.31 -12.31 3.50
CA SER K 68 -11.96 -12.22 4.81
C SER K 68 -11.54 -13.39 5.70
N LEU K 69 -11.95 -13.34 6.97
CA LEU K 69 -11.61 -14.39 7.92
C LEU K 69 -12.16 -15.76 7.52
N ASN K 70 -13.28 -15.78 6.83
CA ASN K 70 -13.87 -17.05 6.42
C ASN K 70 -13.12 -17.65 5.23
N ASP K 71 -12.12 -16.92 4.72
CA ASP K 71 -11.31 -17.38 3.59
C ASP K 71 -10.09 -18.20 4.02
N VAL K 72 -9.78 -18.16 5.30
CA VAL K 72 -8.67 -18.91 5.86
C VAL K 72 -9.01 -20.39 5.72
N ILE K 73 -8.12 -21.16 5.11
CA ILE K 73 -8.38 -22.59 4.97
C ILE K 73 -7.46 -23.39 5.86
N LYS K 74 -6.33 -22.78 6.24
CA LYS K 74 -5.35 -23.45 7.10
C LYS K 74 -4.59 -22.50 8.03
N VAL K 75 -4.37 -22.91 9.27
CA VAL K 75 -3.63 -22.08 10.22
C VAL K 75 -2.62 -22.92 10.99
N THR K 76 -1.45 -22.36 11.28
CA THR K 76 -0.46 -23.07 12.06
C THR K 76 -0.07 -22.19 13.24
N VAL K 77 -0.17 -22.75 14.44
CA VAL K 77 0.15 -22.05 15.66
C VAL K 77 1.43 -22.58 16.29
N TYR K 78 2.36 -21.67 16.58
CA TYR K 78 3.61 -22.05 17.25
C TYR K 78 3.61 -21.34 18.61
N LEU K 79 3.56 -22.14 19.68
CA LEU K 79 3.57 -21.61 21.04
C LEU K 79 4.86 -22.02 21.74
N LYS K 80 5.09 -21.42 22.91
CA LYS K 80 6.26 -21.73 23.72
C LYS K 80 5.80 -22.15 25.12
N ASP K 81 5.59 -23.44 25.31
CA ASP K 81 5.15 -23.99 26.59
C ASP K 81 3.86 -23.33 27.08
N ASP K 84 -1.06 -22.53 28.29
CA ASP K 84 -0.48 -23.18 27.10
C ASP K 84 -1.47 -23.18 25.94
N PHE K 85 -1.48 -24.25 25.16
CA PHE K 85 -2.38 -24.37 24.01
C PHE K 85 -3.84 -24.49 24.46
N ALA K 86 -4.16 -23.90 25.60
CA ALA K 86 -5.52 -23.93 26.15
C ALA K 86 -6.08 -22.52 26.29
N LYS K 87 -5.20 -21.53 26.36
CA LYS K 87 -5.61 -20.14 26.48
C LYS K 87 -5.65 -19.49 25.11
N MET K 88 -4.88 -20.04 24.17
CA MET K 88 -4.87 -19.51 22.80
C MET K 88 -6.30 -19.60 22.25
N ASN K 89 -7.03 -20.61 22.68
CA ASN K 89 -8.42 -20.78 22.26
C ASN K 89 -9.22 -19.66 22.93
N GLU K 90 -10.54 -19.66 22.76
CA GLU K 90 -11.37 -18.61 23.34
C GLU K 90 -11.12 -17.38 22.50
N VAL K 91 -9.87 -16.93 22.48
CA VAL K 91 -9.47 -15.77 21.68
C VAL K 91 -9.56 -16.23 20.23
N TYR K 92 -8.92 -17.37 19.99
CA TYR K 92 -8.89 -17.98 18.67
C TYR K 92 -10.32 -18.28 18.24
N ALA K 93 -11.06 -18.94 19.12
CA ALA K 93 -12.44 -19.30 18.84
C ALA K 93 -13.30 -18.16 18.31
N GLU K 94 -13.02 -16.93 18.74
CA GLU K 94 -13.82 -15.81 18.26
C GLU K 94 -13.38 -15.33 16.88
N TYR K 95 -12.14 -15.63 16.50
CA TYR K 95 -11.64 -15.24 15.19
C TYR K 95 -11.85 -16.30 14.12
N PHE K 96 -11.99 -17.56 14.55
CA PHE K 96 -12.16 -18.66 13.60
C PHE K 96 -13.32 -19.63 13.84
N GLY K 97 -14.06 -19.44 14.93
CA GLY K 97 -15.19 -20.31 15.20
C GLY K 97 -16.11 -20.25 14.00
N GLU K 98 -15.84 -19.29 13.11
CA GLU K 98 -16.61 -19.10 11.90
C GLU K 98 -16.29 -20.16 10.85
N SER K 99 -15.22 -19.92 10.09
CA SER K 99 -14.81 -20.84 9.04
C SER K 99 -14.13 -22.11 9.56
N LYS K 100 -13.74 -22.10 10.83
CA LYS K 100 -13.08 -23.23 11.46
C LYS K 100 -12.20 -24.01 10.49
N PRO K 101 -11.08 -23.40 10.08
CA PRO K 101 -10.09 -23.95 9.15
C PRO K 101 -9.21 -25.07 9.74
N ALA K 102 -8.49 -25.78 8.86
CA ALA K 102 -7.61 -26.84 9.32
C ALA K 102 -6.57 -26.17 10.21
N ARG K 103 -6.18 -26.84 11.28
CA ARG K 103 -5.22 -26.24 12.19
C ARG K 103 -4.08 -27.15 12.63
N VAL K 104 -2.95 -26.55 12.98
CA VAL K 104 -1.79 -27.30 13.47
C VAL K 104 -1.25 -26.48 14.63
N ALA K 105 -1.19 -27.09 15.81
CA ALA K 105 -0.69 -26.40 16.98
C ALA K 105 0.47 -27.16 17.63
N VAL K 106 1.67 -26.62 17.51
CA VAL K 106 2.84 -27.28 18.11
C VAL K 106 3.57 -26.36 19.08
N GLU K 107 4.24 -26.97 20.04
CA GLU K 107 5.00 -26.21 21.01
C GLU K 107 6.45 -26.23 20.55
N VAL K 108 6.99 -25.05 20.26
CA VAL K 108 8.36 -24.93 19.80
C VAL K 108 9.29 -24.40 20.91
N SER K 109 10.59 -24.67 20.75
CA SER K 109 11.61 -24.25 21.72
C SER K 109 11.72 -22.74 21.87
N ARG K 110 11.60 -22.01 20.76
CA ARG K 110 11.70 -20.57 20.80
C ARG K 110 11.15 -19.91 19.53
N LEU K 111 10.65 -18.69 19.67
CA LEU K 111 10.09 -17.95 18.54
C LEU K 111 10.84 -16.63 18.37
N PRO K 112 10.70 -15.99 17.21
CA PRO K 112 11.39 -14.71 16.98
C PRO K 112 11.19 -13.72 18.12
N LYS K 113 12.30 -13.20 18.64
CA LYS K 113 12.28 -12.24 19.73
C LYS K 113 11.64 -12.80 21.00
N ASP K 114 11.85 -14.10 21.23
CA ASP K 114 11.30 -14.77 22.40
C ASP K 114 9.82 -14.54 22.60
N VAL K 115 9.12 -14.30 21.49
CA VAL K 115 7.69 -14.08 21.53
C VAL K 115 7.00 -15.34 22.05
N LEU K 116 5.77 -15.19 22.54
CA LEU K 116 5.00 -16.29 23.07
C LEU K 116 4.28 -17.10 21.99
N ILE K 117 3.83 -16.41 20.94
CA ILE K 117 3.08 -17.08 19.89
C ILE K 117 3.26 -16.46 18.50
N GLU K 118 3.39 -17.34 17.52
CA GLU K 118 3.53 -16.91 16.13
C GLU K 118 2.49 -17.69 15.37
N ILE K 119 1.76 -17.03 14.48
CA ILE K 119 0.73 -17.72 13.72
C ILE K 119 0.91 -17.54 12.24
N GLU K 120 0.78 -18.65 11.51
CA GLU K 120 0.91 -18.67 10.06
C GLU K 120 -0.47 -18.97 9.48
N ALA K 121 -0.77 -18.45 8.30
CA ALA K 121 -2.09 -18.72 7.71
C ALA K 121 -2.13 -18.69 6.19
N ILE K 122 -3.00 -19.53 5.64
CA ILE K 122 -3.23 -19.62 4.20
C ILE K 122 -4.73 -19.39 3.98
N ALA K 123 -5.07 -18.56 3.00
CA ALA K 123 -6.47 -18.30 2.71
C ALA K 123 -6.77 -18.55 1.23
N TYR K 124 -8.03 -18.77 0.93
CA TYR K 124 -8.47 -19.04 -0.42
C TYR K 124 -9.79 -18.34 -0.72
N LYS K 125 -9.82 -17.67 -1.87
CA LYS K 125 -11.01 -16.96 -2.34
C LYS K 125 -11.03 -17.16 -3.84
N GLU K 126 -12.02 -17.91 -4.32
CA GLU K 126 -12.14 -18.16 -5.76
C GLU K 126 -12.90 -17.03 -6.44
N MET L 1 -13.69 -24.24 -4.55
CA MET L 1 -14.94 -24.51 -3.77
C MET L 1 -14.56 -24.93 -2.34
N LYS L 2 -14.17 -23.96 -1.52
CA LYS L 2 -13.78 -24.20 -0.13
C LYS L 2 -14.82 -25.04 0.59
N GLU L 3 -14.54 -26.32 0.81
CA GLU L 3 -15.49 -27.20 1.48
C GLU L 3 -14.93 -27.88 2.73
N VAL L 4 -15.78 -28.03 3.75
CA VAL L 4 -15.37 -28.64 5.01
C VAL L 4 -15.54 -30.17 4.99
N ILE L 5 -14.44 -30.87 5.17
CA ILE L 5 -14.46 -32.32 5.18
C ILE L 5 -14.61 -32.84 6.61
N PHE L 6 -15.61 -33.69 6.81
CA PHE L 6 -15.83 -34.29 8.11
C PHE L 6 -16.22 -35.75 7.98
N THR L 7 -15.62 -36.58 8.82
CA THR L 7 -15.90 -38.01 8.81
C THR L 7 -15.75 -38.50 10.24
N GLU L 8 -16.32 -39.66 10.54
CA GLU L 8 -16.20 -40.18 11.90
C GLU L 8 -15.13 -41.25 11.99
N ASN L 9 -14.48 -41.49 10.87
CA ASN L 9 -13.42 -42.47 10.81
C ASN L 9 -12.13 -41.81 11.25
N ALA L 10 -12.21 -40.51 11.54
CA ALA L 10 -11.06 -39.74 12.00
C ALA L 10 -11.42 -39.06 13.32
N PRO L 11 -10.41 -38.70 14.12
CA PRO L 11 -10.69 -38.04 15.40
C PRO L 11 -11.52 -36.77 15.20
N LYS L 12 -12.59 -36.64 15.98
CA LYS L 12 -13.45 -35.47 15.86
C LYS L 12 -12.81 -34.26 16.52
N PRO L 13 -12.74 -33.13 15.80
CA PRO L 13 -12.13 -31.92 16.34
C PRO L 13 -12.90 -31.33 17.53
N ILE L 14 -12.24 -31.23 18.67
CA ILE L 14 -12.88 -30.67 19.86
C ILE L 14 -12.41 -29.23 20.02
N GLY L 15 -12.52 -28.46 18.94
CA GLY L 15 -12.13 -27.07 18.96
C GLY L 15 -12.75 -26.37 17.76
N PRO L 16 -12.50 -25.06 17.59
CA PRO L 16 -13.08 -24.32 16.46
C PRO L 16 -12.35 -24.58 15.13
N TYR L 17 -11.90 -25.82 14.92
CA TYR L 17 -11.20 -26.17 13.68
C TYR L 17 -11.86 -27.38 13.00
N SER L 18 -11.39 -27.71 11.80
CA SER L 18 -11.94 -28.83 11.04
C SER L 18 -10.86 -29.84 10.69
N GLN L 19 -11.25 -31.09 10.52
CA GLN L 19 -10.29 -32.15 10.17
C GLN L 19 -9.56 -31.78 8.88
N ALA L 20 -10.26 -31.12 7.97
CA ALA L 20 -9.64 -30.73 6.70
C ALA L 20 -10.56 -29.88 5.86
N ILE L 21 -9.97 -29.08 5.00
CA ILE L 21 -10.70 -28.21 4.12
C ILE L 21 -10.18 -28.33 2.68
N LYS L 22 -11.11 -28.47 1.75
CA LYS L 22 -10.79 -28.58 0.34
C LYS L 22 -10.94 -27.21 -0.26
N ALA L 23 -9.85 -26.69 -0.83
CA ALA L 23 -9.88 -25.35 -1.44
C ALA L 23 -9.41 -25.46 -2.87
N GLY L 24 -10.35 -25.61 -3.80
CA GLY L 24 -9.97 -25.78 -5.18
C GLY L 24 -9.67 -27.26 -5.33
N ASN L 25 -8.54 -27.59 -5.94
CA ASN L 25 -8.15 -28.98 -6.12
C ASN L 25 -7.30 -29.48 -4.97
N PHE L 26 -6.96 -28.58 -4.05
CA PHE L 26 -6.13 -28.92 -2.91
C PHE L 26 -6.93 -29.33 -1.68
N LEU L 27 -6.33 -30.21 -0.89
CA LEU L 27 -6.96 -30.67 0.33
C LEU L 27 -5.98 -30.38 1.46
N PHE L 28 -6.42 -29.59 2.44
CA PHE L 28 -5.58 -29.24 3.57
C PHE L 28 -6.06 -30.00 4.81
N ILE L 29 -5.24 -30.94 5.24
CA ILE L 29 -5.59 -31.75 6.39
C ILE L 29 -4.96 -31.22 7.66
N ALA L 30 -5.76 -31.20 8.73
CA ALA L 30 -5.31 -30.72 10.03
C ALA L 30 -4.37 -31.72 10.68
N GLY L 31 -3.47 -31.22 11.52
CA GLY L 31 -2.53 -32.07 12.21
C GLY L 31 -3.26 -33.21 12.89
N GLN L 32 -2.83 -34.43 12.59
CA GLN L 32 -3.43 -35.62 13.16
C GLN L 32 -2.54 -36.25 14.21
N ILE L 33 -3.15 -36.66 15.33
CA ILE L 33 -2.43 -37.31 16.41
C ILE L 33 -3.04 -38.69 16.63
N PRO L 34 -2.30 -39.61 17.27
CA PRO L 34 -2.69 -40.99 17.58
C PRO L 34 -3.89 -41.21 18.51
N ILE L 35 -5.06 -40.81 18.04
CA ILE L 35 -6.29 -40.96 18.80
C ILE L 35 -7.21 -41.86 17.98
N ASP L 36 -7.79 -42.85 18.64
CA ASP L 36 -8.70 -43.78 17.97
C ASP L 36 -10.12 -43.24 18.03
N PRO L 37 -10.70 -42.90 16.87
CA PRO L 37 -12.07 -42.36 16.77
C PRO L 37 -13.17 -43.21 17.40
N LYS L 38 -13.03 -44.52 17.34
CA LYS L 38 -14.04 -45.41 17.90
C LYS L 38 -14.05 -45.40 19.43
N THR L 39 -12.97 -44.90 20.04
CA THR L 39 -12.87 -44.85 21.50
C THR L 39 -12.61 -43.43 22.03
N GLY L 40 -11.96 -42.60 21.21
CA GLY L 40 -11.67 -41.24 21.63
C GLY L 40 -10.40 -41.18 22.45
N GLU L 41 -9.86 -42.34 22.80
CA GLU L 41 -8.65 -42.42 23.60
C GLU L 41 -7.39 -42.48 22.72
N ILE L 42 -6.25 -42.16 23.32
CA ILE L 42 -4.98 -42.20 22.61
C ILE L 42 -4.44 -43.63 22.65
N VAL L 43 -3.94 -44.10 21.51
CA VAL L 43 -3.39 -45.45 21.42
C VAL L 43 -2.23 -45.63 22.40
N LYS L 44 -1.75 -46.86 22.54
CA LYS L 44 -0.65 -47.18 23.44
C LYS L 44 0.51 -46.19 23.33
N GLY L 45 1.28 -46.07 24.40
CA GLY L 45 2.41 -45.15 24.40
C GLY L 45 3.61 -45.66 23.62
N ASP L 46 3.37 -46.19 22.42
CA ASP L 46 4.45 -46.70 21.59
C ASP L 46 4.45 -46.10 20.18
N ILE L 47 5.57 -45.48 19.82
CA ILE L 47 5.75 -44.84 18.52
C ILE L 47 5.22 -45.62 17.30
N LYS L 48 5.52 -46.91 17.24
CA LYS L 48 5.08 -47.73 16.11
C LYS L 48 3.55 -47.79 15.98
N ASP L 49 2.87 -47.82 17.11
CA ASP L 49 1.40 -47.88 17.13
C ASP L 49 0.78 -46.51 16.82
N GLN L 50 1.34 -45.47 17.41
CA GLN L 50 0.84 -44.11 17.20
C GLN L 50 0.94 -43.71 15.74
N THR L 51 2.12 -43.87 15.16
CA THR L 51 2.34 -43.52 13.77
C THR L 51 1.30 -44.20 12.90
N ARG L 52 1.08 -45.49 13.13
CA ARG L 52 0.09 -46.25 12.38
C ARG L 52 -1.30 -45.64 12.52
N GLN L 53 -1.64 -45.24 13.75
CA GLN L 53 -2.94 -44.63 14.01
C GLN L 53 -3.04 -43.31 13.29
N VAL L 54 -1.96 -42.53 13.33
CA VAL L 54 -1.92 -41.23 12.67
C VAL L 54 -2.13 -41.34 11.16
N LEU L 55 -1.46 -42.30 10.54
CA LEU L 55 -1.60 -42.49 9.11
C LEU L 55 -3.02 -42.97 8.80
N GLU L 56 -3.58 -43.75 9.71
CA GLU L 56 -4.94 -44.25 9.54
C GLU L 56 -5.93 -43.08 9.54
N ASN L 57 -5.73 -42.15 10.47
CA ASN L 57 -6.61 -40.99 10.57
C ASN L 57 -6.49 -40.13 9.33
N ILE L 58 -5.26 -39.94 8.86
CA ILE L 58 -5.09 -39.17 7.65
C ILE L 58 -5.73 -39.91 6.47
N LYS L 59 -5.65 -41.24 6.52
CA LYS L 59 -6.20 -42.09 5.47
C LYS L 59 -7.71 -41.95 5.41
N ALA L 60 -8.36 -41.98 6.57
CA ALA L 60 -9.81 -41.85 6.64
C ALA L 60 -10.29 -40.49 6.11
N ILE L 61 -9.53 -39.44 6.39
CA ILE L 61 -9.88 -38.09 5.94
C ILE L 61 -9.69 -37.96 4.43
N LEU L 62 -8.63 -38.57 3.92
CA LEU L 62 -8.35 -38.53 2.50
C LEU L 62 -9.54 -39.12 1.76
N GLU L 63 -9.93 -40.32 2.16
CA GLU L 63 -11.04 -41.03 1.55
C GLU L 63 -12.33 -40.24 1.59
N ALA L 64 -12.63 -39.66 2.74
CA ALA L 64 -13.85 -38.86 2.91
C ALA L 64 -13.99 -37.72 1.90
N ALA L 65 -12.89 -37.01 1.65
CA ALA L 65 -12.91 -35.90 0.70
C ALA L 65 -12.92 -36.39 -0.74
N GLY L 66 -12.76 -37.70 -0.91
CA GLY L 66 -12.74 -38.28 -2.23
C GLY L 66 -11.32 -38.41 -2.76
N TYR L 67 -10.35 -38.27 -1.87
CA TYR L 67 -8.95 -38.38 -2.25
C TYR L 67 -8.37 -39.75 -1.88
N SER L 68 -7.17 -40.04 -2.37
CA SER L 68 -6.49 -41.28 -2.06
C SER L 68 -5.08 -40.93 -1.58
N LEU L 69 -4.35 -41.91 -1.07
CA LEU L 69 -2.99 -41.66 -0.59
C LEU L 69 -2.00 -41.21 -1.67
N ASN L 70 -2.18 -41.65 -2.92
CA ASN L 70 -1.26 -41.28 -4.00
C ASN L 70 -1.48 -39.83 -4.45
N ASP L 71 -2.41 -39.16 -3.79
CA ASP L 71 -2.73 -37.76 -4.08
C ASP L 71 -2.07 -36.81 -3.10
N VAL L 72 -1.42 -37.37 -2.07
CA VAL L 72 -0.72 -36.58 -1.06
C VAL L 72 0.57 -36.03 -1.68
N ILE L 73 0.73 -34.71 -1.65
CA ILE L 73 1.93 -34.09 -2.21
C ILE L 73 2.96 -33.57 -1.19
N LYS L 74 2.53 -33.41 0.06
CA LYS L 74 3.44 -32.93 1.09
C LYS L 74 3.04 -33.31 2.52
N VAL L 75 3.95 -33.96 3.22
CA VAL L 75 3.75 -34.40 4.59
C VAL L 75 4.69 -33.66 5.55
N THR L 76 4.15 -33.16 6.66
CA THR L 76 4.97 -32.47 7.65
C THR L 76 4.88 -33.29 8.93
N VAL L 77 6.01 -33.87 9.34
CA VAL L 77 6.01 -34.71 10.53
C VAL L 77 6.63 -34.03 11.76
N TYR L 78 5.89 -34.05 12.86
CA TYR L 78 6.33 -33.45 14.10
C TYR L 78 6.58 -34.55 15.12
N LEU L 79 7.82 -34.70 15.55
CA LEU L 79 8.16 -35.76 16.52
C LEU L 79 8.58 -35.28 17.90
N LYS L 80 8.76 -36.25 18.79
CA LYS L 80 9.19 -35.99 20.17
C LYS L 80 10.72 -36.04 20.18
N ASP L 81 11.26 -37.20 20.52
CA ASP L 81 12.71 -37.40 20.58
C ASP L 81 13.04 -38.89 20.57
N ASN L 89 10.31 -44.65 9.85
CA ASN L 89 9.93 -46.07 10.11
C ASN L 89 9.37 -46.73 8.86
N GLU L 90 9.15 -48.04 8.94
CA GLU L 90 8.61 -48.80 7.82
C GLU L 90 7.14 -48.47 7.55
N VAL L 91 6.45 -48.03 8.60
CA VAL L 91 5.03 -47.68 8.51
C VAL L 91 4.76 -46.65 7.41
N TYR L 92 5.56 -45.59 7.39
CA TYR L 92 5.40 -44.53 6.40
C TYR L 92 5.45 -45.08 4.98
N ALA L 93 6.35 -46.01 4.74
CA ALA L 93 6.51 -46.61 3.40
C ALA L 93 5.28 -47.36 2.92
N GLU L 94 4.43 -47.78 3.86
CA GLU L 94 3.22 -48.52 3.53
C GLU L 94 2.12 -47.60 3.01
N TYR L 95 2.09 -46.38 3.53
CA TYR L 95 1.08 -45.42 3.11
C TYR L 95 1.57 -44.49 2.00
N PHE L 96 2.87 -44.21 1.99
CA PHE L 96 3.41 -43.31 0.99
C PHE L 96 4.34 -43.98 -0.03
N GLY L 97 4.19 -45.28 -0.20
CA GLY L 97 5.04 -46.00 -1.14
C GLY L 97 5.06 -45.41 -2.54
N GLU L 98 3.96 -45.52 -3.27
CA GLU L 98 3.89 -45.02 -4.63
C GLU L 98 3.55 -43.54 -4.71
N SER L 99 3.42 -42.89 -3.55
CA SER L 99 3.10 -41.46 -3.51
C SER L 99 4.37 -40.61 -3.44
N LYS L 100 5.26 -40.98 -2.52
CA LYS L 100 6.52 -40.28 -2.29
C LYS L 100 6.37 -38.77 -2.32
N PRO L 101 5.67 -38.20 -1.32
CA PRO L 101 5.45 -36.75 -1.27
C PRO L 101 6.65 -36.01 -0.70
N ALA L 102 6.57 -34.68 -0.79
CA ALA L 102 7.61 -33.82 -0.25
C ALA L 102 7.45 -34.00 1.24
N ARG L 103 8.57 -34.15 1.94
CA ARG L 103 8.54 -34.33 3.36
C ARG L 103 9.31 -33.27 4.13
N VAL L 104 8.84 -33.00 5.34
CA VAL L 104 9.46 -32.06 6.25
C VAL L 104 9.33 -32.72 7.61
N ALA L 105 10.42 -32.75 8.36
CA ALA L 105 10.43 -33.35 9.69
C ALA L 105 11.28 -32.62 10.72
N VAL L 106 10.74 -32.50 11.93
CA VAL L 106 11.40 -31.85 13.03
C VAL L 106 10.90 -32.49 14.33
N GLU L 107 11.70 -32.35 15.37
CA GLU L 107 11.33 -32.88 16.68
C GLU L 107 11.03 -31.66 17.53
N VAL L 108 10.00 -31.76 18.35
CA VAL L 108 9.63 -30.64 19.20
C VAL L 108 9.57 -31.05 20.65
N SER L 109 9.48 -30.07 21.54
CA SER L 109 9.43 -30.31 22.98
C SER L 109 8.25 -31.16 23.42
N ARG L 110 7.03 -30.72 23.09
CA ARG L 110 5.83 -31.46 23.44
C ARG L 110 4.76 -31.32 22.37
N LEU L 111 3.91 -32.32 22.28
CA LEU L 111 2.83 -32.31 21.30
C LEU L 111 1.50 -32.33 22.03
N PRO L 112 0.41 -31.95 21.34
CA PRO L 112 -0.91 -31.94 21.98
C PRO L 112 -1.16 -33.24 22.74
N LYS L 113 -1.39 -33.13 24.04
CA LYS L 113 -1.63 -34.26 24.92
C LYS L 113 -0.36 -35.09 25.10
N ASP L 114 0.78 -34.42 24.97
CA ASP L 114 2.09 -35.07 25.10
C ASP L 114 2.16 -36.41 24.35
N VAL L 115 1.76 -36.39 23.08
CA VAL L 115 1.79 -37.60 22.24
C VAL L 115 3.18 -37.75 21.64
N LEU L 116 3.45 -38.87 20.98
CA LEU L 116 4.76 -39.09 20.40
C LEU L 116 4.93 -38.54 19.00
N ILE L 117 3.84 -38.37 18.28
CA ILE L 117 3.92 -37.88 16.92
C ILE L 117 2.65 -37.21 16.40
N GLU L 118 2.85 -36.21 15.55
CA GLU L 118 1.74 -35.48 14.94
C GLU L 118 2.10 -35.30 13.47
N ILE L 119 1.15 -35.60 12.60
CA ILE L 119 1.40 -35.46 11.17
C ILE L 119 0.42 -34.53 10.47
N GLU L 120 0.99 -33.62 9.67
CA GLU L 120 0.24 -32.63 8.89
C GLU L 120 0.39 -33.00 7.40
N ALA L 121 -0.66 -32.78 6.59
CA ALA L 121 -0.55 -33.13 5.17
C ALA L 121 -1.38 -32.29 4.22
N ILE L 122 -0.87 -32.23 2.98
CA ILE L 122 -1.50 -31.52 1.87
C ILE L 122 -1.63 -32.51 0.70
N ALA L 123 -2.80 -32.52 0.07
CA ALA L 123 -3.09 -33.40 -1.06
C ALA L 123 -3.59 -32.62 -2.28
N TYR L 124 -3.45 -33.22 -3.46
CA TYR L 124 -3.86 -32.60 -4.70
C TYR L 124 -4.53 -33.64 -5.58
N LYS L 125 -5.73 -33.32 -6.05
CA LYS L 125 -6.47 -34.24 -6.90
C LYS L 125 -6.50 -33.67 -8.30
N GLU L 126 -6.22 -34.52 -9.28
CA GLU L 126 -6.19 -34.12 -10.68
C GLU L 126 -7.55 -33.65 -11.16
#